data_9BP7
#
_entry.id   9BP7
#
_cell.length_a   1.00
_cell.length_b   1.00
_cell.length_c   1.00
_cell.angle_alpha   90.00
_cell.angle_beta   90.00
_cell.angle_gamma   90.00
#
_symmetry.space_group_name_H-M   'P 1'
#
loop_
_entity.id
_entity.type
_entity.pdbx_description
1 polymer 'Glycine receptor subunit alpha-3'
2 polymer 'Glycine receptor subunit beta,Green fluorescent protein'
3 non-polymer 2-acetamido-2-deoxy-beta-D-glucopyranose
4 non-polymer GLYCINE
#
loop_
_entity_poly.entity_id
_entity_poly.type
_entity_poly.pdbx_seq_one_letter_code
_entity_poly.pdbx_strand_id
1 'polypeptide(L)'
;ARSRSAPMSPSDFLDKLMGRTSGYDARIRPNFKGPPVNVTCNIFINSFGSIAETTMDYRVNIFLRQKWNDPRLAYSEYPD
DSLDLDPSMLDSIWKPDLFFANEKGANFHEVTTDNKLLRIFKNGNVLYSIRLTLTLSCPMDLKNFPMDVQTCIMQLESFG
YTMNDLIFEWQDEAPVQVAEGLTLPQFLLKEEKDLRYCTKHYNTGKFTCIEVRFHLERQMGYYLIQMYIPSLLIVILSWV
SFWINMDAAPARVALGITTVLTMTTQSSGSRASLPKVSYVKAIDIWMAVCLLFVFSALLEYAAVNFVSRQHKELLRFRRK
RKNKTEAFDMDDEVREERFSFTAYGMGPCLQAKDGMTPKGPNHPVQVMPKSPDEMRKVFIDRAKKIDTISRACFPLAFLI
FNIFYWVIYKILRHEDIHQQQD
;
A,B,C,D
2 'polypeptide(L)'
;KSSKKGKGKKKQYLCPSQQSAEDLARVPANSTSNILNRLLVSYDPRIRPNFKGIPVDVVVNIFINSFGSIQETTMDYRVN
IFLRQKWNDPRLKLPSDFRGSDALTVDPTMYKCLWKPDLFFANEKSANFHDVTQENILLFIFRDGDVLVSMRLSITLSCP
LDLTLFPMDTQRCKMQLESFGYTTDDLRFIWQSGDPVQLEKIALPQFDIKKEDIEYGNCTKYYKGTGYYTCVEVIFTLRR
QVGFYMMGVYAPTLLIVVLSWLSFWINPDASAARVPLGIFSVLSLASECTTLAAELPKVSYVKALDVWLIACLLFGFASL
VEYAVVQVMLNGGSSAAAVSKGEELFTGVVPILVELDGDVNGHKFSVSGEGEGDATYGKLTLKFICTTGKLPVPWPTLVT
TFSYGVQCFSRYPDHMKQHDFFKSAMPEGYVQERTIFFKDDGNYKTRAEVKFEGDTLVNRIELKGIDFKEDGNILGHKLE
YNYNSHNVYIMADKQKNGIKVNFKIRHNIEDGSVQLADHYQQNTPIGDGPVLLPDNHYLSTQSALSKDPNEKRDHMVLLE
FVTAAGITHGMDELYKSGSGSGVGETRCKKVCTSKSDLRSNDFSIVGSLPRDFELSNYDCYGKPIEVNNGLGKSQAKNNK
KPPPAKPVIPTAAKRIDLYARALFPFCFLFFNVIYWSIYL
;
E
#
loop_
_chem_comp.id
_chem_comp.type
_chem_comp.name
_chem_comp.formula
NAG D-saccharide, beta linking 2-acetamido-2-deoxy-beta-D-glucopyranose 'C8 H15 N O6'
#
# COMPACT_ATOMS: atom_id res chain seq x y z
N SER A 9 9.89 54.46 -9.55
CA SER A 9 10.48 53.13 -9.48
C SER A 9 9.42 52.08 -9.18
N PRO A 10 9.47 50.94 -9.88
CA PRO A 10 8.46 49.89 -9.65
C PRO A 10 8.45 49.37 -8.22
N SER A 11 9.62 49.28 -7.56
CA SER A 11 9.64 48.85 -6.18
C SER A 11 8.90 49.85 -5.28
N ASP A 12 9.09 51.14 -5.53
CA ASP A 12 8.35 52.15 -4.79
C ASP A 12 6.85 52.04 -5.06
N PHE A 13 6.48 51.72 -6.31
CA PHE A 13 5.07 51.51 -6.61
C PHE A 13 4.49 50.34 -5.82
N LEU A 14 5.22 49.23 -5.75
CA LEU A 14 4.75 48.08 -4.97
C LEU A 14 4.65 48.43 -3.49
N ASP A 15 5.63 49.16 -2.97
CA ASP A 15 5.60 49.54 -1.56
C ASP A 15 4.42 50.46 -1.26
N LYS A 16 4.12 51.40 -2.16
CA LYS A 16 2.99 52.29 -1.96
C LYS A 16 1.66 51.55 -2.10
N LEU A 17 1.61 50.54 -2.97
CA LEU A 17 0.35 49.83 -3.20
C LEU A 17 0.01 48.93 -2.03
N MET A 18 0.90 48.00 -1.68
CA MET A 18 0.62 47.04 -0.62
C MET A 18 1.81 46.79 0.29
N GLY A 19 2.84 47.64 0.27
CA GLY A 19 4.05 47.43 1.02
C GLY A 19 4.00 48.01 2.42
N ARG A 20 5.20 48.28 2.95
CA ARG A 20 5.31 48.77 4.32
C ARG A 20 4.67 50.15 4.50
N THR A 21 4.90 51.05 3.54
CA THR A 21 4.35 52.40 3.62
C THR A 21 2.95 52.51 3.05
N SER A 22 2.40 51.43 2.52
CA SER A 22 1.08 51.48 1.90
C SER A 22 -0.02 51.81 2.91
N GLY A 23 0.05 51.20 4.09
CA GLY A 23 -1.05 51.25 5.03
C GLY A 23 -2.09 50.18 4.82
N TYR A 24 -1.96 49.37 3.78
CA TYR A 24 -2.87 48.27 3.52
C TYR A 24 -2.54 47.10 4.42
N ASP A 25 -3.57 46.49 5.00
CA ASP A 25 -3.42 45.30 5.84
C ASP A 25 -4.32 44.21 5.30
N ALA A 26 -3.76 43.01 5.14
CA ALA A 26 -4.50 41.87 4.60
C ALA A 26 -5.40 41.21 5.63
N ARG A 27 -5.66 41.87 6.75
CA ARG A 27 -6.45 41.31 7.82
C ARG A 27 -7.90 41.77 7.80
N ILE A 28 -8.27 42.62 6.85
CA ILE A 28 -9.62 43.17 6.76
C ILE A 28 -10.13 42.98 5.34
N ARG A 29 -11.30 42.37 5.20
CA ARG A 29 -11.88 42.17 3.89
C ARG A 29 -12.31 43.49 3.28
N PRO A 30 -12.38 43.58 1.95
CA PRO A 30 -12.88 44.80 1.31
C PRO A 30 -14.31 45.09 1.71
N ASN A 31 -14.62 46.39 1.81
CA ASN A 31 -15.94 46.87 2.20
C ASN A 31 -16.35 46.29 3.56
N PHE A 32 -15.56 46.62 4.57
CA PHE A 32 -15.80 46.09 5.92
C PHE A 32 -17.16 46.53 6.43
N LYS A 33 -17.87 45.58 7.05
CA LYS A 33 -19.25 45.72 7.52
C LYS A 33 -20.11 46.51 6.54
N GLY A 34 -19.98 46.18 5.25
CA GLY A 34 -20.81 46.76 4.22
C GLY A 34 -21.48 45.68 3.38
N PRO A 35 -21.61 45.93 2.08
CA PRO A 35 -22.16 44.90 1.21
C PRO A 35 -21.23 43.71 1.11
N PRO A 36 -21.77 42.51 0.94
CA PRO A 36 -20.90 41.32 0.85
C PRO A 36 -20.17 41.27 -0.48
N VAL A 37 -18.87 41.01 -0.42
CA VAL A 37 -18.06 40.92 -1.64
C VAL A 37 -18.39 39.61 -2.35
N ASN A 38 -18.70 39.71 -3.64
CA ASN A 38 -19.02 38.54 -4.45
C ASN A 38 -17.78 38.09 -5.20
N VAL A 39 -17.64 36.78 -5.38
CA VAL A 39 -16.49 36.19 -6.03
C VAL A 39 -16.98 35.28 -7.16
N THR A 40 -16.48 35.52 -8.37
CA THR A 40 -16.79 34.70 -9.53
C THR A 40 -15.63 33.74 -9.78
N CYS A 41 -15.90 32.45 -9.65
CA CYS A 41 -14.85 31.44 -9.73
C CYS A 41 -15.14 30.46 -10.85
N ASN A 42 -14.09 30.03 -11.53
CA ASN A 42 -14.18 29.01 -12.57
C ASN A 42 -12.94 28.13 -12.49
N ILE A 43 -13.08 26.89 -12.96
CA ILE A 43 -12.00 25.91 -12.87
C ILE A 43 -11.60 25.48 -14.28
N PHE A 44 -10.54 24.66 -14.34
CA PHE A 44 -10.01 24.17 -15.60
C PHE A 44 -9.43 22.79 -15.33
N ILE A 45 -10.19 21.75 -15.68
CA ILE A 45 -9.77 20.39 -15.40
C ILE A 45 -8.59 20.05 -16.30
N ASN A 46 -7.44 19.76 -15.69
CA ASN A 46 -6.24 19.40 -16.43
C ASN A 46 -5.99 17.90 -16.47
N SER A 47 -6.56 17.15 -15.52
CA SER A 47 -6.38 15.71 -15.49
C SER A 47 -7.59 15.07 -14.83
N PHE A 48 -7.75 13.77 -15.07
CA PHE A 48 -8.87 13.02 -14.53
C PHE A 48 -8.49 11.56 -14.51
N GLY A 49 -9.18 10.79 -13.67
CA GLY A 49 -8.98 9.37 -13.66
C GLY A 49 -8.96 8.84 -12.24
N SER A 50 -8.50 7.59 -12.12
CA SER A 50 -8.39 6.89 -10.84
C SER A 50 -9.75 6.80 -10.13
N ILE A 51 -10.81 6.61 -10.92
CA ILE A 51 -12.15 6.41 -10.37
C ILE A 51 -12.22 4.97 -9.89
N ALA A 52 -12.06 4.77 -8.58
CA ALA A 52 -12.01 3.43 -7.99
C ALA A 52 -13.30 3.16 -7.23
N GLU A 53 -13.89 1.98 -7.47
CA GLU A 53 -15.12 1.61 -6.78
C GLU A 53 -14.88 1.19 -5.34
N THR A 54 -13.73 0.57 -5.06
CA THR A 54 -13.49 0.04 -3.71
C THR A 54 -13.39 1.13 -2.66
N THR A 55 -13.09 2.36 -3.06
CA THR A 55 -12.98 3.48 -2.12
C THR A 55 -13.98 4.60 -2.41
N MET A 56 -14.62 4.60 -3.57
CA MET A 56 -15.62 5.61 -3.94
C MET A 56 -15.01 7.01 -3.90
N ASP A 57 -14.00 7.22 -4.75
CA ASP A 57 -13.31 8.50 -4.82
C ASP A 57 -12.67 8.63 -6.19
N TYR A 58 -12.31 9.85 -6.55
CA TYR A 58 -11.65 10.12 -7.82
C TYR A 58 -10.77 11.35 -7.66
N ARG A 59 -9.76 11.44 -8.53
CA ARG A 59 -8.76 12.48 -8.47
C ARG A 59 -8.86 13.42 -9.66
N VAL A 60 -8.76 14.72 -9.39
CA VAL A 60 -8.72 15.73 -10.43
C VAL A 60 -7.45 16.56 -10.24
N ASN A 61 -7.21 17.45 -11.20
CA ASN A 61 -6.05 18.35 -11.17
C ASN A 61 -6.51 19.64 -11.82
N ILE A 62 -6.95 20.58 -11.00
CA ILE A 62 -7.70 21.74 -11.47
C ILE A 62 -6.86 23.00 -11.32
N PHE A 63 -7.06 23.94 -12.23
CA PHE A 63 -6.49 25.29 -12.11
C PHE A 63 -7.58 26.20 -11.58
N LEU A 64 -7.83 26.10 -10.27
CA LEU A 64 -8.89 26.90 -9.66
C LEU A 64 -8.58 28.39 -9.79
N ARG A 65 -9.54 29.15 -10.29
CA ARG A 65 -9.39 30.58 -10.51
C ARG A 65 -10.49 31.33 -9.79
N GLN A 66 -10.13 32.46 -9.18
CA GLN A 66 -11.06 33.30 -8.44
C GLN A 66 -10.89 34.74 -8.86
N LYS A 67 -12.00 35.48 -8.91
CA LYS A 67 -11.99 36.88 -9.30
C LYS A 67 -12.86 37.67 -8.33
N TRP A 68 -12.35 38.83 -7.89
CA TRP A 68 -13.13 39.70 -7.01
C TRP A 68 -12.56 41.11 -7.12
N ASN A 69 -13.30 42.06 -6.56
CA ASN A 69 -12.94 43.47 -6.63
C ASN A 69 -12.79 44.04 -5.23
N ASP A 70 -11.67 44.72 -4.98
CA ASP A 70 -11.47 45.49 -3.77
C ASP A 70 -10.95 46.87 -4.14
N PRO A 71 -11.49 47.92 -3.51
CA PRO A 71 -11.12 49.28 -3.91
C PRO A 71 -9.73 49.72 -3.45
N ARG A 72 -9.09 48.98 -2.55
CA ARG A 72 -7.81 49.40 -1.98
C ARG A 72 -6.62 49.04 -2.86
N LEU A 73 -6.83 48.34 -3.97
CA LEU A 73 -5.77 47.95 -4.88
C LEU A 73 -5.89 48.66 -6.22
N ALA A 74 -6.44 49.88 -6.20
CA ALA A 74 -6.57 50.70 -7.39
C ALA A 74 -5.33 51.57 -7.54
N TYR A 75 -4.74 51.56 -8.72
CA TYR A 75 -3.50 52.29 -8.98
C TYR A 75 -3.66 53.17 -10.21
N SER A 76 -2.86 54.23 -10.26
CA SER A 76 -2.87 55.15 -11.40
C SER A 76 -1.49 55.46 -11.95
N GLU A 77 -0.42 54.97 -11.32
CA GLU A 77 0.92 55.26 -11.82
C GLU A 77 1.18 54.60 -13.16
N TYR A 78 0.80 53.33 -13.31
CA TYR A 78 1.05 52.61 -14.54
C TYR A 78 -0.08 52.86 -15.53
N PRO A 79 0.21 53.38 -16.73
CA PRO A 79 -0.87 53.58 -17.71
C PRO A 79 -1.56 52.30 -18.13
N ASP A 80 -0.84 51.19 -18.21
CA ASP A 80 -1.45 49.92 -18.60
C ASP A 80 -2.29 49.37 -17.46
N ASP A 81 -3.26 48.53 -17.81
CA ASP A 81 -4.22 47.98 -16.85
C ASP A 81 -3.83 46.60 -16.35
N SER A 82 -3.57 45.66 -17.26
CA SER A 82 -3.24 44.29 -16.88
C SER A 82 -1.80 44.26 -16.37
N LEU A 83 -1.65 44.11 -15.05
CA LEU A 83 -0.35 44.08 -14.41
C LEU A 83 -0.11 42.70 -13.82
N ASP A 84 1.06 42.12 -14.10
CA ASP A 84 1.43 40.81 -13.62
C ASP A 84 2.42 40.94 -12.47
N LEU A 85 2.16 40.24 -11.38
CA LEU A 85 3.00 40.30 -10.19
C LEU A 85 3.51 38.90 -9.85
N ASP A 86 4.45 38.85 -8.91
CA ASP A 86 5.04 37.58 -8.52
C ASP A 86 4.05 36.74 -7.70
N PRO A 87 4.14 35.42 -7.78
CA PRO A 87 3.32 34.58 -6.92
C PRO A 87 3.55 34.80 -5.43
N SER A 88 4.76 35.21 -5.05
CA SER A 88 5.07 35.42 -3.64
C SER A 88 4.36 36.62 -3.03
N MET A 89 3.75 37.47 -3.86
CA MET A 89 3.04 38.65 -3.36
C MET A 89 1.67 38.32 -2.79
N LEU A 90 1.19 37.09 -2.95
CA LEU A 90 -0.17 36.74 -2.54
C LEU A 90 -0.38 36.82 -1.03
N ASP A 91 0.69 36.74 -0.25
CA ASP A 91 0.54 36.76 1.21
C ASP A 91 0.37 38.17 1.76
N SER A 92 0.49 39.20 0.93
CA SER A 92 0.37 40.58 1.38
C SER A 92 -1.00 41.19 1.05
N ILE A 93 -1.93 40.40 0.51
CA ILE A 93 -3.26 40.91 0.16
C ILE A 93 -4.31 40.00 0.76
N TRP A 94 -5.53 40.53 0.86
CA TRP A 94 -6.64 39.74 1.36
C TRP A 94 -7.07 38.72 0.32
N LYS A 95 -7.38 37.51 0.78
CA LYS A 95 -7.85 36.44 -0.07
C LYS A 95 -9.09 35.80 0.53
N PRO A 96 -10.01 35.33 -0.30
CA PRO A 96 -11.23 34.71 0.22
C PRO A 96 -10.99 33.27 0.64
N ASP A 97 -11.61 32.88 1.75
CA ASP A 97 -11.56 31.50 2.20
C ASP A 97 -12.35 30.62 1.24
N LEU A 98 -11.82 29.43 0.97
CA LEU A 98 -12.48 28.51 0.05
C LEU A 98 -11.96 27.11 0.30
N PHE A 99 -12.83 26.21 0.75
CA PHE A 99 -12.48 24.81 0.96
C PHE A 99 -13.48 23.93 0.23
N PHE A 100 -13.01 22.79 -0.25
CA PHE A 100 -13.86 21.83 -0.94
C PHE A 100 -14.52 20.92 0.09
N ALA A 101 -15.84 20.94 0.14
CA ALA A 101 -16.57 20.26 1.20
C ALA A 101 -16.38 18.74 1.12
N ASN A 102 -16.60 18.16 -0.05
CA ASN A 102 -16.50 16.71 -0.22
C ASN A 102 -15.11 16.33 -0.73
N GLU A 103 -14.12 16.53 0.14
CA GLU A 103 -12.73 16.26 -0.18
C GLU A 103 -12.13 15.33 0.87
N LYS A 104 -11.58 14.20 0.42
CA LYS A 104 -10.87 13.31 1.34
C LYS A 104 -9.49 13.85 1.68
N GLY A 105 -8.85 14.56 0.76
CA GLY A 105 -7.57 15.18 1.03
C GLY A 105 -6.97 15.79 -0.22
N ALA A 106 -6.48 17.02 -0.11
CA ALA A 106 -5.91 17.73 -1.24
C ALA A 106 -4.66 18.47 -0.80
N ASN A 107 -3.76 18.69 -1.75
CA ASN A 107 -2.48 19.34 -1.47
C ASN A 107 -2.14 20.27 -2.63
N PHE A 108 -1.35 21.30 -2.32
CA PHE A 108 -0.86 22.19 -3.36
C PHE A 108 0.20 21.50 -4.20
N HIS A 109 0.76 22.23 -5.14
CA HIS A 109 1.91 21.77 -5.92
C HIS A 109 3.00 22.83 -5.80
N GLU A 110 4.12 22.46 -5.19
CA GLU A 110 5.25 23.36 -4.96
C GLU A 110 6.49 22.71 -5.55
N VAL A 111 6.72 22.94 -6.84
CA VAL A 111 7.87 22.41 -7.55
C VAL A 111 8.58 23.59 -8.20
N THR A 112 9.80 23.88 -7.71
CA THR A 112 10.69 24.93 -8.19
C THR A 112 10.17 26.32 -7.82
N THR A 113 8.94 26.37 -7.29
CA THR A 113 8.29 27.58 -6.80
C THR A 113 6.90 27.19 -6.33
N ASP A 114 6.19 28.15 -5.77
CA ASP A 114 4.77 28.00 -5.52
C ASP A 114 4.01 28.24 -6.81
N ASN A 115 3.09 27.33 -7.14
CA ASN A 115 2.30 27.45 -8.37
C ASN A 115 1.11 28.36 -8.09
N LYS A 116 1.33 29.66 -8.26
CA LYS A 116 0.30 30.67 -8.06
C LYS A 116 0.40 31.72 -9.15
N LEU A 117 -0.71 32.41 -9.38
CA LEU A 117 -0.77 33.49 -10.35
C LEU A 117 -1.47 34.68 -9.73
N LEU A 118 -1.04 35.88 -10.11
CA LEU A 118 -1.65 37.10 -9.61
C LEU A 118 -1.73 38.11 -10.75
N ARG A 119 -2.85 38.82 -10.82
CA ARG A 119 -3.06 39.82 -11.86
C ARG A 119 -4.02 40.87 -11.33
N ILE A 120 -3.54 42.11 -11.26
CA ILE A 120 -4.32 43.23 -10.73
C ILE A 120 -4.64 44.18 -11.87
N PHE A 121 -5.91 44.47 -12.06
CA PHE A 121 -6.34 45.41 -13.10
C PHE A 121 -6.40 46.82 -12.53
N LYS A 122 -6.62 47.79 -13.43
CA LYS A 122 -6.63 49.19 -13.02
C LYS A 122 -7.81 49.47 -12.09
N ASN A 123 -8.98 48.94 -12.39
CA ASN A 123 -10.16 49.23 -11.58
C ASN A 123 -10.13 48.56 -10.21
N GLY A 124 -9.20 47.64 -9.98
CA GLY A 124 -9.09 46.94 -8.72
C GLY A 124 -9.44 45.47 -8.77
N ASN A 125 -9.94 44.98 -9.90
CA ASN A 125 -10.25 43.56 -10.01
C ASN A 125 -8.97 42.73 -9.90
N VAL A 126 -9.08 41.57 -9.26
CA VAL A 126 -7.94 40.72 -8.97
C VAL A 126 -8.22 39.33 -9.52
N LEU A 127 -7.22 38.75 -10.18
CA LEU A 127 -7.29 37.36 -10.66
C LEU A 127 -6.29 36.55 -9.86
N TYR A 128 -6.75 35.40 -9.36
CA TYR A 128 -5.93 34.56 -8.49
C TYR A 128 -6.20 33.10 -8.84
N SER A 129 -5.30 32.50 -9.60
CA SER A 129 -5.42 31.10 -10.02
C SER A 129 -4.32 30.29 -9.35
N ILE A 130 -4.70 29.16 -8.77
CA ILE A 130 -3.80 28.31 -8.02
C ILE A 130 -3.99 26.87 -8.44
N ARG A 131 -2.89 26.16 -8.66
CA ARG A 131 -2.93 24.77 -9.06
C ARG A 131 -3.15 23.88 -7.85
N LEU A 132 -3.98 22.86 -8.01
CA LEU A 132 -4.36 21.99 -6.90
C LEU A 132 -4.42 20.54 -7.37
N THR A 133 -4.69 19.64 -6.43
CA THR A 133 -4.87 18.22 -6.71
C THR A 133 -5.82 17.66 -5.68
N LEU A 134 -7.04 17.33 -6.11
CA LEU A 134 -8.13 17.00 -5.20
C LEU A 134 -8.48 15.52 -5.31
N THR A 135 -8.65 14.87 -4.17
CA THR A 135 -9.19 13.52 -4.10
C THR A 135 -10.61 13.63 -3.55
N LEU A 136 -11.55 13.91 -4.45
CA LEU A 136 -12.94 14.10 -4.05
C LEU A 136 -13.61 12.76 -3.77
N SER A 137 -14.81 12.82 -3.21
CA SER A 137 -15.56 11.63 -2.83
C SER A 137 -16.96 11.70 -3.41
N CYS A 138 -17.36 10.65 -4.13
CA CYS A 138 -18.73 10.55 -4.63
C CYS A 138 -19.29 9.17 -4.37
N PRO A 139 -20.33 9.05 -3.54
CA PRO A 139 -20.97 7.74 -3.35
C PRO A 139 -21.57 7.24 -4.65
N MET A 140 -21.51 5.92 -4.84
CA MET A 140 -21.96 5.29 -6.07
C MET A 140 -23.08 4.30 -5.78
N ASP A 141 -23.92 4.08 -6.80
CA ASP A 141 -24.89 3.01 -6.78
C ASP A 141 -24.45 1.95 -7.79
N LEU A 142 -24.56 0.69 -7.39
CA LEU A 142 -24.11 -0.44 -8.21
C LEU A 142 -25.25 -1.41 -8.45
N LYS A 143 -26.42 -0.86 -8.77
CA LYS A 143 -27.57 -1.72 -9.08
C LYS A 143 -27.28 -2.56 -10.33
N ASN A 144 -26.60 -1.99 -11.31
CA ASN A 144 -26.16 -2.69 -12.51
C ASN A 144 -24.70 -2.31 -12.72
N PHE A 145 -23.80 -3.07 -12.12
CA PHE A 145 -22.39 -2.68 -12.05
C PHE A 145 -21.73 -2.56 -13.43
N PRO A 146 -21.82 -3.54 -14.34
CA PRO A 146 -21.08 -3.41 -15.60
C PRO A 146 -21.63 -2.35 -16.54
N MET A 147 -22.84 -1.84 -16.31
CA MET A 147 -23.48 -0.90 -17.24
C MET A 147 -24.13 0.23 -16.47
N ASP A 148 -23.41 0.77 -15.49
CA ASP A 148 -23.94 1.83 -14.62
C ASP A 148 -23.59 3.20 -15.16
N VAL A 149 -24.30 4.20 -14.64
CA VAL A 149 -24.03 5.61 -14.93
C VAL A 149 -23.84 6.33 -13.61
N GLN A 150 -22.71 7.00 -13.45
CA GLN A 150 -22.34 7.64 -12.20
C GLN A 150 -22.31 9.16 -12.36
N THR A 151 -22.66 9.85 -11.29
CA THR A 151 -22.60 11.32 -11.23
C THR A 151 -21.78 11.72 -10.01
N CYS A 152 -20.55 12.16 -10.25
CA CYS A 152 -19.67 12.58 -9.17
C CYS A 152 -19.68 14.09 -9.04
N ILE A 153 -19.44 14.56 -7.81
CA ILE A 153 -19.74 15.93 -7.42
C ILE A 153 -18.47 16.63 -6.98
N MET A 154 -18.40 17.93 -7.22
CA MET A 154 -17.38 18.81 -6.67
C MET A 154 -18.06 20.02 -6.07
N GLN A 155 -17.77 20.32 -4.80
CA GLN A 155 -18.44 21.41 -4.09
C GLN A 155 -17.41 22.42 -3.61
N LEU A 156 -17.70 23.70 -3.84
CA LEU A 156 -16.92 24.80 -3.30
C LEU A 156 -17.75 25.50 -2.23
N GLU A 157 -17.13 25.82 -1.11
CA GLU A 157 -17.87 26.37 0.02
C GLU A 157 -16.95 27.26 0.85
N SER A 158 -17.49 28.38 1.32
CA SER A 158 -16.77 29.27 2.21
C SER A 158 -16.85 28.77 3.64
N PHE A 159 -15.83 29.09 4.43
CA PHE A 159 -15.74 28.65 5.81
C PHE A 159 -15.67 29.80 6.79
N GLY A 160 -14.79 30.77 6.54
CA GLY A 160 -14.58 31.84 7.51
C GLY A 160 -15.77 32.77 7.65
N TYR A 161 -16.44 33.09 6.55
CA TYR A 161 -17.46 34.11 6.52
C TYR A 161 -18.81 33.53 6.16
N THR A 162 -19.87 34.17 6.65
CA THR A 162 -21.23 33.76 6.35
C THR A 162 -21.62 34.31 4.97
N MET A 163 -22.89 34.12 4.59
CA MET A 163 -23.36 34.70 3.33
C MET A 163 -23.55 36.20 3.42
N ASN A 164 -23.47 36.79 4.61
CA ASN A 164 -23.58 38.23 4.75
C ASN A 164 -22.30 38.96 4.39
N ASP A 165 -21.20 38.24 4.13
CA ASP A 165 -19.93 38.87 3.84
C ASP A 165 -19.30 38.34 2.55
N LEU A 166 -19.54 37.07 2.23
CA LEU A 166 -18.91 36.42 1.08
C LEU A 166 -19.96 35.65 0.29
N ILE A 167 -19.95 35.81 -1.02
CA ILE A 167 -20.89 35.13 -1.91
C ILE A 167 -20.10 34.60 -3.10
N PHE A 168 -20.39 33.36 -3.48
CA PHE A 168 -19.74 32.70 -4.62
C PHE A 168 -20.72 32.59 -5.78
N GLU A 169 -20.21 32.78 -7.00
CA GLU A 169 -21.00 32.66 -8.21
C GLU A 169 -20.16 32.02 -9.31
N TRP A 170 -20.81 31.18 -10.12
CA TRP A 170 -20.16 30.66 -11.31
C TRP A 170 -20.03 31.77 -12.35
N GLN A 171 -19.06 31.60 -13.25
CA GLN A 171 -18.86 32.56 -14.32
C GLN A 171 -19.98 32.44 -15.35
N ASP A 172 -20.26 33.54 -16.04
CA ASP A 172 -21.37 33.57 -16.98
C ASP A 172 -21.12 32.62 -18.14
N GLU A 173 -19.97 32.72 -18.80
CA GLU A 173 -19.65 31.91 -19.97
C GLU A 173 -18.47 31.00 -19.65
N ALA A 174 -18.55 29.76 -20.13
CA ALA A 174 -17.53 28.74 -19.93
C ALA A 174 -17.17 28.62 -18.46
N PRO A 175 -18.08 28.12 -17.61
CA PRO A 175 -17.76 28.00 -16.18
C PRO A 175 -16.76 26.90 -15.90
N VAL A 176 -16.93 25.74 -16.52
CA VAL A 176 -16.01 24.62 -16.40
C VAL A 176 -15.56 24.23 -17.80
N GLN A 177 -14.25 24.20 -18.00
CA GLN A 177 -13.67 23.86 -19.29
C GLN A 177 -12.64 22.77 -19.11
N VAL A 178 -12.55 21.87 -20.08
CA VAL A 178 -11.72 20.67 -19.99
C VAL A 178 -10.60 20.77 -21.01
N ALA A 179 -9.39 20.37 -20.60
CA ALA A 179 -8.25 20.38 -21.51
C ALA A 179 -8.47 19.38 -22.64
N GLU A 180 -8.11 19.80 -23.85
CA GLU A 180 -8.31 18.96 -25.02
C GLU A 180 -7.41 17.73 -24.95
N GLY A 181 -7.90 16.63 -25.52
CA GLY A 181 -7.17 15.38 -25.52
C GLY A 181 -7.28 14.56 -24.25
N LEU A 182 -8.07 15.00 -23.28
CA LEU A 182 -8.24 14.24 -22.05
C LEU A 182 -8.97 12.92 -22.32
N THR A 183 -8.46 11.84 -21.75
CA THR A 183 -9.07 10.53 -21.90
C THR A 183 -9.25 9.88 -20.54
N LEU A 184 -10.37 9.19 -20.38
CA LEU A 184 -10.55 8.45 -19.14
C LEU A 184 -10.07 7.01 -19.32
N PRO A 185 -9.47 6.42 -18.30
CA PRO A 185 -8.96 5.04 -18.45
C PRO A 185 -10.04 4.03 -18.76
N GLN A 186 -11.22 4.15 -18.15
CA GLN A 186 -12.28 3.17 -18.33
C GLN A 186 -13.62 3.82 -18.60
N PHE A 187 -13.84 5.02 -18.07
CA PHE A 187 -15.12 5.70 -18.16
C PHE A 187 -15.17 6.60 -19.40
N LEU A 188 -16.29 7.29 -19.55
CA LEU A 188 -16.48 8.29 -20.59
C LEU A 188 -17.11 9.53 -19.97
N LEU A 189 -16.65 10.70 -20.40
CA LEU A 189 -17.09 11.96 -19.82
C LEU A 189 -18.06 12.65 -20.76
N LYS A 190 -19.24 13.00 -20.24
CA LYS A 190 -20.26 13.65 -21.04
C LYS A 190 -19.93 15.11 -21.29
N GLU A 191 -20.62 15.70 -22.26
CA GLU A 191 -20.41 17.10 -22.60
C GLU A 191 -21.28 18.04 -21.78
N GLU A 192 -22.14 17.52 -20.91
N GLU A 192 -22.14 17.52 -20.91
CA GLU A 192 -23.01 18.34 -20.07
CA GLU A 192 -23.01 18.34 -20.07
C GLU A 192 -22.49 18.33 -18.64
C GLU A 192 -22.49 18.33 -18.64
N LYS A 193 -22.39 19.51 -18.04
CA LYS A 193 -21.92 19.66 -16.66
C LYS A 193 -22.89 20.59 -15.95
N ASP A 194 -23.74 20.04 -15.09
CA ASP A 194 -24.74 20.83 -14.40
C ASP A 194 -24.08 21.75 -13.37
N LEU A 195 -24.68 22.92 -13.19
CA LEU A 195 -24.24 23.90 -12.20
C LEU A 195 -25.42 24.24 -11.32
N ARG A 196 -25.27 24.04 -10.01
CA ARG A 196 -26.36 24.26 -9.07
C ARG A 196 -25.87 25.14 -7.92
N TYR A 197 -26.74 25.32 -6.93
CA TYR A 197 -26.42 26.04 -5.71
C TYR A 197 -26.77 25.16 -4.52
N CYS A 198 -25.88 25.11 -3.54
CA CYS A 198 -26.11 24.30 -2.35
C CYS A 198 -26.55 25.16 -1.15
N THR A 199 -25.76 26.18 -0.82
CA THR A 199 -26.09 27.13 0.25
C THR A 199 -26.39 26.40 1.56
N LYS A 200 -25.36 25.74 2.07
CA LYS A 200 -25.51 24.90 3.25
C LYS A 200 -25.85 25.74 4.48
N HIS A 201 -26.74 25.19 5.32
CA HIS A 201 -27.15 25.83 6.56
C HIS A 201 -26.57 25.08 7.74
N TYR A 202 -25.88 25.80 8.62
CA TYR A 202 -25.38 25.27 9.88
C TYR A 202 -26.04 26.02 11.03
N ASN A 203 -25.69 25.63 12.25
CA ASN A 203 -26.18 26.37 13.42
C ASN A 203 -25.43 27.69 13.59
N THR A 204 -24.16 27.74 13.17
CA THR A 204 -23.39 28.96 13.30
C THR A 204 -23.88 30.05 12.35
N GLY A 205 -24.23 29.67 11.13
CA GLY A 205 -24.68 30.66 10.16
C GLY A 205 -25.03 30.00 8.84
N LYS A 206 -25.34 30.84 7.87
CA LYS A 206 -25.75 30.41 6.53
C LYS A 206 -24.57 30.62 5.59
N PHE A 207 -23.81 29.55 5.34
CA PHE A 207 -22.60 29.63 4.53
C PHE A 207 -22.92 29.43 3.06
N THR A 208 -22.28 30.24 2.22
CA THR A 208 -22.45 30.12 0.78
C THR A 208 -21.78 28.85 0.27
N CYS A 209 -22.25 28.37 -0.88
CA CYS A 209 -21.74 27.12 -1.44
C CYS A 209 -22.00 27.13 -2.94
N ILE A 210 -21.26 26.27 -3.63
CA ILE A 210 -21.29 26.20 -5.09
C ILE A 210 -20.99 24.78 -5.52
N GLU A 211 -21.76 24.28 -6.49
CA GLU A 211 -21.71 22.87 -6.86
C GLU A 211 -21.54 22.72 -8.36
N VAL A 212 -21.00 21.57 -8.77
CA VAL A 212 -20.86 21.21 -10.18
C VAL A 212 -20.97 19.70 -10.30
N ARG A 213 -21.59 19.23 -11.37
CA ARG A 213 -21.88 17.82 -11.57
C ARG A 213 -21.15 17.31 -12.80
N PHE A 214 -20.51 16.15 -12.68
CA PHE A 214 -19.90 15.46 -13.80
C PHE A 214 -20.64 14.16 -14.04
N HIS A 215 -20.99 13.89 -15.29
CA HIS A 215 -21.70 12.66 -15.66
C HIS A 215 -20.74 11.68 -16.27
N LEU A 216 -20.72 10.46 -15.74
CA LEU A 216 -19.84 9.41 -16.20
C LEU A 216 -20.64 8.14 -16.47
N GLU A 217 -20.36 7.48 -17.59
CA GLU A 217 -20.93 6.18 -17.87
C GLU A 217 -19.80 5.19 -18.13
N ARG A 218 -20.04 3.94 -17.75
CA ARG A 218 -18.99 2.93 -17.76
C ARG A 218 -18.96 2.21 -19.10
N GLN A 219 -17.75 1.94 -19.58
CA GLN A 219 -17.55 1.15 -20.79
C GLN A 219 -17.41 -0.31 -20.41
N MET A 220 -18.19 -1.16 -21.09
CA MET A 220 -18.31 -2.56 -20.72
C MET A 220 -17.37 -3.48 -21.50
N GLY A 221 -16.49 -2.92 -22.34
CA GLY A 221 -15.65 -3.77 -23.17
C GLY A 221 -14.72 -4.67 -22.35
N TYR A 222 -14.04 -4.09 -21.36
CA TYR A 222 -13.14 -4.89 -20.54
C TYR A 222 -13.89 -5.96 -19.76
N TYR A 223 -15.01 -5.58 -19.13
CA TYR A 223 -15.79 -6.56 -18.38
C TYR A 223 -16.33 -7.64 -19.30
N LEU A 224 -16.83 -7.24 -20.47
CA LEU A 224 -17.27 -8.22 -21.46
C LEU A 224 -16.19 -9.24 -21.74
N ILE A 225 -15.04 -8.78 -22.23
CA ILE A 225 -13.97 -9.69 -22.64
C ILE A 225 -13.50 -10.54 -21.46
N GLN A 226 -13.40 -9.95 -20.27
CA GLN A 226 -12.78 -10.65 -19.16
C GLN A 226 -13.73 -11.69 -18.54
N MET A 227 -15.04 -11.41 -18.52
CA MET A 227 -15.93 -12.28 -17.76
C MET A 227 -17.02 -12.94 -18.59
N TYR A 228 -17.66 -12.22 -19.51
CA TYR A 228 -18.83 -12.78 -20.18
C TYR A 228 -18.43 -13.86 -21.17
N ILE A 229 -17.34 -13.66 -21.91
CA ILE A 229 -16.87 -14.68 -22.85
C ILE A 229 -16.45 -15.96 -22.13
N PRO A 230 -15.61 -15.92 -21.09
CA PRO A 230 -15.25 -17.19 -20.42
C PRO A 230 -16.44 -17.93 -19.83
N SER A 231 -17.44 -17.21 -19.31
CA SER A 231 -18.63 -17.87 -18.79
C SER A 231 -19.37 -18.60 -19.90
N LEU A 232 -19.51 -17.97 -21.06
CA LEU A 232 -20.14 -18.62 -22.20
C LEU A 232 -19.34 -19.85 -22.63
N LEU A 233 -18.02 -19.74 -22.68
CA LEU A 233 -17.19 -20.89 -23.02
C LEU A 233 -17.40 -22.04 -22.06
N ILE A 234 -17.45 -21.74 -20.76
CA ILE A 234 -17.61 -22.78 -19.75
C ILE A 234 -18.98 -23.43 -19.86
N VAL A 235 -20.03 -22.65 -20.09
CA VAL A 235 -21.36 -23.26 -20.18
C VAL A 235 -21.47 -24.10 -21.45
N ILE A 236 -20.85 -23.68 -22.56
CA ILE A 236 -20.85 -24.53 -23.76
C ILE A 236 -20.07 -25.80 -23.49
N LEU A 237 -18.96 -25.70 -22.74
CA LEU A 237 -18.22 -26.90 -22.36
C LEU A 237 -19.09 -27.85 -21.56
N SER A 238 -19.89 -27.31 -20.64
CA SER A 238 -20.82 -28.17 -19.89
C SER A 238 -21.82 -28.83 -20.81
N TRP A 239 -22.36 -28.08 -21.78
CA TRP A 239 -23.31 -28.66 -22.74
C TRP A 239 -22.69 -29.75 -23.58
N VAL A 240 -21.38 -29.68 -23.84
CA VAL A 240 -20.73 -30.65 -24.72
C VAL A 240 -20.95 -32.08 -24.19
N SER A 241 -21.03 -32.24 -22.87
CA SER A 241 -21.17 -33.56 -22.26
C SER A 241 -22.48 -34.26 -22.62
N PHE A 242 -23.47 -33.54 -23.14
CA PHE A 242 -24.75 -34.15 -23.44
C PHE A 242 -24.64 -35.23 -24.51
N TRP A 243 -23.89 -34.95 -25.58
CA TRP A 243 -23.82 -35.90 -26.69
C TRP A 243 -22.88 -37.06 -26.45
N ILE A 244 -22.09 -37.02 -25.36
CA ILE A 244 -21.29 -38.19 -25.01
C ILE A 244 -22.21 -39.30 -24.53
N ASN A 245 -21.95 -40.52 -24.98
CA ASN A 245 -22.81 -41.65 -24.63
C ASN A 245 -22.79 -41.89 -23.13
N MET A 246 -23.95 -42.25 -22.58
CA MET A 246 -24.10 -42.45 -21.15
C MET A 246 -23.33 -43.66 -20.63
N ASP A 247 -22.88 -44.54 -21.52
CA ASP A 247 -22.08 -45.68 -21.08
C ASP A 247 -20.75 -45.23 -20.50
N ALA A 248 -20.13 -44.22 -21.11
CA ALA A 248 -18.86 -43.67 -20.64
C ALA A 248 -19.13 -42.72 -19.47
N ALA A 249 -19.46 -43.32 -18.33
CA ALA A 249 -19.75 -42.53 -17.13
C ALA A 249 -18.57 -41.68 -16.65
N PRO A 250 -17.32 -42.18 -16.59
CA PRO A 250 -16.24 -41.36 -16.08
C PRO A 250 -16.10 -40.08 -16.92
N ALA A 251 -16.18 -40.20 -18.25
CA ALA A 251 -15.99 -39.03 -19.10
C ALA A 251 -16.98 -37.93 -18.78
N ARG A 252 -18.24 -38.28 -18.54
CA ARG A 252 -19.24 -37.27 -18.25
C ARG A 252 -19.11 -36.74 -16.83
N VAL A 253 -18.77 -37.61 -15.88
CA VAL A 253 -18.64 -37.13 -14.49
C VAL A 253 -17.44 -36.20 -14.36
N ALA A 254 -16.36 -36.45 -15.09
CA ALA A 254 -15.22 -35.54 -15.04
C ALA A 254 -15.61 -34.14 -15.50
N LEU A 255 -16.35 -34.05 -16.61
CA LEU A 255 -16.82 -32.75 -17.07
C LEU A 255 -17.77 -32.11 -16.07
N GLY A 256 -18.70 -32.90 -15.51
CA GLY A 256 -19.64 -32.34 -14.55
C GLY A 256 -18.96 -31.77 -13.32
N ILE A 257 -17.88 -32.42 -12.88
CA ILE A 257 -17.16 -31.91 -11.72
C ILE A 257 -16.34 -30.67 -12.07
N THR A 258 -15.53 -30.77 -13.14
CA THR A 258 -14.60 -29.70 -13.45
C THR A 258 -15.30 -28.42 -13.88
N THR A 259 -16.39 -28.53 -14.65
CA THR A 259 -17.12 -27.33 -15.05
C THR A 259 -17.70 -26.61 -13.84
N VAL A 260 -18.26 -27.36 -12.89
CA VAL A 260 -18.81 -26.76 -11.68
C VAL A 260 -17.71 -26.05 -10.90
N LEU A 261 -16.60 -26.74 -10.70
CA LEU A 261 -15.49 -26.13 -9.93
C LEU A 261 -15.04 -24.84 -10.64
N THR A 262 -14.79 -24.89 -11.95
CA THR A 262 -14.33 -23.71 -12.68
C THR A 262 -15.33 -22.57 -12.56
N MET A 263 -16.62 -22.87 -12.69
CA MET A 263 -17.63 -21.82 -12.60
C MET A 263 -17.64 -21.18 -11.22
N THR A 264 -17.58 -21.98 -10.17
CA THR A 264 -17.65 -21.40 -8.83
C THR A 264 -16.40 -20.58 -8.50
N THR A 265 -15.22 -21.07 -8.90
CA THR A 265 -14.01 -20.29 -8.62
C THR A 265 -13.97 -19.02 -9.45
N GLN A 266 -14.48 -19.06 -10.69
CA GLN A 266 -14.53 -17.85 -11.50
C GLN A 266 -15.51 -16.85 -10.91
N SER A 267 -16.66 -17.31 -10.42
CA SER A 267 -17.61 -16.41 -9.77
C SER A 267 -16.98 -15.75 -8.55
N SER A 268 -16.29 -16.54 -7.72
CA SER A 268 -15.65 -15.97 -6.54
C SER A 268 -14.59 -14.94 -6.93
N GLY A 269 -13.78 -15.25 -7.93
CA GLY A 269 -12.77 -14.31 -8.38
C GLY A 269 -13.35 -13.03 -8.93
N SER A 270 -14.44 -13.14 -9.70
CA SER A 270 -15.07 -11.96 -10.26
C SER A 270 -15.69 -11.08 -9.17
N ARG A 271 -16.31 -11.70 -8.16
CA ARG A 271 -16.98 -10.92 -7.12
C ARG A 271 -16.05 -10.49 -6.00
N ALA A 272 -14.80 -10.97 -5.96
CA ALA A 272 -13.90 -10.60 -4.88
C ALA A 272 -13.29 -9.21 -5.03
N SER A 273 -13.49 -8.55 -6.18
CA SER A 273 -12.82 -7.28 -6.45
C SER A 273 -13.79 -6.10 -6.51
N LEU A 274 -14.82 -6.11 -5.68
CA LEU A 274 -15.82 -5.05 -5.63
C LEU A 274 -16.16 -4.72 -4.19
N PRO A 275 -16.65 -3.51 -3.92
CA PRO A 275 -17.06 -3.17 -2.56
C PRO A 275 -18.24 -4.00 -2.10
N LYS A 276 -18.29 -4.24 -0.79
CA LYS A 276 -19.37 -5.02 -0.20
C LYS A 276 -20.60 -4.13 -0.05
N VAL A 277 -21.66 -4.47 -0.78
CA VAL A 277 -22.88 -3.68 -0.79
C VAL A 277 -24.07 -4.59 -0.51
N SER A 278 -25.14 -3.98 -0.01
CA SER A 278 -26.32 -4.74 0.40
C SER A 278 -27.10 -5.28 -0.80
N TYR A 279 -27.29 -4.45 -1.83
CA TYR A 279 -28.12 -4.84 -2.96
C TYR A 279 -27.39 -5.88 -3.82
N VAL A 280 -28.05 -6.29 -4.90
CA VAL A 280 -27.55 -7.32 -5.80
C VAL A 280 -27.24 -6.67 -7.15
N LYS A 281 -26.05 -6.94 -7.67
CA LYS A 281 -25.55 -6.33 -8.89
C LYS A 281 -25.88 -7.22 -10.10
N ALA A 282 -25.73 -6.64 -11.29
CA ALA A 282 -26.01 -7.38 -12.52
C ALA A 282 -25.05 -8.55 -12.69
N ILE A 283 -23.77 -8.33 -12.39
CA ILE A 283 -22.79 -9.40 -12.54
C ILE A 283 -23.12 -10.57 -11.61
N ASP A 284 -23.68 -10.28 -10.43
CA ASP A 284 -24.12 -11.35 -9.54
C ASP A 284 -25.23 -12.18 -10.19
N ILE A 285 -26.19 -11.51 -10.85
CA ILE A 285 -27.26 -12.24 -11.52
C ILE A 285 -26.70 -13.11 -12.63
N TRP A 286 -25.78 -12.57 -13.43
CA TRP A 286 -25.21 -13.37 -14.52
C TRP A 286 -24.45 -14.58 -13.99
N MET A 287 -23.63 -14.37 -12.95
CA MET A 287 -22.88 -15.50 -12.38
C MET A 287 -23.82 -16.54 -11.79
N ALA A 288 -24.88 -16.10 -11.11
CA ALA A 288 -25.83 -17.04 -10.52
C ALA A 288 -26.53 -17.86 -11.60
N VAL A 289 -26.94 -17.22 -12.69
CA VAL A 289 -27.61 -17.96 -13.75
C VAL A 289 -26.67 -18.95 -14.41
N CYS A 290 -25.43 -18.54 -14.67
CA CYS A 290 -24.48 -19.47 -15.29
C CYS A 290 -24.21 -20.67 -14.39
N LEU A 291 -24.00 -20.42 -13.09
CA LEU A 291 -23.77 -21.52 -12.16
C LEU A 291 -24.98 -22.42 -12.07
N LEU A 292 -26.19 -21.84 -12.08
CA LEU A 292 -27.41 -22.63 -12.03
C LEU A 292 -27.53 -23.52 -13.27
N PHE A 293 -27.17 -23.00 -14.44
CA PHE A 293 -27.25 -23.81 -15.66
C PHE A 293 -26.25 -24.96 -15.61
N VAL A 294 -25.03 -24.70 -15.13
CA VAL A 294 -24.05 -25.79 -15.01
C VAL A 294 -24.56 -26.85 -14.05
N PHE A 295 -25.11 -26.42 -12.91
CA PHE A 295 -25.67 -27.36 -11.95
C PHE A 295 -26.82 -28.16 -12.55
N SER A 296 -27.67 -27.50 -13.34
CA SER A 296 -28.79 -28.20 -13.97
C SER A 296 -28.29 -29.22 -14.98
N ALA A 297 -27.22 -28.92 -15.71
CA ALA A 297 -26.65 -29.89 -16.63
C ALA A 297 -26.13 -31.11 -15.87
N LEU A 298 -25.41 -30.88 -14.77
CA LEU A 298 -24.92 -32.00 -13.98
C LEU A 298 -26.07 -32.83 -13.40
N LEU A 299 -27.11 -32.16 -12.93
CA LEU A 299 -28.28 -32.86 -12.38
C LEU A 299 -28.99 -33.67 -13.46
N GLU A 300 -29.06 -33.14 -14.68
CA GLU A 300 -29.67 -33.87 -15.78
C GLU A 300 -28.86 -35.12 -16.12
N TYR A 301 -27.53 -35.01 -16.09
CA TYR A 301 -26.71 -36.21 -16.27
C TYR A 301 -26.99 -37.23 -15.17
N ALA A 302 -27.09 -36.77 -13.93
CA ALA A 302 -27.38 -37.69 -12.83
C ALA A 302 -28.72 -38.38 -13.05
N ALA A 303 -29.73 -37.62 -13.49
CA ALA A 303 -31.05 -38.20 -13.73
C ALA A 303 -31.01 -39.22 -14.86
N VAL A 304 -30.30 -38.91 -15.96
CA VAL A 304 -30.27 -39.85 -17.08
C VAL A 304 -29.48 -41.10 -16.70
N ASN A 305 -28.49 -40.98 -15.82
CA ASN A 305 -27.81 -42.17 -15.33
C ASN A 305 -28.73 -42.99 -14.44
N PHE A 306 -29.52 -42.32 -13.59
CA PHE A 306 -30.43 -43.04 -12.71
C PHE A 306 -31.49 -43.78 -13.50
N VAL A 307 -32.03 -43.16 -14.55
CA VAL A 307 -33.06 -43.82 -15.35
C VAL A 307 -32.50 -45.05 -16.06
N SER A 308 -31.28 -44.94 -16.60
CA SER A 308 -30.71 -46.03 -17.38
C SER A 308 -30.45 -47.26 -16.51
N ARG A 309 -30.13 -47.05 -15.23
CA ARG A 309 -29.74 -48.15 -14.34
C ARG A 309 -30.91 -48.67 -13.51
N GLN A 310 -32.13 -48.61 -14.04
CA GLN A 310 -33.28 -49.14 -13.32
C GLN A 310 -33.47 -50.63 -13.59
N HIS A 311 -33.42 -51.02 -14.86
CA HIS A 311 -33.66 -52.40 -15.32
C HIS A 311 -34.80 -53.09 -14.59
N LYS A 377 -33.29 -52.51 -21.44
CA LYS A 377 -34.49 -52.90 -22.16
C LYS A 377 -35.66 -51.97 -21.81
N VAL A 378 -36.18 -51.29 -22.83
CA VAL A 378 -37.33 -50.38 -22.74
C VAL A 378 -37.01 -49.15 -21.89
N PHE A 379 -35.93 -49.19 -21.13
CA PHE A 379 -35.48 -48.03 -20.35
C PHE A 379 -34.39 -47.23 -21.05
N ILE A 380 -33.59 -47.89 -21.89
CA ILE A 380 -32.57 -47.19 -22.66
C ILE A 380 -33.22 -46.21 -23.63
N ASP A 381 -34.38 -46.59 -24.18
CA ASP A 381 -35.12 -45.66 -25.03
C ASP A 381 -35.54 -44.42 -24.26
N ARG A 382 -36.01 -44.61 -23.02
CA ARG A 382 -36.39 -43.47 -22.19
C ARG A 382 -35.19 -42.58 -21.88
N ALA A 383 -34.05 -43.19 -21.57
CA ALA A 383 -32.84 -42.40 -21.31
C ALA A 383 -32.42 -41.62 -22.54
N LYS A 384 -32.46 -42.27 -23.71
CA LYS A 384 -32.10 -41.59 -24.95
C LYS A 384 -33.05 -40.43 -25.24
N LYS A 385 -34.35 -40.63 -25.04
CA LYS A 385 -35.30 -39.57 -25.33
C LYS A 385 -35.12 -38.39 -24.37
N ILE A 386 -34.87 -38.66 -23.09
CA ILE A 386 -34.68 -37.54 -22.16
C ILE A 386 -33.38 -36.81 -22.44
N ASP A 387 -32.32 -37.55 -22.82
CA ASP A 387 -31.07 -36.90 -23.17
C ASP A 387 -31.22 -36.03 -24.41
N THR A 388 -31.91 -36.54 -25.44
CA THR A 388 -32.12 -35.74 -26.64
C THR A 388 -32.97 -34.51 -26.35
N ILE A 389 -34.02 -34.66 -25.54
CA ILE A 389 -34.87 -33.53 -25.19
C ILE A 389 -34.06 -32.46 -24.45
N SER A 390 -33.24 -32.88 -23.48
CA SER A 390 -32.42 -31.93 -22.75
C SER A 390 -31.42 -31.23 -23.67
N ARG A 391 -30.78 -31.99 -24.57
CA ARG A 391 -29.80 -31.40 -25.47
C ARG A 391 -30.45 -30.40 -26.42
N ALA A 392 -31.67 -30.67 -26.87
CA ALA A 392 -32.36 -29.74 -27.75
C ALA A 392 -33.03 -28.60 -27.01
N CYS A 393 -33.21 -28.70 -25.69
CA CYS A 393 -33.94 -27.69 -24.94
C CYS A 393 -33.05 -26.70 -24.20
N PHE A 394 -31.91 -27.15 -23.66
CA PHE A 394 -31.09 -26.24 -22.86
C PHE A 394 -30.59 -25.01 -23.63
N PRO A 395 -30.03 -25.15 -24.85
CA PRO A 395 -29.56 -23.94 -25.55
C PRO A 395 -30.65 -22.91 -25.80
N LEU A 396 -31.88 -23.35 -26.07
CA LEU A 396 -32.97 -22.40 -26.26
C LEU A 396 -33.24 -21.62 -24.99
N ALA A 397 -33.24 -22.30 -23.83
CA ALA A 397 -33.43 -21.62 -22.57
C ALA A 397 -32.32 -20.61 -22.30
N PHE A 398 -31.07 -21.00 -22.59
CA PHE A 398 -29.97 -20.08 -22.40
C PHE A 398 -30.12 -18.86 -23.30
N LEU A 399 -30.50 -19.07 -24.56
CA LEU A 399 -30.64 -17.96 -25.49
C LEU A 399 -31.76 -17.01 -25.07
N ILE A 400 -32.88 -17.56 -24.62
CA ILE A 400 -33.99 -16.69 -24.22
C ILE A 400 -33.62 -15.92 -22.95
N PHE A 401 -32.92 -16.56 -22.01
CA PHE A 401 -32.43 -15.83 -20.86
C PHE A 401 -31.47 -14.72 -21.27
N ASN A 402 -30.58 -15.01 -22.21
CA ASN A 402 -29.59 -14.04 -22.64
C ASN A 402 -30.26 -12.82 -23.25
N ILE A 403 -31.21 -13.04 -24.17
CA ILE A 403 -31.87 -11.90 -24.80
C ILE A 403 -32.69 -11.12 -23.77
N PHE A 404 -33.39 -11.82 -22.87
CA PHE A 404 -34.19 -11.13 -21.86
C PHE A 404 -33.32 -10.25 -20.97
N TYR A 405 -32.23 -10.82 -20.45
CA TYR A 405 -31.35 -10.09 -19.55
C TYR A 405 -30.72 -8.89 -20.25
N TRP A 406 -30.19 -9.10 -21.46
CA TRP A 406 -29.54 -8.01 -22.17
C TRP A 406 -30.51 -6.88 -22.47
N VAL A 407 -31.72 -7.21 -22.95
CA VAL A 407 -32.65 -6.14 -23.30
C VAL A 407 -33.12 -5.41 -22.03
N ILE A 408 -33.38 -6.16 -20.94
CA ILE A 408 -33.91 -5.50 -19.75
C ILE A 408 -32.87 -4.61 -19.10
N TYR A 409 -31.58 -4.98 -19.17
CA TYR A 409 -30.55 -4.12 -18.59
C TYR A 409 -29.94 -3.14 -19.59
N LYS A 410 -30.36 -3.17 -20.85
CA LYS A 410 -29.85 -2.22 -21.83
C LYS A 410 -30.85 -1.17 -22.25
N ILE A 411 -32.16 -1.45 -22.18
CA ILE A 411 -33.18 -0.55 -22.69
C ILE A 411 -33.95 0.15 -21.57
N LEU A 412 -34.63 -0.63 -20.73
CA LEU A 412 -35.59 -0.04 -19.80
C LEU A 412 -34.97 0.31 -18.44
N ARG A 413 -34.15 -0.58 -17.88
CA ARG A 413 -33.63 -0.34 -16.53
C ARG A 413 -32.75 0.90 -16.49
N HIS A 414 -31.89 1.10 -17.48
CA HIS A 414 -31.00 2.24 -17.52
C HIS A 414 -30.92 2.76 -18.95
N GLU A 415 -30.27 3.91 -19.11
CA GLU A 415 -30.17 4.59 -20.41
C GLU A 415 -31.56 4.84 -20.99
N ASP A 416 -32.52 5.14 -20.12
CA ASP A 416 -33.90 5.35 -20.52
C ASP A 416 -34.20 6.83 -20.73
N SER B 9 -10.98 53.44 13.06
CA SER B 9 -10.43 52.59 12.02
C SER B 9 -10.37 51.14 12.49
N PRO B 10 -10.88 50.22 11.67
CA PRO B 10 -10.93 48.80 12.08
C PRO B 10 -9.56 48.21 12.37
N SER B 11 -8.51 48.61 11.63
CA SER B 11 -7.18 48.09 11.91
C SER B 11 -6.70 48.52 13.29
N ASP B 12 -6.95 49.78 13.66
CA ASP B 12 -6.59 50.25 15.00
C ASP B 12 -7.37 49.50 16.06
N PHE B 13 -8.65 49.22 15.82
CA PHE B 13 -9.43 48.44 16.77
C PHE B 13 -8.87 47.04 16.95
N LEU B 14 -8.51 46.39 15.84
CA LEU B 14 -7.92 45.05 15.94
C LEU B 14 -6.59 45.08 16.67
N ASP B 15 -5.78 46.11 16.43
CA ASP B 15 -4.50 46.23 17.14
C ASP B 15 -4.73 46.44 18.63
N LYS B 16 -5.72 47.27 18.98
CA LYS B 16 -5.99 47.54 20.40
C LYS B 16 -6.61 46.35 21.09
N LEU B 17 -7.27 45.46 20.34
CA LEU B 17 -7.92 44.31 20.96
C LEU B 17 -6.92 43.20 21.26
N MET B 18 -6.19 42.74 20.23
CA MET B 18 -5.29 41.61 20.38
C MET B 18 -3.91 41.83 19.81
N GLY B 19 -3.60 43.02 19.30
CA GLY B 19 -2.33 43.28 18.66
C GLY B 19 -1.21 43.53 19.66
N ARG B 20 -0.07 43.98 19.12
CA ARG B 20 1.09 44.26 19.95
C ARG B 20 0.80 45.40 20.92
N THR B 21 0.07 46.41 20.48
CA THR B 21 -0.27 47.55 21.33
C THR B 21 -1.33 47.20 22.36
N SER B 22 -1.95 46.03 22.27
CA SER B 22 -3.05 45.69 23.17
C SER B 22 -2.54 45.35 24.57
N GLY B 23 -1.33 44.79 24.67
CA GLY B 23 -0.84 44.26 25.92
C GLY B 23 -1.34 42.86 26.23
N TYR B 24 -2.13 42.27 25.35
CA TYR B 24 -2.65 40.92 25.56
C TYR B 24 -1.62 39.89 25.10
N ASP B 25 -1.40 38.87 25.93
CA ASP B 25 -0.48 37.79 25.62
C ASP B 25 -1.22 36.46 25.68
N ALA B 26 -0.90 35.58 24.75
CA ALA B 26 -1.57 34.29 24.61
C ALA B 26 -0.94 33.20 25.45
N ARG B 27 0.05 33.52 26.27
CA ARG B 27 0.73 32.53 27.09
C ARG B 27 0.09 32.35 28.46
N ILE B 28 -1.00 33.04 28.74
CA ILE B 28 -1.67 32.97 30.04
C ILE B 28 -3.15 32.72 29.81
N ARG B 29 -3.71 31.74 30.52
CA ARG B 29 -5.12 31.44 30.40
C ARG B 29 -5.96 32.51 31.09
N PRO B 30 -7.23 32.63 30.71
CA PRO B 30 -8.10 33.61 31.38
C PRO B 30 -8.24 33.31 32.86
N ASN B 31 -8.42 34.38 33.63
CA ASN B 31 -8.49 34.36 35.09
C ASN B 31 -7.46 33.39 35.67
N PHE B 32 -6.19 33.72 35.42
CA PHE B 32 -5.09 32.89 35.86
C PHE B 32 -5.08 32.73 37.38
N LYS B 33 -4.81 31.50 37.83
CA LYS B 33 -4.77 31.16 39.26
C LYS B 33 -6.09 31.51 39.95
N GLY B 34 -7.18 31.04 39.36
CA GLY B 34 -8.50 31.22 39.92
C GLY B 34 -9.40 30.05 39.62
N PRO B 35 -10.69 30.33 39.35
CA PRO B 35 -11.60 29.25 38.97
C PRO B 35 -11.20 28.66 37.62
N PRO B 36 -11.44 27.38 37.40
CA PRO B 36 -11.07 26.76 36.12
C PRO B 36 -11.94 27.29 35.00
N VAL B 37 -11.32 27.53 33.84
CA VAL B 37 -12.06 27.99 32.67
C VAL B 37 -12.71 26.80 31.98
N ASN B 38 -14.02 26.86 31.83
CA ASN B 38 -14.78 25.76 31.25
C ASN B 38 -15.00 25.98 29.76
N VAL B 39 -15.05 24.88 29.02
CA VAL B 39 -15.24 24.91 27.57
C VAL B 39 -16.38 23.98 27.21
N THR B 40 -17.35 24.49 26.46
CA THR B 40 -18.50 23.71 26.00
C THR B 40 -18.30 23.40 24.52
N CYS B 41 -18.00 22.15 24.20
CA CYS B 41 -17.64 21.75 22.85
C CYS B 41 -18.71 20.87 22.24
N ASN B 42 -19.01 21.09 20.97
CA ASN B 42 -19.92 20.26 20.20
C ASN B 42 -19.33 20.06 18.80
N ILE B 43 -19.69 18.95 18.17
CA ILE B 43 -19.09 18.59 16.89
C ILE B 43 -20.16 18.58 15.80
N PHE B 44 -19.72 18.30 14.57
CA PHE B 44 -20.63 18.20 13.42
C PHE B 44 -19.99 17.22 12.45
N ILE B 45 -20.55 16.01 12.35
CA ILE B 45 -19.97 14.98 11.50
C ILE B 45 -20.33 15.29 10.05
N ASN B 46 -19.31 15.42 9.21
CA ASN B 46 -19.49 15.67 7.79
C ASN B 46 -19.40 14.41 6.95
N SER B 47 -18.56 13.45 7.35
CA SER B 47 -18.41 12.21 6.62
C SER B 47 -18.13 11.08 7.60
N PHE B 48 -18.21 9.86 7.09
CA PHE B 48 -18.00 8.66 7.90
C PHE B 48 -17.66 7.52 6.96
N GLY B 49 -17.16 6.43 7.54
CA GLY B 49 -16.97 5.22 6.77
C GLY B 49 -15.57 4.68 6.92
N SER B 50 -15.20 3.82 5.98
CA SER B 50 -13.91 3.15 5.96
C SER B 50 -13.66 2.34 7.24
N ILE B 51 -14.74 1.75 7.77
CA ILE B 51 -14.62 0.88 8.93
C ILE B 51 -13.98 -0.42 8.48
N ALA B 52 -12.74 -0.67 8.88
CA ALA B 52 -11.99 -1.85 8.49
C ALA B 52 -11.85 -2.79 9.68
N GLU B 53 -12.23 -4.05 9.49
CA GLU B 53 -12.09 -5.02 10.57
C GLU B 53 -10.64 -5.44 10.76
N THR B 54 -9.84 -5.41 9.70
CA THR B 54 -8.46 -5.87 9.81
C THR B 54 -7.63 -4.95 10.69
N THR B 55 -7.86 -3.64 10.61
CA THR B 55 -7.08 -2.68 11.38
C THR B 55 -7.84 -2.15 12.60
N MET B 56 -9.15 -2.41 12.69
CA MET B 56 -9.96 -1.98 13.82
C MET B 56 -9.90 -0.47 14.01
N ASP B 57 -10.35 0.25 12.98
CA ASP B 57 -10.30 1.70 12.98
C ASP B 57 -11.33 2.23 12.00
N TYR B 58 -11.62 3.52 12.12
CA TYR B 58 -12.57 4.18 11.22
C TYR B 58 -12.19 5.65 11.12
N ARG B 59 -12.60 6.27 10.01
CA ARG B 59 -12.24 7.65 9.71
C ARG B 59 -13.47 8.54 9.74
N VAL B 60 -13.37 9.65 10.46
CA VAL B 60 -14.43 10.64 10.53
C VAL B 60 -13.92 11.94 9.92
N ASN B 61 -14.82 12.92 9.83
CA ASN B 61 -14.49 14.23 9.29
C ASN B 61 -15.40 15.24 9.99
N ILE B 62 -14.89 15.88 11.03
CA ILE B 62 -15.72 16.62 11.97
C ILE B 62 -15.37 18.10 11.93
N PHE B 63 -16.39 18.93 12.18
CA PHE B 63 -16.19 20.37 12.38
C PHE B 63 -16.23 20.63 13.88
N LEU B 64 -15.13 20.29 14.55
CA LEU B 64 -15.05 20.48 15.99
C LEU B 64 -15.21 21.95 16.36
N ARG B 65 -16.04 22.24 17.35
CA ARG B 65 -16.31 23.59 17.79
C ARG B 65 -16.11 23.70 19.30
N GLN B 66 -15.67 24.87 19.75
CA GLN B 66 -15.43 25.11 21.16
C GLN B 66 -15.90 26.51 21.52
N LYS B 67 -16.31 26.70 22.77
CA LYS B 67 -16.73 27.99 23.27
C LYS B 67 -16.18 28.19 24.68
N TRP B 68 -15.69 29.38 24.97
CA TRP B 68 -15.21 29.71 26.30
C TRP B 68 -15.30 31.21 26.50
N ASN B 69 -15.22 31.63 27.77
CA ASN B 69 -15.35 33.03 28.14
C ASN B 69 -14.06 33.52 28.79
N ASP B 70 -13.54 34.63 28.28
CA ASP B 70 -12.43 35.32 28.89
C ASP B 70 -12.76 36.80 28.98
N PRO B 71 -12.39 37.46 30.08
CA PRO B 71 -12.72 38.88 30.25
C PRO B 71 -11.77 39.84 29.55
N ARG B 72 -10.70 39.33 28.93
CA ARG B 72 -9.71 40.20 28.31
C ARG B 72 -10.04 40.54 26.86
N LEU B 73 -11.10 39.98 26.30
CA LEU B 73 -11.50 40.22 24.91
C LEU B 73 -12.87 40.91 24.86
N ALA B 74 -13.09 41.87 25.74
CA ALA B 74 -14.33 42.64 25.77
C ALA B 74 -14.10 43.99 25.10
N TYR B 75 -15.00 44.36 24.20
CA TYR B 75 -14.88 45.58 23.44
C TYR B 75 -16.16 46.39 23.56
N SER B 76 -16.04 47.69 23.27
CA SER B 76 -17.19 48.59 23.27
C SER B 76 -17.24 49.52 22.06
N GLU B 77 -16.25 49.49 21.18
CA GLU B 77 -16.23 50.40 20.04
C GLU B 77 -17.34 50.09 19.05
N TYR B 78 -17.54 48.81 18.73
CA TYR B 78 -18.56 48.42 17.77
C TYR B 78 -19.85 48.08 18.49
N PRO B 79 -20.98 48.73 18.17
CA PRO B 79 -22.25 48.33 18.79
C PRO B 79 -22.66 46.91 18.49
N ASP B 80 -22.33 46.41 17.30
CA ASP B 80 -22.67 45.03 16.95
C ASP B 80 -21.89 44.05 17.80
N ASP B 81 -22.54 42.95 18.17
CA ASP B 81 -21.94 41.98 19.08
C ASP B 81 -21.23 40.86 18.35
N SER B 82 -21.91 40.18 17.44
CA SER B 82 -21.30 39.05 16.73
C SER B 82 -20.31 39.60 15.71
N LEU B 83 -19.03 39.59 16.08
CA LEU B 83 -17.96 40.13 15.25
C LEU B 83 -17.18 38.98 14.62
N ASP B 84 -16.98 39.06 13.30
CA ASP B 84 -16.25 38.04 12.56
C ASP B 84 -14.82 38.50 12.33
N LEU B 85 -13.87 37.60 12.54
CA LEU B 85 -12.46 37.88 12.33
C LEU B 85 -11.88 36.86 11.36
N ASP B 86 -10.70 37.20 10.82
CA ASP B 86 -10.02 36.31 9.91
C ASP B 86 -9.53 35.05 10.64
N PRO B 87 -9.44 33.92 9.94
CA PRO B 87 -8.83 32.74 10.55
C PRO B 87 -7.41 32.97 11.03
N SER B 88 -6.64 33.82 10.34
CA SER B 88 -5.26 34.06 10.70
C SER B 88 -5.10 34.80 12.01
N MET B 89 -6.18 35.35 12.57
CA MET B 89 -6.10 36.04 13.85
C MET B 89 -5.97 35.06 15.01
N LEU B 90 -6.22 33.78 14.79
CA LEU B 90 -6.25 32.79 15.86
C LEU B 90 -4.86 32.49 16.43
N ASP B 91 -3.80 32.99 15.80
CA ASP B 91 -2.46 32.73 16.31
C ASP B 91 -2.05 33.69 17.43
N SER B 92 -2.89 34.65 17.77
CA SER B 92 -2.54 35.66 18.76
C SER B 92 -3.47 35.67 19.97
N ILE B 93 -4.27 34.61 20.17
CA ILE B 93 -5.17 34.53 21.31
C ILE B 93 -4.95 33.19 22.00
N TRP B 94 -5.41 33.10 23.25
CA TRP B 94 -5.31 31.87 24.00
C TRP B 94 -6.23 30.82 23.41
N LYS B 95 -5.74 29.57 23.35
CA LYS B 95 -6.51 28.46 22.80
C LYS B 95 -6.38 27.27 23.74
N PRO B 96 -7.49 26.67 24.17
CA PRO B 96 -7.39 25.53 25.08
C PRO B 96 -6.85 24.30 24.37
N ASP B 97 -6.00 23.56 25.08
CA ASP B 97 -5.48 22.31 24.55
C ASP B 97 -6.60 21.28 24.46
N LEU B 98 -6.57 20.48 23.39
CA LEU B 98 -7.58 19.44 23.20
C LEU B 98 -7.02 18.41 22.22
N PHE B 99 -6.81 17.19 22.69
CA PHE B 99 -6.36 16.10 21.85
C PHE B 99 -7.25 14.89 22.05
N PHE B 100 -7.46 14.15 20.98
CA PHE B 100 -8.31 12.97 21.04
C PHE B 100 -7.51 11.80 21.62
N ALA B 101 -8.07 11.16 22.64
CA ALA B 101 -7.31 10.16 23.39
C ALA B 101 -6.99 8.94 22.52
N ASN B 102 -7.95 8.46 21.76
CA ASN B 102 -7.79 7.26 20.95
C ASN B 102 -7.83 7.66 19.48
N GLU B 103 -6.66 7.89 18.91
CA GLU B 103 -6.56 8.17 17.48
C GLU B 103 -5.19 7.76 16.99
N LYS B 104 -5.17 7.05 15.85
CA LYS B 104 -3.92 6.59 15.26
C LYS B 104 -3.26 7.64 14.40
N GLY B 105 -4.01 8.61 13.89
CA GLY B 105 -3.44 9.68 13.09
C GLY B 105 -4.49 10.71 12.70
N ALA B 106 -4.17 11.98 12.90
CA ALA B 106 -5.08 13.07 12.56
C ALA B 106 -4.29 14.21 11.96
N ASN B 107 -4.97 15.03 11.15
CA ASN B 107 -4.32 16.13 10.45
C ASN B 107 -5.34 17.21 10.17
N PHE B 108 -4.86 18.45 10.06
CA PHE B 108 -5.70 19.56 9.69
C PHE B 108 -6.05 19.47 8.21
N HIS B 109 -6.79 20.47 7.72
CA HIS B 109 -7.13 20.58 6.31
C HIS B 109 -6.90 22.02 5.88
N GLU B 110 -6.01 22.21 4.91
CA GLU B 110 -5.73 23.54 4.37
C GLU B 110 -5.66 23.43 2.85
N VAL B 111 -6.61 24.07 2.17
CA VAL B 111 -6.62 24.16 0.72
C VAL B 111 -7.05 25.59 0.36
N THR B 112 -6.13 26.33 -0.26
CA THR B 112 -6.30 27.72 -0.71
C THR B 112 -6.33 28.67 0.48
N THR B 113 -6.36 28.11 1.69
CA THR B 113 -6.26 28.82 2.96
C THR B 113 -6.39 27.77 4.05
N ASP B 114 -6.23 28.22 5.30
CA ASP B 114 -6.52 27.38 6.44
C ASP B 114 -8.02 27.27 6.64
N ASN B 115 -8.46 26.18 7.28
CA ASN B 115 -9.87 25.95 7.57
C ASN B 115 -10.09 26.20 9.05
N LYS B 116 -10.37 27.45 9.39
CA LYS B 116 -10.65 27.85 10.76
C LYS B 116 -11.70 28.93 10.78
N LEU B 117 -12.38 29.06 11.92
CA LEU B 117 -13.39 30.09 12.11
C LEU B 117 -13.18 30.73 13.47
N LEU B 118 -13.36 32.05 13.53
CA LEU B 118 -13.23 32.79 14.78
C LEU B 118 -14.36 33.80 14.86
N ARG B 119 -14.91 33.97 16.06
CA ARG B 119 -16.02 34.89 16.27
C ARG B 119 -16.01 35.33 17.72
N ILE B 120 -15.99 36.64 17.95
CA ILE B 120 -15.92 37.22 19.28
C ILE B 120 -17.20 37.99 19.55
N PHE B 121 -17.86 37.68 20.66
CA PHE B 121 -19.07 38.38 21.06
C PHE B 121 -18.73 39.60 21.91
N LYS B 122 -19.76 40.39 22.24
CA LYS B 122 -19.54 41.62 22.98
C LYS B 122 -19.08 41.35 24.40
N ASN B 123 -19.69 40.37 25.07
CA ASN B 123 -19.39 40.12 26.48
C ASN B 123 -18.08 39.36 26.67
N GLY B 124 -17.44 38.89 25.60
CA GLY B 124 -16.18 38.19 25.69
C GLY B 124 -16.21 36.73 25.28
N ASN B 125 -17.38 36.15 25.01
CA ASN B 125 -17.45 34.78 24.56
C ASN B 125 -16.77 34.63 23.21
N VAL B 126 -16.11 33.49 23.01
CA VAL B 126 -15.34 33.22 21.80
C VAL B 126 -15.81 31.89 21.22
N LEU B 127 -16.00 31.86 19.91
CA LEU B 127 -16.34 30.64 19.18
C LEU B 127 -15.18 30.28 18.26
N TYR B 128 -14.77 29.02 18.29
CA TYR B 128 -13.60 28.58 17.54
C TYR B 128 -13.89 27.20 16.96
N SER B 129 -14.15 27.13 15.66
CA SER B 129 -14.45 25.89 14.98
C SER B 129 -13.33 25.57 14.00
N ILE B 130 -12.80 24.36 14.08
CA ILE B 130 -11.66 23.94 13.28
C ILE B 130 -12.00 22.62 12.60
N ARG B 131 -11.72 22.53 11.31
CA ARG B 131 -11.98 21.31 10.55
C ARG B 131 -10.87 20.30 10.78
N LEU B 132 -11.24 19.04 10.94
CA LEU B 132 -10.28 17.98 11.24
C LEU B 132 -10.66 16.71 10.50
N THR B 133 -9.68 15.86 10.28
CA THR B 133 -9.88 14.51 9.77
C THR B 133 -9.17 13.54 10.70
N LEU B 134 -9.91 12.58 11.25
CA LEU B 134 -9.42 11.71 12.29
C LEU B 134 -9.48 10.25 11.83
N THR B 135 -8.59 9.43 12.40
CA THR B 135 -8.60 7.99 12.20
C THR B 135 -8.62 7.38 13.60
N LEU B 136 -9.82 7.24 14.16
CA LEU B 136 -9.97 6.76 15.52
C LEU B 136 -9.78 5.25 15.59
N SER B 137 -9.76 4.72 16.81
CA SER B 137 -9.55 3.30 17.04
C SER B 137 -10.62 2.79 18.00
N CYS B 138 -11.30 1.72 17.60
CA CYS B 138 -12.28 1.06 18.47
C CYS B 138 -12.15 -0.45 18.36
N PRO B 139 -11.77 -1.13 19.44
CA PRO B 139 -11.78 -2.59 19.42
C PRO B 139 -13.19 -3.12 19.23
N MET B 140 -13.30 -4.24 18.52
CA MET B 140 -14.58 -4.81 18.16
C MET B 140 -14.67 -6.25 18.67
N ASP B 141 -15.90 -6.66 18.99
CA ASP B 141 -16.19 -8.01 19.45
C ASP B 141 -16.89 -8.75 18.31
N LEU B 142 -16.28 -9.85 17.86
CA LEU B 142 -16.78 -10.62 16.73
C LEU B 142 -17.32 -11.98 17.18
N LYS B 143 -17.97 -12.02 18.34
CA LYS B 143 -18.55 -13.28 18.81
C LYS B 143 -19.64 -13.76 17.86
N ASN B 144 -20.48 -12.85 17.38
CA ASN B 144 -21.50 -13.14 16.38
C ASN B 144 -21.25 -12.19 15.21
N PHE B 145 -20.42 -12.62 14.25
CA PHE B 145 -19.89 -11.70 13.26
C PHE B 145 -20.95 -11.16 12.30
N PRO B 146 -21.68 -11.98 11.54
CA PRO B 146 -22.59 -11.39 10.53
C PRO B 146 -23.73 -10.59 11.12
N MET B 147 -24.03 -10.75 12.40
CA MET B 147 -25.12 -10.02 13.06
C MET B 147 -24.61 -9.32 14.31
N ASP B 148 -23.48 -8.61 14.17
CA ASP B 148 -22.88 -7.92 15.30
C ASP B 148 -23.38 -6.48 15.39
N VAL B 149 -23.25 -5.91 16.57
CA VAL B 149 -23.53 -4.50 16.83
C VAL B 149 -22.30 -3.90 17.51
N GLN B 150 -21.74 -2.87 16.90
CA GLN B 150 -20.49 -2.26 17.37
C GLN B 150 -20.78 -0.93 18.06
N THR B 151 -19.91 -0.57 19.00
CA THR B 151 -19.95 0.73 19.67
C THR B 151 -18.54 1.31 19.61
N CYS B 152 -18.31 2.22 18.66
CA CYS B 152 -17.01 2.85 18.51
C CYS B 152 -16.98 4.18 19.23
N ILE B 153 -15.88 4.44 19.93
CA ILE B 153 -15.80 5.49 20.94
C ILE B 153 -14.85 6.58 20.45
N MET B 154 -15.30 7.83 20.55
CA MET B 154 -14.46 9.00 20.33
C MET B 154 -14.34 9.77 21.64
N GLN B 155 -13.11 10.08 22.04
CA GLN B 155 -12.85 10.73 23.31
C GLN B 155 -12.13 12.06 23.11
N LEU B 156 -12.58 13.09 23.82
CA LEU B 156 -11.92 14.37 23.87
C LEU B 156 -11.29 14.55 25.24
N GLU B 157 -10.07 15.08 25.28
CA GLU B 157 -9.32 15.12 26.53
C GLU B 157 -8.31 16.25 26.48
N SER B 158 -8.19 16.97 27.59
CA SER B 158 -7.17 18.00 27.75
C SER B 158 -5.83 17.36 28.10
N PHE B 159 -4.75 18.01 27.69
CA PHE B 159 -3.41 17.49 27.90
C PHE B 159 -2.53 18.41 28.73
N GLY B 160 -2.49 19.70 28.40
CA GLY B 160 -1.60 20.60 29.10
C GLY B 160 -2.02 20.87 30.53
N TYR B 161 -3.30 21.13 30.76
CA TYR B 161 -3.80 21.56 32.05
C TYR B 161 -4.54 20.43 32.75
N THR B 162 -4.54 20.47 34.07
CA THR B 162 -5.28 19.51 34.87
C THR B 162 -6.75 19.93 34.96
N MET B 163 -7.52 19.20 35.76
CA MET B 163 -8.91 19.61 36.00
C MET B 163 -9.00 20.84 36.88
N ASN B 164 -7.90 21.27 37.49
CA ASN B 164 -7.91 22.48 38.29
C ASN B 164 -7.98 23.74 37.43
N ASP B 165 -7.75 23.63 36.13
CA ASP B 165 -7.74 24.80 35.25
C ASP B 165 -8.69 24.69 34.07
N LEU B 166 -8.82 23.50 33.46
CA LEU B 166 -9.61 23.34 32.26
C LEU B 166 -10.63 22.23 32.46
N ILE B 167 -11.90 22.51 32.14
CA ILE B 167 -12.98 21.55 32.27
C ILE B 167 -13.78 21.53 30.98
N PHE B 168 -14.03 20.33 30.45
CA PHE B 168 -14.79 20.17 29.22
C PHE B 168 -16.19 19.67 29.52
N GLU B 169 -17.18 20.23 28.80
CA GLU B 169 -18.57 19.82 28.94
C GLU B 169 -19.22 19.80 27.56
N TRP B 170 -20.19 18.91 27.40
CA TRP B 170 -20.97 18.87 26.18
C TRP B 170 -21.98 20.00 26.15
N GLN B 171 -22.46 20.33 24.95
CA GLN B 171 -23.51 21.31 24.80
C GLN B 171 -24.85 20.70 25.19
N ASP B 172 -25.69 21.48 25.86
CA ASP B 172 -26.93 20.94 26.41
C ASP B 172 -27.89 20.49 25.31
N GLU B 173 -28.03 21.28 24.25
CA GLU B 173 -28.98 20.99 23.18
C GLU B 173 -28.23 20.64 21.90
N ALA B 174 -28.56 19.48 21.34
CA ALA B 174 -27.96 18.97 20.11
C ALA B 174 -26.43 18.99 20.18
N PRO B 175 -25.83 18.14 21.02
CA PRO B 175 -24.36 18.17 21.11
C PRO B 175 -23.68 17.57 19.88
N VAL B 176 -24.25 16.54 19.28
CA VAL B 176 -23.70 15.92 18.09
C VAL B 176 -24.80 15.83 17.04
N GLN B 177 -24.56 16.41 15.88
CA GLN B 177 -25.51 16.37 14.78
C GLN B 177 -24.84 15.78 13.54
N VAL B 178 -25.63 15.06 12.75
CA VAL B 178 -25.15 14.35 11.57
C VAL B 178 -25.60 15.11 10.33
N ALA B 179 -24.69 15.30 9.38
CA ALA B 179 -25.01 15.99 8.15
C ALA B 179 -26.10 15.24 7.38
N GLU B 180 -27.04 15.99 6.82
CA GLU B 180 -28.14 15.38 6.09
C GLU B 180 -27.64 14.67 4.85
N GLY B 181 -28.28 13.55 4.52
CA GLY B 181 -27.92 12.77 3.35
C GLY B 181 -26.75 11.83 3.55
N LEU B 182 -26.16 11.77 4.74
CA LEU B 182 -25.06 10.86 4.99
C LEU B 182 -25.55 9.42 5.00
N THR B 183 -24.77 8.53 4.39
CA THR B 183 -25.06 7.11 4.40
C THR B 183 -23.77 6.34 4.63
N LEU B 184 -23.91 5.15 5.21
CA LEU B 184 -22.72 4.34 5.43
C LEU B 184 -22.64 3.22 4.39
N PRO B 185 -21.44 2.86 3.95
CA PRO B 185 -21.32 1.84 2.89
C PRO B 185 -21.89 0.49 3.29
N GLN B 186 -21.71 0.08 4.54
CA GLN B 186 -22.14 -1.25 4.97
C GLN B 186 -22.83 -1.29 6.33
N PHE B 187 -22.89 -0.19 7.06
CA PHE B 187 -23.45 -0.17 8.40
C PHE B 187 -24.67 0.75 8.45
N LEU B 188 -25.22 0.89 9.65
CA LEU B 188 -26.32 1.81 9.92
C LEU B 188 -25.96 2.66 11.14
N LEU B 189 -26.57 3.84 11.21
CA LEU B 189 -26.35 4.75 12.32
C LEU B 189 -27.62 4.85 13.16
N LYS B 190 -27.48 4.62 14.46
CA LYS B 190 -28.61 4.76 15.36
C LYS B 190 -28.93 6.24 15.59
N GLU B 191 -30.20 6.52 15.84
CA GLU B 191 -30.65 7.89 16.06
C GLU B 191 -30.25 8.43 17.43
N GLU B 192 -29.77 7.59 18.34
CA GLU B 192 -29.33 8.02 19.65
C GLU B 192 -27.83 7.76 19.79
N LYS B 193 -27.15 8.67 20.47
CA LYS B 193 -25.71 8.58 20.70
C LYS B 193 -25.43 8.89 22.16
N ASP B 194 -24.87 7.92 22.87
CA ASP B 194 -24.62 8.08 24.30
C ASP B 194 -23.50 9.08 24.56
N LEU B 195 -23.64 9.82 25.66
CA LEU B 195 -22.62 10.76 26.11
C LEU B 195 -22.28 10.43 27.56
N ARG B 196 -20.99 10.36 27.86
CA ARG B 196 -20.55 10.03 29.21
C ARG B 196 -19.33 10.86 29.57
N TYR B 197 -18.91 10.73 30.82
CA TYR B 197 -17.69 11.34 31.33
C TYR B 197 -16.65 10.24 31.53
N CYS B 198 -15.39 10.55 31.24
CA CYS B 198 -14.30 9.61 31.48
C CYS B 198 -13.39 10.05 32.62
N THR B 199 -12.91 11.30 32.59
CA THR B 199 -12.10 11.89 33.65
C THR B 199 -10.92 10.99 34.00
N LYS B 200 -10.02 10.82 33.03
CA LYS B 200 -8.90 9.91 33.19
C LYS B 200 -7.96 10.39 34.27
N HIS B 201 -7.42 9.45 35.05
CA HIS B 201 -6.46 9.74 36.10
C HIS B 201 -5.10 9.19 35.70
N TYR B 202 -4.11 10.07 35.63
CA TYR B 202 -2.74 9.71 35.31
C TYR B 202 -1.85 9.94 36.53
N ASN B 203 -0.57 9.61 36.38
CA ASN B 203 0.39 9.85 37.46
C ASN B 203 0.60 11.33 37.71
N THR B 204 0.62 12.14 36.64
CA THR B 204 0.89 13.57 36.80
C THR B 204 -0.23 14.27 37.56
N GLY B 205 -1.48 13.91 37.28
CA GLY B 205 -2.59 14.57 37.95
C GLY B 205 -3.93 14.07 37.41
N LYS B 206 -4.95 14.88 37.61
CA LYS B 206 -6.32 14.56 37.22
C LYS B 206 -6.70 15.37 35.99
N PHE B 207 -6.85 14.70 34.86
CA PHE B 207 -7.15 15.34 33.59
C PHE B 207 -8.60 15.13 33.21
N THR B 208 -9.25 16.19 32.72
CA THR B 208 -10.62 16.09 32.28
C THR B 208 -10.71 15.30 30.98
N CYS B 209 -11.90 14.77 30.71
CA CYS B 209 -12.12 13.94 29.54
C CYS B 209 -13.60 13.98 29.18
N ILE B 210 -13.88 13.61 27.94
CA ILE B 210 -15.23 13.70 27.39
C ILE B 210 -15.38 12.61 26.33
N GLU B 211 -16.49 11.87 26.38
CA GLU B 211 -16.67 10.69 25.53
C GLU B 211 -18.04 10.72 24.87
N VAL B 212 -18.08 10.30 23.61
CA VAL B 212 -19.31 10.18 22.85
C VAL B 212 -19.33 8.81 22.18
N ARG B 213 -20.48 8.13 22.25
CA ARG B 213 -20.63 6.77 21.76
C ARG B 213 -21.40 6.76 20.45
N PHE B 214 -20.91 6.01 19.47
CA PHE B 214 -21.62 5.76 18.22
C PHE B 214 -22.02 4.30 18.16
N HIS B 215 -23.30 4.05 17.93
CA HIS B 215 -23.83 2.69 17.82
C HIS B 215 -23.97 2.33 16.35
N LEU B 216 -23.29 1.27 15.93
CA LEU B 216 -23.35 0.78 14.56
C LEU B 216 -23.85 -0.65 14.57
N GLU B 217 -24.80 -0.95 13.68
CA GLU B 217 -25.27 -2.31 13.49
C GLU B 217 -25.05 -2.71 12.04
N ARG B 218 -24.34 -3.82 11.84
CA ARG B 218 -24.05 -4.31 10.50
C ARG B 218 -25.30 -4.87 9.84
N GLN B 219 -25.40 -4.69 8.54
CA GLN B 219 -26.51 -5.25 7.76
C GLN B 219 -26.03 -6.48 7.01
N MET B 220 -26.75 -7.58 7.19
CA MET B 220 -26.38 -8.88 6.65
C MET B 220 -26.84 -9.09 5.22
N GLY B 221 -27.29 -8.02 4.55
CA GLY B 221 -27.80 -8.18 3.19
C GLY B 221 -26.79 -8.74 2.23
N TYR B 222 -25.53 -8.30 2.36
CA TYR B 222 -24.48 -8.83 1.49
C TYR B 222 -24.08 -10.24 1.89
N TYR B 223 -23.97 -10.49 3.20
CA TYR B 223 -23.50 -11.79 3.67
C TYR B 223 -24.48 -12.89 3.31
N LEU B 224 -25.78 -12.62 3.39
CA LEU B 224 -26.79 -13.57 2.94
C LEU B 224 -26.46 -14.06 1.54
N ILE B 225 -26.46 -13.14 0.57
CA ILE B 225 -26.24 -13.49 -0.83
C ILE B 225 -24.89 -14.16 -1.03
N GLN B 226 -23.87 -13.69 -0.32
CA GLN B 226 -22.52 -14.19 -0.59
C GLN B 226 -22.32 -15.61 -0.06
N MET B 227 -22.81 -15.89 1.15
CA MET B 227 -22.47 -17.13 1.83
C MET B 227 -23.67 -18.01 2.13
N TYR B 228 -24.75 -17.45 2.67
CA TYR B 228 -25.81 -18.30 3.23
C TYR B 228 -26.61 -18.98 2.14
N ILE B 229 -27.00 -18.23 1.10
CA ILE B 229 -27.76 -18.82 0.00
C ILE B 229 -26.95 -19.89 -0.73
N PRO B 230 -25.70 -19.65 -1.15
CA PRO B 230 -24.95 -20.75 -1.78
C PRO B 230 -24.78 -21.97 -0.88
N SER B 231 -24.58 -21.76 0.42
CA SER B 231 -24.45 -22.89 1.34
C SER B 231 -25.75 -23.69 1.39
N LEU B 232 -26.89 -23.01 1.46
CA LEU B 232 -28.17 -23.70 1.47
C LEU B 232 -28.38 -24.48 0.18
N LEU B 233 -28.06 -23.87 -0.96
CA LEU B 233 -28.22 -24.56 -2.24
C LEU B 233 -27.34 -25.80 -2.31
N ILE B 234 -26.09 -25.68 -1.86
CA ILE B 234 -25.17 -26.82 -1.91
C ILE B 234 -25.65 -27.94 -1.00
N VAL B 235 -26.05 -27.61 0.22
CA VAL B 235 -26.46 -28.64 1.16
C VAL B 235 -27.78 -29.28 0.72
N ILE B 236 -28.65 -28.52 0.03
CA ILE B 236 -29.86 -29.12 -0.52
C ILE B 236 -29.53 -30.05 -1.68
N LEU B 237 -28.59 -29.63 -2.54
CA LEU B 237 -28.17 -30.48 -3.65
C LEU B 237 -27.57 -31.78 -3.16
N SER B 238 -26.87 -31.74 -2.01
CA SER B 238 -26.23 -32.94 -1.50
C SER B 238 -27.24 -34.06 -1.22
N TRP B 239 -28.50 -33.70 -0.96
CA TRP B 239 -29.49 -34.70 -0.58
C TRP B 239 -30.06 -35.47 -1.77
N VAL B 240 -29.76 -35.06 -3.00
CA VAL B 240 -30.31 -35.75 -4.16
C VAL B 240 -29.79 -37.19 -4.23
N SER B 241 -28.60 -37.43 -3.69
CA SER B 241 -28.00 -38.76 -3.76
C SER B 241 -28.85 -39.81 -3.05
N PHE B 242 -29.59 -39.43 -2.01
CA PHE B 242 -30.37 -40.40 -1.26
C PHE B 242 -31.50 -40.98 -2.10
N TRP B 243 -32.18 -40.14 -2.88
CA TRP B 243 -33.24 -40.63 -3.75
C TRP B 243 -32.71 -41.46 -4.90
N ILE B 244 -31.43 -41.32 -5.24
CA ILE B 244 -30.83 -42.12 -6.30
C ILE B 244 -30.56 -43.53 -5.78
N ASN B 245 -30.85 -44.53 -6.62
CA ASN B 245 -30.63 -45.91 -6.23
C ASN B 245 -29.14 -46.19 -6.04
N MET B 246 -28.85 -47.16 -5.18
CA MET B 246 -27.46 -47.46 -4.81
C MET B 246 -26.67 -48.09 -5.95
N ASP B 247 -27.32 -48.66 -6.96
CA ASP B 247 -26.59 -49.30 -8.04
C ASP B 247 -25.93 -48.27 -8.96
N ALA B 248 -26.48 -47.06 -9.03
CA ALA B 248 -25.92 -46.01 -9.88
C ALA B 248 -24.76 -45.35 -9.13
N ALA B 249 -23.67 -46.13 -9.00
CA ALA B 249 -22.49 -45.63 -8.30
C ALA B 249 -21.88 -44.38 -8.95
N PRO B 250 -21.69 -44.32 -10.28
CA PRO B 250 -21.13 -43.08 -10.85
C PRO B 250 -21.98 -41.84 -10.58
N ALA B 251 -23.30 -41.96 -10.61
CA ALA B 251 -24.16 -40.80 -10.35
C ALA B 251 -24.00 -40.30 -8.93
N ARG B 252 -23.96 -41.23 -7.97
CA ARG B 252 -23.87 -40.83 -6.54
C ARG B 252 -22.47 -40.28 -6.25
N VAL B 253 -21.42 -40.90 -6.80
CA VAL B 253 -20.09 -40.35 -6.61
C VAL B 253 -19.94 -39.01 -7.34
N ALA B 254 -20.76 -38.76 -8.36
CA ALA B 254 -20.81 -37.43 -8.97
C ALA B 254 -21.44 -36.42 -8.03
N LEU B 255 -22.60 -36.76 -7.46
CA LEU B 255 -23.27 -35.91 -6.50
C LEU B 255 -22.62 -35.95 -5.13
N GLY B 256 -21.45 -36.55 -5.03
CA GLY B 256 -20.62 -36.59 -3.84
C GLY B 256 -19.58 -35.49 -3.89
N ILE B 257 -18.38 -35.80 -4.37
CA ILE B 257 -17.20 -34.94 -4.29
C ILE B 257 -17.49 -33.46 -4.57
N THR B 258 -18.45 -33.18 -5.46
CA THR B 258 -18.65 -31.80 -5.89
C THR B 258 -19.11 -30.90 -4.74
N THR B 259 -20.08 -31.36 -3.94
CA THR B 259 -20.61 -30.50 -2.89
C THR B 259 -19.57 -30.28 -1.79
N VAL B 260 -18.79 -31.30 -1.46
CA VAL B 260 -17.76 -31.10 -0.43
C VAL B 260 -16.66 -30.17 -0.94
N LEU B 261 -16.31 -30.26 -2.22
CA LEU B 261 -15.34 -29.32 -2.77
C LEU B 261 -15.86 -27.89 -2.73
N THR B 262 -17.12 -27.68 -3.12
CA THR B 262 -17.69 -26.34 -3.07
C THR B 262 -17.75 -25.81 -1.64
N MET B 263 -18.12 -26.68 -0.69
CA MET B 263 -18.15 -26.26 0.71
C MET B 263 -16.76 -25.91 1.22
N THR B 264 -15.74 -26.66 0.79
CA THR B 264 -14.37 -26.32 1.16
C THR B 264 -13.99 -24.94 0.63
N THR B 265 -14.35 -24.65 -0.62
CA THR B 265 -14.04 -23.33 -1.19
C THR B 265 -14.75 -22.22 -0.41
N GLN B 266 -16.03 -22.42 -0.11
CA GLN B 266 -16.78 -21.42 0.63
C GLN B 266 -16.17 -21.19 2.02
N SER B 267 -15.81 -22.27 2.71
CA SER B 267 -15.20 -22.14 4.03
C SER B 267 -13.89 -21.40 3.95
N SER B 268 -13.05 -21.73 2.96
CA SER B 268 -11.76 -21.05 2.82
C SER B 268 -11.97 -19.56 2.60
N GLY B 269 -12.87 -19.19 1.68
CA GLY B 269 -13.10 -17.77 1.42
C GLY B 269 -13.63 -17.04 2.64
N SER B 270 -14.65 -17.60 3.29
CA SER B 270 -15.26 -16.93 4.42
C SER B 270 -14.29 -16.77 5.58
N ARG B 271 -13.48 -17.79 5.85
CA ARG B 271 -12.52 -17.71 6.94
C ARG B 271 -11.36 -16.78 6.59
N ALA B 272 -11.00 -16.68 5.32
CA ALA B 272 -9.88 -15.83 4.93
C ALA B 272 -10.28 -14.38 4.73
N SER B 273 -11.57 -14.07 4.71
CA SER B 273 -12.01 -12.69 4.51
C SER B 273 -11.95 -11.84 5.78
N LEU B 274 -11.63 -12.41 6.93
CA LEU B 274 -11.74 -11.75 8.21
C LEU B 274 -10.41 -11.72 8.94
N PRO B 275 -10.22 -10.80 9.88
CA PRO B 275 -8.97 -10.75 10.64
C PRO B 275 -8.89 -11.87 11.67
N LYS B 276 -7.70 -12.01 12.25
CA LYS B 276 -7.45 -13.07 13.21
C LYS B 276 -8.16 -12.80 14.53
N VAL B 277 -8.73 -13.84 15.12
CA VAL B 277 -9.41 -13.75 16.41
C VAL B 277 -9.27 -15.10 17.12
N SER B 278 -9.19 -15.05 18.44
CA SER B 278 -9.02 -16.29 19.22
C SER B 278 -10.29 -17.12 19.22
N TYR B 279 -11.44 -16.49 19.44
CA TYR B 279 -12.69 -17.22 19.61
C TYR B 279 -13.22 -17.71 18.27
N VAL B 280 -14.40 -18.32 18.31
CA VAL B 280 -15.07 -18.84 17.13
C VAL B 280 -16.28 -17.99 16.82
N LYS B 281 -16.41 -17.56 15.57
CA LYS B 281 -17.46 -16.67 15.13
C LYS B 281 -18.67 -17.46 14.67
N ALA B 282 -19.80 -16.76 14.51
CA ALA B 282 -21.04 -17.41 14.08
C ALA B 282 -20.91 -17.97 12.68
N ILE B 283 -20.26 -17.22 11.78
CA ILE B 283 -20.08 -17.71 10.41
C ILE B 283 -19.22 -18.97 10.41
N ASP B 284 -18.24 -19.06 11.31
CA ASP B 284 -17.47 -20.28 11.44
C ASP B 284 -18.33 -21.45 11.87
N ILE B 285 -19.25 -21.22 12.82
CA ILE B 285 -20.14 -22.28 13.27
C ILE B 285 -21.01 -22.77 12.11
N TRP B 286 -21.60 -21.83 11.37
CA TRP B 286 -22.46 -22.22 10.25
C TRP B 286 -21.68 -23.01 9.21
N MET B 287 -20.49 -22.53 8.85
CA MET B 287 -19.69 -23.20 7.83
C MET B 287 -19.26 -24.58 8.30
N ALA B 288 -18.86 -24.71 9.56
CA ALA B 288 -18.45 -26.00 10.08
C ALA B 288 -19.61 -26.99 10.08
N VAL B 289 -20.80 -26.54 10.48
CA VAL B 289 -21.94 -27.45 10.51
C VAL B 289 -22.33 -27.89 9.10
N CYS B 290 -22.31 -26.96 8.14
CA CYS B 290 -22.67 -27.34 6.78
C CYS B 290 -21.63 -28.29 6.18
N LEU B 291 -20.34 -28.05 6.44
CA LEU B 291 -19.30 -28.96 5.99
C LEU B 291 -19.47 -30.34 6.61
N LEU B 292 -19.81 -30.38 7.90
CA LEU B 292 -20.05 -31.65 8.56
C LEU B 292 -21.25 -32.37 7.97
N PHE B 293 -22.29 -31.63 7.58
CA PHE B 293 -23.45 -32.28 6.96
C PHE B 293 -23.09 -32.88 5.60
N VAL B 294 -22.30 -32.16 4.80
CA VAL B 294 -21.86 -32.73 3.52
C VAL B 294 -21.01 -33.96 3.75
N PHE B 295 -20.10 -33.91 4.72
CA PHE B 295 -19.28 -35.06 5.07
C PHE B 295 -20.15 -36.23 5.51
N SER B 296 -21.20 -35.96 6.29
CA SER B 296 -22.10 -37.01 6.73
C SER B 296 -22.87 -37.63 5.56
N ALA B 297 -23.25 -36.81 4.57
CA ALA B 297 -23.89 -37.36 3.39
C ALA B 297 -22.95 -38.30 2.64
N LEU B 298 -21.69 -37.89 2.47
CA LEU B 298 -20.72 -38.76 1.82
C LEU B 298 -20.50 -40.04 2.62
N LEU B 299 -20.43 -39.90 3.94
CA LEU B 299 -20.23 -41.08 4.80
C LEU B 299 -21.42 -42.02 4.72
N GLU B 300 -22.64 -41.47 4.63
CA GLU B 300 -23.82 -42.30 4.46
C GLU B 300 -23.77 -43.04 3.12
N TYR B 301 -23.33 -42.37 2.06
CA TYR B 301 -23.13 -43.06 0.79
C TYR B 301 -22.15 -44.22 0.96
N ALA B 302 -21.04 -43.97 1.65
CA ALA B 302 -20.03 -45.02 1.84
C ALA B 302 -20.60 -46.19 2.65
N ALA B 303 -21.37 -45.89 3.70
CA ALA B 303 -21.94 -46.95 4.52
C ALA B 303 -22.96 -47.77 3.74
N VAL B 304 -23.81 -47.12 2.95
CA VAL B 304 -24.77 -47.84 2.13
C VAL B 304 -24.05 -48.73 1.12
N ASN B 305 -23.00 -48.20 0.49
CA ASN B 305 -22.24 -48.98 -0.47
C ASN B 305 -21.57 -50.17 0.20
N PHE B 306 -21.05 -49.98 1.42
CA PHE B 306 -20.40 -51.07 2.14
C PHE B 306 -21.39 -52.15 2.53
N VAL B 307 -22.58 -51.76 2.99
CA VAL B 307 -23.58 -52.75 3.39
C VAL B 307 -24.12 -53.48 2.16
N SER B 308 -24.31 -52.77 1.06
CA SER B 308 -24.86 -53.40 -0.14
C SER B 308 -23.91 -54.43 -0.73
N ARG B 309 -22.59 -54.20 -0.66
CA ARG B 309 -21.60 -55.08 -1.25
C ARG B 309 -21.15 -56.19 -0.30
N GLN B 310 -21.97 -56.53 0.70
CA GLN B 310 -21.66 -57.63 1.62
C GLN B 310 -22.01 -58.94 0.95
N HIS B 311 -21.05 -59.48 0.19
CA HIS B 311 -21.25 -60.72 -0.54
C HIS B 311 -21.41 -61.89 0.42
N LYS B 377 -29.20 -61.19 -0.63
CA LYS B 377 -29.94 -61.96 0.35
C LYS B 377 -30.31 -61.09 1.55
N VAL B 378 -31.39 -60.31 1.38
CA VAL B 378 -31.97 -59.44 2.40
C VAL B 378 -31.08 -58.22 2.64
N PHE B 379 -29.82 -58.29 2.21
CA PHE B 379 -28.92 -57.14 2.37
C PHE B 379 -29.41 -55.94 1.57
N ILE B 380 -29.93 -56.19 0.36
CA ILE B 380 -30.45 -55.10 -0.46
C ILE B 380 -31.63 -54.43 0.23
N ASP B 381 -32.49 -55.22 0.89
CA ASP B 381 -33.60 -54.64 1.62
C ASP B 381 -33.12 -53.76 2.77
N ARG B 382 -32.08 -54.18 3.49
CA ARG B 382 -31.50 -53.36 4.55
C ARG B 382 -30.91 -52.07 3.99
N ALA B 383 -30.23 -52.15 2.85
CA ALA B 383 -29.69 -50.94 2.23
C ALA B 383 -30.81 -49.99 1.83
N LYS B 384 -31.89 -50.52 1.26
CA LYS B 384 -33.02 -49.67 0.91
C LYS B 384 -33.62 -49.03 2.15
N LYS B 385 -33.75 -49.79 3.24
CA LYS B 385 -34.32 -49.25 4.47
C LYS B 385 -33.46 -48.13 5.03
N ILE B 386 -32.14 -48.33 5.06
CA ILE B 386 -31.27 -47.30 5.62
C ILE B 386 -31.25 -46.07 4.73
N ASP B 387 -31.29 -46.26 3.40
CA ASP B 387 -31.34 -45.11 2.51
C ASP B 387 -32.63 -44.32 2.71
N THR B 388 -33.76 -45.02 2.84
CA THR B 388 -35.03 -44.33 3.08
C THR B 388 -35.01 -43.59 4.42
N ILE B 389 -34.45 -44.22 5.46
CA ILE B 389 -34.38 -43.57 6.76
C ILE B 389 -33.52 -42.32 6.69
N SER B 390 -32.38 -42.39 6.01
CA SER B 390 -31.53 -41.22 5.87
C SER B 390 -32.23 -40.11 5.10
N ARG B 391 -32.90 -40.46 3.98
CA ARG B 391 -33.58 -39.45 3.18
C ARG B 391 -34.73 -38.81 3.93
N ALA B 392 -35.35 -39.55 4.86
CA ALA B 392 -36.43 -38.98 5.64
C ALA B 392 -35.96 -38.25 6.89
N CYS B 393 -34.74 -38.51 7.35
CA CYS B 393 -34.24 -37.93 8.59
C CYS B 393 -33.36 -36.71 8.38
N PHE B 394 -32.47 -36.72 7.39
CA PHE B 394 -31.56 -35.60 7.21
C PHE B 394 -32.26 -34.25 7.03
N PRO B 395 -33.33 -34.12 6.23
CA PRO B 395 -34.00 -32.81 6.16
C PRO B 395 -34.53 -32.33 7.51
N LEU B 396 -35.03 -33.24 8.35
CA LEU B 396 -35.52 -32.83 9.66
C LEU B 396 -34.39 -32.31 10.54
N ALA B 397 -33.24 -33.00 10.53
CA ALA B 397 -32.10 -32.54 11.30
C ALA B 397 -31.61 -31.18 10.81
N PHE B 398 -31.54 -31.00 9.50
CA PHE B 398 -31.10 -29.72 8.96
C PHE B 398 -32.07 -28.62 9.36
N LEU B 399 -33.38 -28.90 9.27
CA LEU B 399 -34.37 -27.89 9.63
C LEU B 399 -34.28 -27.52 11.11
N ILE B 400 -34.11 -28.51 11.99
CA ILE B 400 -34.06 -28.18 13.41
C ILE B 400 -32.79 -27.41 13.74
N PHE B 401 -31.65 -27.81 13.15
CA PHE B 401 -30.43 -27.03 13.36
C PHE B 401 -30.59 -25.60 12.85
N ASN B 402 -31.17 -25.45 11.66
CA ASN B 402 -31.31 -24.13 11.06
C ASN B 402 -32.19 -23.24 11.91
N ILE B 403 -33.34 -23.76 12.35
CA ILE B 403 -34.26 -22.93 13.13
C ILE B 403 -33.65 -22.58 14.47
N PHE B 404 -32.98 -23.53 15.13
CA PHE B 404 -32.37 -23.24 16.41
C PHE B 404 -31.27 -22.18 16.27
N TYR B 405 -30.42 -22.34 15.25
CA TYR B 405 -29.33 -21.39 15.03
C TYR B 405 -29.87 -19.99 14.76
N TRP B 406 -30.83 -19.88 13.83
CA TRP B 406 -31.35 -18.57 13.49
C TRP B 406 -32.06 -17.91 14.68
N VAL B 407 -32.87 -18.69 15.42
CA VAL B 407 -33.60 -18.07 16.52
C VAL B 407 -32.63 -17.63 17.62
N ILE B 408 -31.61 -18.45 17.93
CA ILE B 408 -30.71 -18.06 19.01
C ILE B 408 -29.88 -16.85 18.61
N TYR B 409 -29.36 -16.83 17.38
CA TYR B 409 -28.52 -15.71 16.95
C TYR B 409 -29.32 -14.50 16.52
N LYS B 410 -30.65 -14.59 16.47
CA LYS B 410 -31.47 -13.42 16.18
C LYS B 410 -32.20 -12.87 17.40
N ILE B 411 -32.35 -13.65 18.47
CA ILE B 411 -33.04 -13.21 19.68
C ILE B 411 -32.14 -13.31 20.91
N LEU B 412 -31.59 -14.50 21.17
CA LEU B 412 -30.91 -14.74 22.43
C LEU B 412 -29.44 -14.34 22.42
N ARG B 413 -28.94 -13.82 21.31
CA ARG B 413 -27.53 -13.42 21.24
C ARG B 413 -27.30 -12.11 21.95
N MET C 8 2.78 41.75 41.06
CA MET C 8 3.49 41.33 39.86
C MET C 8 2.59 40.55 38.92
N SER C 9 2.41 41.07 37.72
CA SER C 9 1.60 40.37 36.72
C SER C 9 2.29 39.08 36.32
N PRO C 10 1.53 38.01 36.07
CA PRO C 10 2.16 36.73 35.68
C PRO C 10 3.01 36.82 34.43
N SER C 11 2.65 37.70 33.48
CA SER C 11 3.47 37.87 32.29
C SER C 11 4.86 38.40 32.65
N ASP C 12 4.91 39.37 33.57
CA ASP C 12 6.20 39.89 34.01
C ASP C 12 7.01 38.81 34.71
N PHE C 13 6.35 37.98 35.53
CA PHE C 13 7.06 36.89 36.19
C PHE C 13 7.63 35.90 35.19
N LEU C 14 6.85 35.54 34.17
CA LEU C 14 7.35 34.63 33.15
C LEU C 14 8.51 35.25 32.37
N ASP C 15 8.43 36.55 32.09
CA ASP C 15 9.53 37.22 31.41
C ASP C 15 10.80 37.22 32.26
N LYS C 16 10.65 37.43 33.57
CA LYS C 16 11.81 37.47 34.46
C LYS C 16 12.39 36.07 34.68
N LEU C 17 11.54 35.04 34.66
CA LEU C 17 12.02 33.69 34.92
C LEU C 17 12.84 33.15 33.76
N MET C 18 12.23 33.07 32.57
CA MET C 18 12.89 32.49 31.41
C MET C 18 12.59 33.27 30.13
N GLY C 19 12.25 34.55 30.22
CA GLY C 19 11.90 35.36 29.08
C GLY C 19 13.08 36.11 28.51
N ARG C 20 12.76 37.18 27.78
CA ARG C 20 13.80 37.97 27.11
C ARG C 20 14.72 38.65 28.10
N THR C 21 14.16 39.20 29.19
CA THR C 21 14.95 39.89 30.20
C THR C 21 15.47 38.97 31.29
N SER C 22 15.19 37.66 31.20
CA SER C 22 15.63 36.74 32.24
C SER C 22 17.13 36.54 32.22
N GLY C 23 17.72 36.44 31.04
CA GLY C 23 19.12 36.07 30.90
C GLY C 23 19.37 34.58 30.81
N TYR C 24 18.33 33.76 30.95
CA TYR C 24 18.47 32.32 30.82
C TYR C 24 18.40 31.93 29.35
N ASP C 25 19.42 31.24 28.88
CA ASP C 25 19.50 30.79 27.50
C ASP C 25 19.45 29.27 27.44
N ALA C 26 18.59 28.75 26.58
CA ALA C 26 18.42 27.30 26.40
C ALA C 26 19.54 26.67 25.63
N ARG C 27 20.60 27.43 25.34
CA ARG C 27 21.71 26.96 24.52
C ARG C 27 22.82 26.33 25.35
N ILE C 28 22.71 26.34 26.68
CA ILE C 28 23.73 25.82 27.57
C ILE C 28 23.06 24.93 28.61
N ARG C 29 23.57 23.71 28.76
CA ARG C 29 23.01 22.79 29.73
C ARG C 29 23.33 23.26 31.15
N PRO C 30 22.49 22.88 32.13
CA PRO C 30 22.81 23.23 33.52
C PRO C 30 24.12 22.61 33.96
N ASN C 31 24.86 23.35 34.78
CA ASN C 31 26.17 22.93 35.28
C ASN C 31 27.11 22.66 34.11
N PHE C 32 27.43 23.72 33.36
CA PHE C 32 28.24 23.60 32.17
C PHE C 32 29.63 23.05 32.49
N LYS C 33 29.89 21.83 32.05
CA LYS C 33 31.13 21.11 32.35
C LYS C 33 31.43 21.10 33.85
N GLY C 34 30.42 20.69 34.61
CA GLY C 34 30.61 20.32 36.00
C GLY C 34 30.22 18.87 36.19
N PRO C 35 29.41 18.59 37.21
CA PRO C 35 28.85 17.25 37.33
C PRO C 35 27.81 17.01 36.25
N PRO C 36 27.64 15.77 35.80
CA PRO C 36 26.63 15.48 34.77
C PRO C 36 25.22 15.63 35.34
N VAL C 37 24.31 16.10 34.48
CA VAL C 37 22.91 16.24 34.87
C VAL C 37 22.19 14.91 34.68
N ASN C 38 21.53 14.45 35.74
CA ASN C 38 20.82 13.17 35.71
C ASN C 38 19.36 13.41 35.33
N VAL C 39 18.81 12.48 34.55
CA VAL C 39 17.44 12.56 34.08
C VAL C 39 16.73 11.26 34.42
N THR C 40 15.58 11.36 35.09
CA THR C 40 14.77 10.20 35.44
C THR C 40 13.57 10.16 34.50
N CYS C 41 13.47 9.13 33.68
CA CYS C 41 12.43 9.01 32.67
C CYS C 41 11.54 7.81 32.95
N ASN C 42 10.24 8.01 32.76
CA ASN C 42 9.26 6.93 32.83
C ASN C 42 8.22 7.15 31.74
N ILE C 43 7.60 6.06 31.30
CA ILE C 43 6.70 6.13 30.16
C ILE C 43 5.31 5.67 30.53
N PHE C 44 4.40 5.69 29.56
CA PHE C 44 3.00 5.31 29.78
C PHE C 44 2.46 4.82 28.45
N ILE C 45 2.25 3.51 28.32
CA ILE C 45 1.79 2.94 27.07
C ILE C 45 0.28 3.14 26.96
N ASN C 46 -0.13 4.04 26.05
CA ASN C 46 -1.55 4.31 25.85
C ASN C 46 -2.19 3.28 24.92
N SER C 47 -1.48 2.85 23.87
CA SER C 47 -1.98 1.87 22.94
C SER C 47 -0.84 0.96 22.51
N PHE C 48 -1.19 -0.24 22.06
CA PHE C 48 -0.20 -1.24 21.69
C PHE C 48 -0.84 -2.19 20.69
N GLY C 49 -0.02 -2.66 19.74
CA GLY C 49 -0.52 -3.62 18.78
C GLY C 49 0.17 -3.44 17.44
N SER C 50 -0.47 -3.97 16.40
CA SER C 50 0.05 -3.94 15.04
C SER C 50 1.38 -4.68 14.93
N ILE C 51 1.46 -5.85 15.56
CA ILE C 51 2.65 -6.69 15.45
C ILE C 51 2.56 -7.48 14.15
N ALA C 52 3.54 -7.28 13.27
CA ALA C 52 3.56 -7.91 11.96
C ALA C 52 4.87 -8.64 11.76
N GLU C 53 4.79 -9.94 11.45
CA GLU C 53 5.98 -10.72 11.18
C GLU C 53 6.57 -10.44 9.80
N THR C 54 5.72 -10.02 8.85
CA THR C 54 6.21 -9.78 7.49
C THR C 54 7.17 -8.61 7.43
N THR C 55 7.09 -7.68 8.39
CA THR C 55 7.99 -6.55 8.46
C THR C 55 8.83 -6.53 9.72
N MET C 56 8.50 -7.35 10.73
CA MET C 56 9.24 -7.42 11.98
C MET C 56 9.30 -6.05 12.67
N ASP C 57 8.12 -5.55 13.01
CA ASP C 57 8.00 -4.26 13.68
C ASP C 57 6.68 -4.21 14.42
N TYR C 58 6.56 -3.25 15.33
CA TYR C 58 5.33 -3.05 16.08
C TYR C 58 5.22 -1.59 16.47
N ARG C 59 3.99 -1.15 16.71
CA ARG C 59 3.70 0.26 16.97
C ARG C 59 3.24 0.44 18.41
N VAL C 60 3.71 1.52 19.04
CA VAL C 60 3.30 1.89 20.38
C VAL C 60 2.83 3.34 20.35
N ASN C 61 2.27 3.77 21.49
CA ASN C 61 1.78 5.14 21.64
C ASN C 61 2.01 5.52 23.09
N ILE C 62 3.13 6.20 23.36
CA ILE C 62 3.64 6.36 24.72
C ILE C 62 3.55 7.82 25.13
N PHE C 63 3.33 8.02 26.44
CA PHE C 63 3.40 9.36 27.05
C PHE C 63 4.75 9.49 27.73
N LEU C 64 5.79 9.70 26.93
CA LEU C 64 7.13 9.83 27.47
C LEU C 64 7.21 10.98 28.47
N ARG C 65 7.79 10.72 29.63
CA ARG C 65 7.94 11.73 30.67
C ARG C 65 9.37 11.77 31.16
N GLN C 66 9.89 12.97 31.38
CA GLN C 66 11.27 13.16 31.81
C GLN C 66 11.30 14.15 32.97
N LYS C 67 12.25 13.95 33.88
CA LYS C 67 12.44 14.82 35.02
C LYS C 67 13.92 15.12 35.20
N TRP C 68 14.23 16.39 35.44
CA TRP C 68 15.62 16.79 35.70
C TRP C 68 15.61 18.08 36.52
N ASN C 69 16.78 18.42 37.05
CA ASN C 69 16.93 19.58 37.91
C ASN C 69 17.94 20.55 37.31
N ASP C 70 17.54 21.81 37.22
CA ASP C 70 18.43 22.90 36.85
C ASP C 70 18.24 24.06 37.81
N PRO C 71 19.32 24.73 38.21
CA PRO C 71 19.23 25.80 39.20
C PRO C 71 18.75 27.14 38.65
N ARG C 72 18.75 27.33 37.34
CA ARG C 72 18.39 28.60 36.75
C ARG C 72 16.88 28.82 36.67
N LEU C 73 16.08 27.79 36.93
CA LEU C 73 14.63 27.89 36.89
C LEU C 73 14.03 27.78 38.29
N ALA C 74 14.71 28.36 39.27
CA ALA C 74 14.22 28.40 40.64
C ALA C 74 13.62 29.77 40.92
N TYR C 75 12.36 29.78 41.35
CA TYR C 75 11.62 31.02 41.57
C TYR C 75 11.20 31.12 43.03
N SER C 76 10.89 32.36 43.44
CA SER C 76 10.45 32.63 44.80
C SER C 76 9.24 33.55 44.87
N GLU C 77 8.80 34.13 43.75
CA GLU C 77 7.67 35.05 43.80
C GLU C 77 6.37 34.32 44.16
N TYR C 78 6.08 33.23 43.48
CA TYR C 78 4.83 32.50 43.71
C TYR C 78 5.02 31.52 44.85
N PRO C 79 4.22 31.60 45.92
CA PRO C 79 4.38 30.65 47.03
C PRO C 79 4.12 29.21 46.66
N ASP C 80 3.21 28.95 45.73
CA ASP C 80 2.90 27.57 45.36
C ASP C 80 4.07 26.94 44.62
N ASP C 81 4.16 25.61 44.74
CA ASP C 81 5.29 24.87 44.18
C ASP C 81 5.03 24.38 42.76
N SER C 82 3.89 23.73 42.52
CA SER C 82 3.58 23.17 41.21
C SER C 82 2.97 24.28 40.34
N LEU C 83 3.76 24.80 39.41
CA LEU C 83 3.32 25.84 38.49
C LEU C 83 3.28 25.28 37.08
N ASP C 84 2.16 25.44 36.39
CA ASP C 84 1.96 24.89 35.06
C ASP C 84 2.20 25.97 34.01
N LEU C 85 2.83 25.58 32.91
CA LEU C 85 3.12 26.50 31.81
C LEU C 85 2.54 25.96 30.52
N ASP C 86 2.45 26.84 29.53
CA ASP C 86 1.86 26.46 28.25
C ASP C 86 2.80 25.53 27.48
N PRO C 87 2.25 24.69 26.60
CA PRO C 87 3.12 23.85 25.76
C PRO C 87 4.06 24.65 24.88
N SER C 88 3.64 25.82 24.40
CA SER C 88 4.47 26.63 23.52
C SER C 88 5.65 27.25 24.25
N MET C 89 5.64 27.27 25.59
CA MET C 89 6.75 27.80 26.36
C MET C 89 7.96 26.88 26.35
N LEU C 90 7.81 25.62 25.91
CA LEU C 90 8.87 24.64 25.96
C LEU C 90 10.02 24.93 25.01
N ASP C 91 9.86 25.87 24.09
CA ASP C 91 10.92 26.16 23.13
C ASP C 91 11.97 27.10 23.69
N SER C 92 11.85 27.53 24.95
CA SER C 92 12.77 28.48 25.55
C SER C 92 13.53 27.92 26.74
N ILE C 93 13.53 26.60 26.93
CA ILE C 93 14.29 25.98 28.01
C ILE C 93 15.13 24.85 27.43
N TRP C 94 16.20 24.50 28.17
CA TRP C 94 17.06 23.41 27.76
C TRP C 94 16.35 22.07 27.92
N LYS C 95 16.39 21.26 26.89
CA LYS C 95 15.74 19.95 26.89
C LYS C 95 16.77 18.88 26.56
N PRO C 96 16.88 17.83 27.36
CA PRO C 96 17.87 16.79 27.06
C PRO C 96 17.54 16.06 25.77
N ASP C 97 18.59 15.74 25.01
CA ASP C 97 18.42 14.96 23.80
C ASP C 97 17.99 13.54 24.15
N LEU C 98 17.09 12.99 23.35
CA LEU C 98 16.61 11.62 23.60
C LEU C 98 16.06 11.08 22.29
N PHE C 99 16.75 10.11 21.71
CA PHE C 99 16.31 9.45 20.49
C PHE C 99 16.23 7.95 20.73
N PHE C 100 15.24 7.32 20.11
CA PHE C 100 15.05 5.88 20.25
C PHE C 100 15.94 5.16 19.25
N ALA C 101 16.77 4.24 19.75
CA ALA C 101 17.78 3.61 18.91
C ALA C 101 17.15 2.71 17.86
N ASN C 102 16.21 1.85 18.25
CA ASN C 102 15.59 0.91 17.34
C ASN C 102 14.16 1.37 17.03
N GLU C 103 14.05 2.23 16.02
CA GLU C 103 12.76 2.66 15.52
C GLU C 103 12.87 3.04 14.06
N LYS C 104 11.92 2.55 13.26
CA LYS C 104 11.89 2.86 11.84
C LYS C 104 11.33 4.24 11.54
N GLY C 105 10.35 4.69 12.31
CA GLY C 105 9.76 6.00 12.09
C GLY C 105 8.88 6.45 13.24
N ALA C 106 9.06 7.70 13.66
CA ALA C 106 8.29 8.26 14.75
C ALA C 106 7.85 9.67 14.39
N ASN C 107 6.79 10.14 15.04
CA ASN C 107 6.28 11.48 14.79
C ASN C 107 5.48 11.93 16.00
N PHE C 108 5.43 13.25 16.18
CA PHE C 108 4.62 13.81 17.24
C PHE C 108 3.14 13.78 16.87
N HIS C 109 2.31 14.20 17.81
CA HIS C 109 0.88 14.39 17.57
C HIS C 109 0.55 15.87 17.76
N GLU C 110 0.04 16.50 16.71
CA GLU C 110 -0.28 17.92 16.72
C GLU C 110 -1.70 18.09 16.20
N VAL C 111 -2.68 17.99 17.10
CA VAL C 111 -4.09 18.14 16.76
C VAL C 111 -4.66 19.24 17.64
N THR C 112 -5.07 20.34 17.00
CA THR C 112 -5.70 21.52 17.61
C THR C 112 -4.71 22.30 18.46
N THR C 113 -3.51 21.74 18.67
CA THR C 113 -2.38 22.39 19.33
C THR C 113 -1.26 21.37 19.36
N ASP C 114 -0.12 21.78 19.92
CA ASP C 114 0.94 20.84 20.22
C ASP C 114 0.57 20.01 21.45
N ASN C 115 0.94 18.73 21.43
CA ASN C 115 0.66 17.82 22.53
C ASN C 115 1.91 17.69 23.39
N LYS C 116 2.10 18.66 24.29
CA LYS C 116 3.22 18.67 25.21
C LYS C 116 2.75 19.24 26.55
N LEU C 117 3.50 18.92 27.59
CA LEU C 117 3.21 19.40 28.94
C LEU C 117 4.49 19.91 29.57
N LEU C 118 4.35 20.92 30.42
CA LEU C 118 5.47 21.50 31.14
C LEU C 118 5.02 21.89 32.54
N ARG C 119 5.88 21.64 33.52
CA ARG C 119 5.58 21.95 34.90
C ARG C 119 6.88 22.20 35.64
N ILE C 120 6.95 23.30 36.38
CA ILE C 120 8.15 23.72 37.08
C ILE C 120 7.86 23.79 38.57
N PHE C 121 8.69 23.11 39.36
CA PHE C 121 8.54 23.13 40.81
C PHE C 121 9.35 24.28 41.40
N LYS C 122 9.24 24.46 42.72
CA LYS C 122 9.93 25.56 43.37
C LYS C 122 11.43 25.33 43.43
N ASN C 123 11.85 24.11 43.76
CA ASN C 123 13.27 23.82 43.93
C ASN C 123 14.04 23.81 42.61
N GLY C 124 13.34 23.83 41.47
CA GLY C 124 13.96 23.79 40.17
C GLY C 124 13.69 22.53 39.38
N ASN C 125 13.01 21.54 39.96
CA ASN C 125 12.66 20.34 39.23
C ASN C 125 11.69 20.65 38.11
N VAL C 126 11.89 20.01 36.97
CA VAL C 126 11.09 20.25 35.77
C VAL C 126 10.51 18.92 35.30
N LEU C 127 9.22 18.91 34.98
CA LEU C 127 8.55 17.76 34.40
C LEU C 127 8.16 18.10 32.97
N TYR C 128 8.39 17.14 32.06
CA TYR C 128 8.19 17.39 30.63
C TYR C 128 7.68 16.09 30.01
N SER C 129 6.37 16.04 29.75
CA SER C 129 5.74 14.87 29.18
C SER C 129 5.26 15.19 27.77
N ILE C 130 5.70 14.40 26.81
CA ILE C 130 5.43 14.65 25.39
C ILE C 130 4.87 13.37 24.78
N ARG C 131 3.76 13.51 24.07
CA ARG C 131 3.11 12.36 23.45
C ARG C 131 3.80 12.00 22.14
N LEU C 132 3.97 10.70 21.92
CA LEU C 132 4.68 10.20 20.75
C LEU C 132 4.00 8.94 20.23
N THR C 133 4.21 8.65 18.96
CA THR C 133 3.84 7.38 18.35
C THR C 133 5.05 6.83 17.62
N LEU C 134 5.38 5.57 17.88
CA LEU C 134 6.61 4.98 17.39
C LEU C 134 6.32 3.68 16.65
N THR C 135 7.18 3.37 15.69
CA THR C 135 7.16 2.10 14.97
C THR C 135 8.51 1.43 15.23
N LEU C 136 8.60 0.71 16.35
CA LEU C 136 9.86 0.11 16.76
C LEU C 136 10.17 -1.12 15.91
N SER C 137 11.35 -1.69 16.12
CA SER C 137 11.81 -2.84 15.36
C SER C 137 12.35 -3.89 16.31
N CYS C 138 11.88 -5.14 16.14
CA CYS C 138 12.40 -6.27 16.91
C CYS C 138 12.40 -7.52 16.06
N PRO C 139 13.57 -8.07 15.73
CA PRO C 139 13.62 -9.34 15.01
C PRO C 139 13.04 -10.46 15.85
N MET C 140 12.40 -11.42 15.17
CA MET C 140 11.69 -12.49 15.84
C MET C 140 12.28 -13.84 15.46
N ASP C 141 12.05 -14.82 16.32
CA ASP C 141 12.44 -16.21 16.09
C ASP C 141 11.20 -17.04 15.85
N LEU C 142 11.15 -17.71 14.71
CA LEU C 142 9.98 -18.49 14.31
C LEU C 142 10.33 -19.98 14.21
N LYS C 143 11.13 -20.47 15.15
CA LYS C 143 11.45 -21.89 15.18
C LYS C 143 10.20 -22.73 15.42
N ASN C 144 9.35 -22.29 16.36
CA ASN C 144 8.07 -22.94 16.64
C ASN C 144 7.01 -21.85 16.51
N PHE C 145 6.54 -21.63 15.28
CA PHE C 145 5.73 -20.46 14.99
C PHE C 145 4.41 -20.41 15.75
N PRO C 146 3.57 -21.45 15.74
CA PRO C 146 2.27 -21.33 16.44
C PRO C 146 2.39 -21.20 17.95
N MET C 147 3.54 -21.55 18.54
CA MET C 147 3.70 -21.50 20.00
C MET C 147 5.02 -20.83 20.35
N ASP C 148 5.29 -19.68 19.74
CA ASP C 148 6.53 -18.95 20.00
C ASP C 148 6.29 -17.86 21.04
N VAL C 149 7.38 -17.45 21.69
CA VAL C 149 7.37 -16.37 22.66
C VAL C 149 8.35 -15.31 22.19
N GLN C 150 7.88 -14.07 22.06
CA GLN C 150 8.67 -12.98 21.52
C GLN C 150 9.00 -11.97 22.60
N THR C 151 10.19 -11.38 22.49
CA THR C 151 10.63 -10.32 23.41
C THR C 151 11.10 -9.14 22.56
N CYS C 152 10.27 -8.10 22.50
CA CYS C 152 10.62 -6.91 21.74
C CYS C 152 11.18 -5.83 22.65
N ILE C 153 12.07 -5.02 22.10
CA ILE C 153 12.94 -4.14 22.87
C ILE C 153 12.70 -2.70 22.45
N MET C 154 12.57 -1.81 23.45
CA MET C 154 12.53 -0.37 23.23
C MET C 154 13.67 0.27 23.98
N GLN C 155 14.47 1.08 23.29
CA GLN C 155 15.66 1.69 23.86
C GLN C 155 15.56 3.20 23.81
N LEU C 156 15.90 3.85 24.92
CA LEU C 156 16.03 5.30 24.99
C LEU C 156 17.49 5.65 25.17
N GLU C 157 18.01 6.49 24.28
CA GLU C 157 19.45 6.78 24.26
C GLU C 157 19.67 8.26 24.00
N SER C 158 20.74 8.78 24.59
CA SER C 158 21.17 10.15 24.32
C SER C 158 22.06 10.17 23.08
N PHE C 159 21.99 11.27 22.36
CA PHE C 159 22.74 11.42 21.11
C PHE C 159 23.76 12.55 21.18
N GLY C 160 23.34 13.76 21.56
CA GLY C 160 24.24 14.89 21.55
C GLY C 160 25.36 14.79 22.56
N TYR C 161 25.04 14.37 23.78
CA TYR C 161 25.97 14.44 24.90
C TYR C 161 26.51 13.04 25.25
N THR C 162 27.70 13.04 25.85
CA THR C 162 28.36 11.81 26.25
C THR C 162 27.87 11.40 27.64
N MET C 163 28.53 10.39 28.23
CA MET C 163 28.17 9.96 29.57
C MET C 163 28.60 10.98 30.61
N ASN C 164 29.62 11.79 30.31
CA ASN C 164 30.12 12.77 31.26
C ASN C 164 29.18 13.94 31.48
N ASP C 165 28.13 14.08 30.68
CA ASP C 165 27.22 15.21 30.79
C ASP C 165 25.78 14.81 31.03
N LEU C 166 25.28 13.78 30.34
CA LEU C 166 23.89 13.37 30.46
C LEU C 166 23.83 11.90 30.88
N ILE C 167 23.04 11.62 31.91
CA ILE C 167 22.89 10.28 32.45
C ILE C 167 21.40 9.97 32.57
N PHE C 168 20.98 8.84 32.01
CA PHE C 168 19.60 8.39 32.08
C PHE C 168 19.46 7.29 33.13
N GLU C 169 18.26 7.17 33.68
CA GLU C 169 17.94 6.11 34.63
C GLU C 169 16.43 6.04 34.82
N TRP C 170 15.94 4.83 35.01
CA TRP C 170 14.51 4.62 35.21
C TRP C 170 14.06 5.17 36.55
N GLN C 171 12.76 5.46 36.64
CA GLN C 171 12.17 5.88 37.89
C GLN C 171 12.20 4.73 38.89
N ASP C 172 12.36 5.09 40.18
CA ASP C 172 12.53 4.07 41.21
C ASP C 172 11.31 3.17 41.34
N GLU C 173 10.12 3.76 41.37
CA GLU C 173 8.89 3.01 41.62
C GLU C 173 7.95 3.16 40.43
N ALA C 174 7.45 2.02 39.93
CA ALA C 174 6.52 1.95 38.81
C ALA C 174 7.04 2.72 37.61
N PRO C 175 8.11 2.25 36.96
CA PRO C 175 8.64 3.00 35.80
C PRO C 175 7.75 2.91 34.57
N VAL C 176 7.22 1.73 34.27
CA VAL C 176 6.38 1.52 33.10
C VAL C 176 4.99 1.12 33.59
N GLN C 177 3.98 1.91 33.23
CA GLN C 177 2.60 1.60 33.56
C GLN C 177 1.77 1.53 32.29
N VAL C 178 0.81 0.61 32.28
CA VAL C 178 -0.04 0.35 31.13
C VAL C 178 -1.46 0.77 31.47
N ALA C 179 -2.11 1.45 30.52
CA ALA C 179 -3.50 1.85 30.73
C ALA C 179 -4.38 0.63 30.92
N GLU C 180 -5.29 0.73 31.90
CA GLU C 180 -6.16 -0.39 32.22
C GLU C 180 -7.10 -0.69 31.06
N GLY C 181 -7.34 -1.97 30.82
CA GLY C 181 -8.21 -2.42 29.76
C GLY C 181 -7.55 -2.55 28.40
N LEU C 182 -6.24 -2.36 28.30
CA LEU C 182 -5.56 -2.55 27.03
C LEU C 182 -5.55 -4.01 26.64
N THR C 183 -5.89 -4.29 25.38
CA THR C 183 -5.90 -5.64 24.86
C THR C 183 -5.13 -5.69 23.54
N LEU C 184 -4.50 -6.83 23.29
CA LEU C 184 -3.78 -7.02 22.05
C LEU C 184 -4.63 -7.80 21.06
N PRO C 185 -4.54 -7.49 19.76
CA PRO C 185 -5.36 -8.22 18.78
C PRO C 185 -5.07 -9.71 18.75
N GLN C 186 -3.82 -10.11 18.94
CA GLN C 186 -3.42 -11.50 18.83
C GLN C 186 -2.50 -12.00 19.94
N PHE C 187 -1.81 -11.12 20.66
CA PHE C 187 -0.81 -11.54 21.62
C PHE C 187 -1.30 -11.31 23.05
N LEU C 188 -0.43 -11.59 24.01
CA LEU C 188 -0.71 -11.38 25.41
C LEU C 188 0.48 -10.69 26.06
N LEU C 189 0.21 -9.87 27.07
CA LEU C 189 1.22 -9.09 27.77
C LEU C 189 1.52 -9.71 29.13
N LYS C 190 2.80 -9.93 29.41
CA LYS C 190 3.20 -10.36 30.74
C LYS C 190 3.11 -9.21 31.73
N GLU C 191 3.00 -9.56 33.00
CA GLU C 191 2.93 -8.55 34.05
C GLU C 191 4.30 -8.10 34.54
N GLU C 192 5.39 -8.72 34.06
CA GLU C 192 6.73 -8.31 34.41
C GLU C 192 7.43 -7.76 33.17
N LYS C 193 8.24 -6.72 33.37
CA LYS C 193 8.96 -6.08 32.28
C LYS C 193 10.37 -5.76 32.76
N ASP C 194 11.37 -6.37 32.11
CA ASP C 194 12.75 -6.19 32.52
C ASP C 194 13.21 -4.76 32.26
N LEU C 195 14.16 -4.30 33.06
CA LEU C 195 14.73 -2.96 32.95
C LEU C 195 16.26 -3.10 33.00
N ARG C 196 16.89 -3.11 31.84
CA ARG C 196 18.32 -3.35 31.74
C ARG C 196 19.07 -2.05 31.46
N TYR C 197 20.38 -2.18 31.26
CA TYR C 197 21.25 -1.07 30.87
C TYR C 197 22.02 -1.49 29.62
N CYS C 198 22.13 -0.57 28.66
CA CYS C 198 22.86 -0.83 27.43
C CYS C 198 24.26 -0.21 27.47
N THR C 199 24.34 1.10 27.67
CA THR C 199 25.61 1.82 27.74
C THR C 199 26.44 1.57 26.48
N LYS C 200 25.90 2.02 25.35
CA LYS C 200 26.54 1.78 24.06
C LYS C 200 27.84 2.58 23.94
N HIS C 201 28.85 1.95 23.37
CA HIS C 201 30.13 2.58 23.09
C HIS C 201 30.27 2.80 21.60
N TYR C 202 30.59 4.03 21.21
CA TYR C 202 30.78 4.40 19.81
C TYR C 202 32.20 4.90 19.61
N ASN C 203 32.51 5.23 18.35
CA ASN C 203 33.81 5.84 18.03
C ASN C 203 33.93 7.22 18.66
N THR C 204 32.86 8.01 18.61
CA THR C 204 32.96 9.40 19.05
C THR C 204 33.03 9.53 20.57
N GLY C 205 32.48 8.56 21.29
CA GLY C 205 32.53 8.63 22.74
C GLY C 205 31.65 7.57 23.36
N LYS C 206 31.40 7.74 24.66
CA LYS C 206 30.62 6.81 25.46
C LYS C 206 29.25 7.42 25.75
N PHE C 207 28.21 6.85 25.16
CA PHE C 207 26.87 7.39 25.23
C PHE C 207 25.98 6.54 26.12
N THR C 208 25.19 7.21 26.96
CA THR C 208 24.28 6.52 27.86
C THR C 208 23.09 5.96 27.10
N CYS C 209 22.45 4.94 27.67
CA CYS C 209 21.33 4.28 27.05
C CYS C 209 20.49 3.61 28.12
N ILE C 210 19.24 3.30 27.77
CA ILE C 210 18.27 2.74 28.70
C ILE C 210 17.37 1.80 27.92
N GLU C 211 17.07 0.63 28.50
CA GLU C 211 16.39 -0.44 27.79
C GLU C 211 15.23 -0.97 28.60
N VAL C 212 14.18 -1.42 27.91
CA VAL C 212 13.02 -2.03 28.53
C VAL C 212 12.60 -3.24 27.68
N ARG C 213 12.17 -4.31 28.35
CA ARG C 213 11.83 -5.56 27.69
C ARG C 213 10.34 -5.85 27.86
N PHE C 214 9.66 -6.15 26.77
CA PHE C 214 8.28 -6.63 26.78
C PHE C 214 8.25 -8.08 26.36
N HIS C 215 7.57 -8.92 27.14
CA HIS C 215 7.43 -10.34 26.85
C HIS C 215 6.08 -10.59 26.19
N LEU C 216 6.09 -11.09 24.96
CA LEU C 216 4.88 -11.37 24.21
C LEU C 216 4.82 -12.85 23.89
N GLU C 217 3.66 -13.48 24.14
CA GLU C 217 3.45 -14.88 23.84
C GLU C 217 2.22 -15.04 22.97
N ARG C 218 2.40 -15.70 21.83
CA ARG C 218 1.32 -15.93 20.89
C ARG C 218 0.33 -16.94 21.45
N GLN C 219 -0.93 -16.79 21.07
CA GLN C 219 -1.98 -17.69 21.53
C GLN C 219 -2.35 -18.67 20.42
N MET C 220 -2.82 -19.85 20.83
CA MET C 220 -3.23 -20.89 19.91
C MET C 220 -4.71 -20.87 19.61
N GLY C 221 -5.44 -19.87 20.12
CA GLY C 221 -6.89 -19.88 19.96
C GLY C 221 -7.33 -19.89 18.50
N TYR C 222 -6.65 -19.11 17.67
CA TYR C 222 -7.04 -19.03 16.26
C TYR C 222 -6.46 -20.19 15.47
N TYR C 223 -5.15 -20.42 15.60
CA TYR C 223 -4.47 -21.39 14.73
C TYR C 223 -4.99 -22.80 14.96
N LEU C 224 -5.27 -23.15 16.20
CA LEU C 224 -5.82 -24.47 16.50
C LEU C 224 -7.05 -24.74 15.64
N ILE C 225 -8.08 -23.91 15.81
CA ILE C 225 -9.34 -24.09 15.08
C ILE C 225 -9.11 -24.00 13.58
N GLN C 226 -8.27 -23.08 13.13
CA GLN C 226 -8.16 -22.81 11.71
C GLN C 226 -7.43 -23.93 10.98
N MET C 227 -6.44 -24.54 11.61
CA MET C 227 -5.59 -25.51 10.92
C MET C 227 -5.67 -26.91 11.50
N TYR C 228 -5.46 -27.08 12.80
CA TYR C 228 -5.17 -28.40 13.35
C TYR C 228 -6.42 -29.29 13.37
N ILE C 229 -7.54 -28.77 13.84
CA ILE C 229 -8.76 -29.57 13.91
C ILE C 229 -9.19 -30.06 12.52
N PRO C 230 -9.22 -29.22 11.48
CA PRO C 230 -9.53 -29.76 10.15
C PRO C 230 -8.59 -30.86 9.70
N SER C 231 -7.30 -30.78 10.05
CA SER C 231 -6.38 -31.86 9.70
C SER C 231 -6.76 -33.15 10.43
N LEU C 232 -7.15 -33.05 11.70
CA LEU C 232 -7.60 -34.23 12.42
C LEU C 232 -8.84 -34.85 11.77
N LEU C 233 -9.80 -34.01 11.39
CA LEU C 233 -10.99 -34.54 10.75
C LEU C 233 -10.66 -35.18 9.40
N ILE C 234 -9.72 -34.58 8.66
CA ILE C 234 -9.30 -35.15 7.38
C ILE C 234 -8.66 -36.51 7.58
N VAL C 235 -7.79 -36.63 8.58
CA VAL C 235 -7.13 -37.92 8.81
C VAL C 235 -8.13 -38.97 9.30
N ILE C 236 -9.14 -38.56 10.08
CA ILE C 236 -10.18 -39.50 10.48
C ILE C 236 -10.97 -39.97 9.26
N LEU C 237 -11.30 -39.04 8.36
CA LEU C 237 -11.98 -39.43 7.13
C LEU C 237 -11.14 -40.41 6.32
N SER C 238 -9.83 -40.18 6.25
CA SER C 238 -8.95 -41.10 5.55
C SER C 238 -8.97 -42.48 6.19
N TRP C 239 -8.95 -42.53 7.53
CA TRP C 239 -9.00 -43.81 8.22
C TRP C 239 -10.33 -44.54 7.98
N VAL C 240 -11.41 -43.78 7.76
CA VAL C 240 -12.73 -44.41 7.61
C VAL C 240 -12.72 -45.42 6.48
N SER C 241 -11.99 -45.12 5.40
CA SER C 241 -12.01 -45.99 4.23
C SER C 241 -11.41 -47.36 4.51
N PHE C 242 -10.41 -47.44 5.39
CA PHE C 242 -9.72 -48.71 5.61
C PHE C 242 -10.65 -49.74 6.25
N TRP C 243 -11.54 -49.30 7.15
CA TRP C 243 -12.47 -50.21 7.80
C TRP C 243 -13.53 -50.76 6.85
N ILE C 244 -13.62 -50.22 5.64
CA ILE C 244 -14.60 -50.66 4.66
C ILE C 244 -14.09 -51.91 3.95
N ASN C 245 -15.04 -52.71 3.44
CA ASN C 245 -14.68 -53.90 2.68
C ASN C 245 -13.93 -53.53 1.40
N MET C 246 -12.97 -54.37 1.01
CA MET C 246 -12.12 -54.02 -0.15
C MET C 246 -12.89 -54.14 -1.46
N ASP C 247 -13.79 -55.11 -1.57
CA ASP C 247 -14.46 -55.33 -2.86
C ASP C 247 -15.20 -54.09 -3.33
N ALA C 248 -15.71 -53.29 -2.40
CA ALA C 248 -16.48 -52.09 -2.73
C ALA C 248 -15.51 -50.97 -3.07
N ALA C 249 -15.04 -50.97 -4.32
CA ALA C 249 -14.06 -49.98 -4.76
C ALA C 249 -14.58 -48.54 -4.74
N PRO C 250 -15.75 -48.23 -5.33
CA PRO C 250 -16.08 -46.80 -5.51
C PRO C 250 -16.12 -45.98 -4.23
N ALA C 251 -16.62 -46.56 -3.12
CA ALA C 251 -16.66 -45.80 -1.88
C ALA C 251 -15.26 -45.45 -1.40
N ARG C 252 -14.34 -46.41 -1.46
CA ARG C 252 -12.96 -46.13 -1.06
C ARG C 252 -12.30 -45.13 -2.00
N VAL C 253 -12.58 -45.23 -3.30
CA VAL C 253 -12.01 -44.28 -4.26
C VAL C 253 -12.48 -42.86 -3.94
N ALA C 254 -13.78 -42.72 -3.65
CA ALA C 254 -14.31 -41.40 -3.30
C ALA C 254 -13.71 -40.88 -2.01
N LEU C 255 -13.59 -41.74 -0.99
CA LEU C 255 -13.02 -41.32 0.28
C LEU C 255 -11.54 -40.98 0.15
N GLY C 256 -10.85 -41.54 -0.83
CA GLY C 256 -9.47 -41.15 -1.07
C GLY C 256 -9.37 -39.82 -1.80
N ILE C 257 -10.19 -39.68 -2.85
CA ILE C 257 -10.12 -38.47 -3.68
C ILE C 257 -10.52 -37.24 -2.88
N THR C 258 -11.63 -37.31 -2.15
CA THR C 258 -12.08 -36.17 -1.37
C THR C 258 -11.06 -35.81 -0.30
N THR C 259 -10.52 -36.82 0.39
CA THR C 259 -9.52 -36.57 1.43
C THR C 259 -8.31 -35.85 0.86
N VAL C 260 -7.75 -36.39 -0.24
CA VAL C 260 -6.56 -35.79 -0.82
C VAL C 260 -6.84 -34.37 -1.28
N LEU C 261 -7.96 -34.16 -1.97
CA LEU C 261 -8.25 -32.83 -2.50
C LEU C 261 -8.43 -31.81 -1.38
N THR C 262 -9.20 -32.17 -0.34
CA THR C 262 -9.43 -31.22 0.75
C THR C 262 -8.14 -30.92 1.50
N MET C 263 -7.33 -31.95 1.77
CA MET C 263 -6.10 -31.71 2.51
C MET C 263 -5.12 -30.85 1.71
N THR C 264 -4.98 -31.12 0.41
CA THR C 264 -4.05 -30.33 -0.39
C THR C 264 -4.59 -28.93 -0.67
N THR C 265 -5.91 -28.73 -0.57
CA THR C 265 -6.44 -27.38 -0.65
C THR C 265 -6.15 -26.60 0.64
N GLN C 266 -6.30 -27.25 1.79
CA GLN C 266 -6.05 -26.57 3.05
C GLN C 266 -4.57 -26.27 3.27
N SER C 267 -3.68 -27.18 2.84
CA SER C 267 -2.26 -27.03 3.18
C SER C 267 -1.58 -25.93 2.38
N SER C 268 -2.23 -25.40 1.34
CA SER C 268 -1.53 -24.47 0.45
C SER C 268 -1.36 -23.10 1.08
N GLY C 269 -2.39 -22.58 1.76
CA GLY C 269 -2.38 -21.20 2.20
C GLY C 269 -1.67 -20.95 3.51
N SER C 270 -1.31 -22.01 4.24
CA SER C 270 -0.75 -21.84 5.58
C SER C 270 0.58 -21.10 5.56
N ARG C 271 1.44 -21.42 4.59
CA ARG C 271 2.80 -20.90 4.57
C ARG C 271 2.91 -19.54 3.88
N ALA C 272 1.87 -19.09 3.20
CA ALA C 272 1.99 -17.89 2.37
C ALA C 272 2.10 -16.63 3.22
N SER C 273 1.33 -16.53 4.30
CA SER C 273 1.22 -15.27 5.04
C SER C 273 2.52 -14.92 5.76
N LEU C 274 3.33 -15.91 6.10
CA LEU C 274 4.53 -15.66 6.89
C LEU C 274 5.70 -15.28 5.99
N PRO C 275 6.68 -14.55 6.53
CA PRO C 275 7.84 -14.15 5.73
C PRO C 275 8.75 -15.33 5.45
N LYS C 276 9.59 -15.14 4.42
CA LYS C 276 10.53 -16.18 4.02
C LYS C 276 11.67 -16.26 5.05
N VAL C 277 11.92 -17.47 5.55
CA VAL C 277 12.97 -17.70 6.54
C VAL C 277 13.73 -18.97 6.18
N SER C 278 14.95 -19.08 6.70
CA SER C 278 15.78 -20.24 6.42
C SER C 278 15.28 -21.48 7.18
N TYR C 279 14.96 -21.32 8.46
CA TYR C 279 14.62 -22.45 9.30
C TYR C 279 13.24 -23.00 8.96
N VAL C 280 12.94 -24.18 9.52
CA VAL C 280 11.68 -24.86 9.29
C VAL C 280 10.76 -24.63 10.49
N LYS C 281 9.51 -24.31 10.21
CA LYS C 281 8.54 -23.96 11.24
C LYS C 281 7.69 -25.18 11.63
N ALA C 282 7.04 -25.07 12.78
CA ALA C 282 6.22 -26.17 13.28
C ALA C 282 5.02 -26.44 12.37
N ILE C 283 4.39 -25.39 11.86
CA ILE C 283 3.22 -25.57 11.01
C ILE C 283 3.61 -26.29 9.72
N ASP C 284 4.82 -26.01 9.21
CA ASP C 284 5.32 -26.73 8.04
C ASP C 284 5.44 -28.22 8.34
N ILE C 285 6.00 -28.56 9.50
CA ILE C 285 6.17 -29.97 9.86
C ILE C 285 4.81 -30.65 9.96
N TRP C 286 3.86 -30.01 10.63
CA TRP C 286 2.55 -30.63 10.81
C TRP C 286 1.85 -30.84 9.47
N MET C 287 1.87 -29.81 8.61
CA MET C 287 1.24 -29.94 7.31
C MET C 287 1.89 -31.02 6.46
N ALA C 288 3.23 -31.07 6.47
CA ALA C 288 3.93 -32.08 5.70
C ALA C 288 3.59 -33.47 6.18
N VAL C 289 3.55 -33.68 7.50
CA VAL C 289 3.26 -35.01 8.03
C VAL C 289 1.83 -35.42 7.70
N CYS C 290 0.87 -34.50 7.86
CA CYS C 290 -0.51 -34.85 7.55
C CYS C 290 -0.69 -35.17 6.06
N LEU C 291 -0.08 -34.37 5.19
CA LEU C 291 -0.15 -34.65 3.76
C LEU C 291 0.50 -35.97 3.43
N LEU C 292 1.62 -36.29 4.09
CA LEU C 292 2.27 -37.58 3.88
C LEU C 292 1.37 -38.73 4.32
N PHE C 293 0.66 -38.57 5.43
CA PHE C 293 -0.24 -39.62 5.87
C PHE C 293 -1.38 -39.83 4.88
N VAL C 294 -1.94 -38.74 4.36
CA VAL C 294 -3.02 -38.89 3.39
C VAL C 294 -2.52 -39.57 2.12
N PHE C 295 -1.35 -39.15 1.61
CA PHE C 295 -0.78 -39.78 0.43
C PHE C 295 -0.44 -41.24 0.69
N SER C 296 0.00 -41.56 1.91
CA SER C 296 0.31 -42.94 2.26
C SER C 296 -0.95 -43.79 2.28
N ALA C 297 -2.07 -43.23 2.77
CA ALA C 297 -3.33 -43.96 2.72
C ALA C 297 -3.75 -44.23 1.28
N LEU C 298 -3.62 -43.22 0.41
CA LEU C 298 -3.96 -43.42 -0.99
C LEU C 298 -3.07 -44.48 -1.65
N LEU C 299 -1.77 -44.43 -1.37
CA LEU C 299 -0.85 -45.42 -1.91
C LEU C 299 -1.14 -46.81 -1.36
N GLU C 300 -1.55 -46.90 -0.10
CA GLU C 300 -1.92 -48.19 0.48
C GLU C 300 -3.13 -48.77 -0.24
N TYR C 301 -4.14 -47.94 -0.51
CA TYR C 301 -5.29 -48.43 -1.26
C TYR C 301 -4.89 -48.87 -2.66
N ALA C 302 -4.02 -48.10 -3.31
CA ALA C 302 -3.54 -48.49 -4.64
C ALA C 302 -2.82 -49.82 -4.61
N ALA C 303 -1.97 -50.03 -3.60
CA ALA C 303 -1.24 -51.29 -3.49
C ALA C 303 -2.18 -52.45 -3.19
N VAL C 304 -3.21 -52.22 -2.36
CA VAL C 304 -4.19 -53.26 -2.08
C VAL C 304 -4.93 -53.65 -3.35
N ASN C 305 -5.34 -52.65 -4.15
CA ASN C 305 -6.01 -52.96 -5.41
C ASN C 305 -5.08 -53.70 -6.36
N PHE C 306 -3.80 -53.32 -6.39
CA PHE C 306 -2.84 -54.01 -7.25
C PHE C 306 -2.66 -55.46 -6.83
N VAL C 307 -2.57 -55.71 -5.52
CA VAL C 307 -2.43 -57.08 -5.04
C VAL C 307 -3.68 -57.90 -5.36
N SER C 308 -4.86 -57.30 -5.17
CA SER C 308 -6.11 -58.00 -5.46
C SER C 308 -6.29 -58.27 -6.94
N ARG C 309 -5.53 -57.61 -7.81
CA ARG C 309 -5.60 -57.80 -9.24
C ARG C 309 -4.48 -58.69 -9.77
N GLN C 310 -4.05 -59.67 -8.99
CA GLN C 310 -2.99 -60.58 -9.40
C GLN C 310 -3.54 -61.97 -9.68
N LYS C 377 -8.73 -66.52 -4.10
CA LYS C 377 -8.19 -67.77 -3.58
C LYS C 377 -6.75 -67.58 -3.08
N VAL C 378 -6.57 -67.74 -1.77
CA VAL C 378 -5.28 -67.65 -1.07
C VAL C 378 -4.69 -66.25 -1.16
N PHE C 379 -5.14 -65.45 -2.12
CA PHE C 379 -4.70 -64.06 -2.24
C PHE C 379 -5.65 -63.08 -1.59
N ILE C 380 -6.96 -63.38 -1.60
CA ILE C 380 -7.92 -62.50 -0.95
C ILE C 380 -7.68 -62.46 0.55
N ASP C 381 -7.27 -63.59 1.14
CA ASP C 381 -6.91 -63.60 2.55
C ASP C 381 -5.74 -62.68 2.82
N ARG C 382 -4.72 -62.70 1.96
CA ARG C 382 -3.58 -61.81 2.12
C ARG C 382 -4.02 -60.35 1.98
N ALA C 383 -4.88 -60.05 1.02
CA ALA C 383 -5.34 -58.69 0.82
C ALA C 383 -6.11 -58.19 2.04
N LYS C 384 -7.02 -59.01 2.56
CA LYS C 384 -7.80 -58.57 3.71
C LYS C 384 -6.95 -58.45 4.97
N LYS C 385 -5.97 -59.35 5.14
CA LYS C 385 -5.11 -59.24 6.32
C LYS C 385 -4.21 -58.02 6.25
N ILE C 386 -3.70 -57.69 5.07
CA ILE C 386 -2.89 -56.46 4.96
C ILE C 386 -3.76 -55.23 5.14
N ASP C 387 -5.00 -55.26 4.63
CA ASP C 387 -5.90 -54.13 4.81
C ASP C 387 -6.22 -53.90 6.28
N THR C 388 -6.54 -54.97 7.02
CA THR C 388 -6.83 -54.80 8.44
C THR C 388 -5.58 -54.45 9.23
N ILE C 389 -4.41 -54.92 8.80
CA ILE C 389 -3.17 -54.54 9.45
C ILE C 389 -2.95 -53.04 9.31
N SER C 390 -3.17 -52.51 8.10
CA SER C 390 -3.04 -51.07 7.89
C SER C 390 -4.07 -50.30 8.72
N ARG C 391 -5.32 -50.80 8.75
CA ARG C 391 -6.38 -50.13 9.48
C ARG C 391 -6.10 -50.09 10.98
N ALA C 392 -5.43 -51.12 11.50
CA ALA C 392 -5.08 -51.14 12.92
C ALA C 392 -3.73 -50.49 13.23
N CYS C 393 -2.90 -50.26 12.21
CA CYS C 393 -1.58 -49.69 12.40
C CYS C 393 -1.54 -48.18 12.24
N PHE C 394 -2.24 -47.63 11.25
CA PHE C 394 -2.21 -46.19 11.04
C PHE C 394 -2.66 -45.38 12.26
N PRO C 395 -3.74 -45.73 12.97
CA PRO C 395 -4.07 -44.96 14.18
C PRO C 395 -2.96 -44.94 15.21
N LEU C 396 -2.26 -46.06 15.40
CA LEU C 396 -1.18 -46.08 16.38
C LEU C 396 -0.04 -45.15 15.98
N ALA C 397 0.34 -45.19 14.70
CA ALA C 397 1.42 -44.32 14.22
C ALA C 397 1.04 -42.86 14.34
N PHE C 398 -0.19 -42.51 13.95
CA PHE C 398 -0.61 -41.12 14.04
C PHE C 398 -0.69 -40.66 15.48
N LEU C 399 -1.19 -41.50 16.38
CA LEU C 399 -1.28 -41.11 17.79
C LEU C 399 0.08 -40.94 18.42
N ILE C 400 1.03 -41.83 18.10
CA ILE C 400 2.37 -41.69 18.66
C ILE C 400 3.05 -40.45 18.09
N PHE C 401 2.85 -40.16 16.80
CA PHE C 401 3.39 -38.94 16.24
C PHE C 401 2.81 -37.72 16.92
N ASN C 402 1.49 -37.70 17.14
CA ASN C 402 0.85 -36.54 17.75
C ASN C 402 1.35 -36.33 19.18
N ILE C 403 1.45 -37.42 19.96
CA ILE C 403 1.91 -37.26 21.33
C ILE C 403 3.36 -36.78 21.36
N PHE C 404 4.22 -37.34 20.50
CA PHE C 404 5.61 -36.89 20.45
C PHE C 404 5.69 -35.42 20.07
N TYR C 405 4.97 -35.02 19.01
CA TYR C 405 5.02 -33.65 18.52
C TYR C 405 4.54 -32.66 19.58
N TRP C 406 3.37 -32.92 20.16
CA TRP C 406 2.84 -32.00 21.15
C TRP C 406 3.71 -31.94 22.39
N VAL C 407 4.21 -33.10 22.86
CA VAL C 407 5.00 -33.07 24.08
C VAL C 407 6.31 -32.33 23.85
N ILE C 408 6.97 -32.54 22.70
CA ILE C 408 8.24 -31.86 22.48
C ILE C 408 8.03 -30.36 22.32
N TYR C 409 7.03 -29.96 21.52
CA TYR C 409 6.82 -28.54 21.25
C TYR C 409 6.10 -27.82 22.39
N LYS C 410 5.63 -28.54 23.41
CA LYS C 410 5.04 -27.90 24.57
C LYS C 410 5.93 -27.98 25.80
N ILE C 411 6.93 -28.85 25.82
CA ILE C 411 7.79 -28.97 26.99
C ILE C 411 9.23 -28.64 26.63
N LEU C 412 9.81 -29.40 25.68
CA LEU C 412 11.24 -29.30 25.44
C LEU C 412 11.59 -28.05 24.65
N ARG C 413 10.77 -27.68 23.68
CA ARG C 413 11.04 -26.50 22.86
C ARG C 413 10.60 -25.24 23.58
N MET D 8 34.14 35.02 29.99
CA MET D 8 34.10 34.14 31.15
C MET D 8 32.86 33.26 31.11
N SER D 9 31.69 33.89 31.05
CA SER D 9 30.45 33.15 30.99
C SER D 9 30.35 32.38 29.68
N PRO D 10 29.79 31.18 29.68
CA PRO D 10 29.72 30.40 28.43
C PRO D 10 28.92 31.08 27.33
N SER D 11 27.86 31.81 27.68
CA SER D 11 27.08 32.51 26.65
C SER D 11 27.91 33.59 25.97
N ASP D 12 28.69 34.33 26.75
CA ASP D 12 29.57 35.35 26.17
C ASP D 12 30.59 34.71 25.24
N PHE D 13 31.17 33.58 25.65
CA PHE D 13 32.13 32.90 24.80
C PHE D 13 31.50 32.42 23.50
N LEU D 14 30.28 31.85 23.58
CA LEU D 14 29.60 31.40 22.37
C LEU D 14 29.29 32.56 21.44
N ASP D 15 28.83 33.69 22.00
CA ASP D 15 28.52 34.85 21.17
C ASP D 15 29.78 35.44 20.54
N LYS D 16 30.90 35.40 21.26
CA LYS D 16 32.14 35.91 20.70
C LYS D 16 32.71 34.95 19.65
N LEU D 17 32.42 33.66 19.77
CA LEU D 17 32.95 32.69 18.82
C LEU D 17 32.14 32.66 17.53
N MET D 18 30.82 32.46 17.63
CA MET D 18 29.99 32.33 16.44
C MET D 18 28.66 33.07 16.57
N GLY D 19 28.54 34.02 17.48
CA GLY D 19 27.31 34.74 17.71
C GLY D 19 27.16 35.97 16.84
N ARG D 20 26.25 36.85 17.25
CA ARG D 20 26.00 38.07 16.50
C ARG D 20 27.22 38.98 16.49
N THR D 21 27.92 39.08 17.62
CA THR D 21 29.09 39.94 17.73
C THR D 21 30.37 39.24 17.28
N SER D 22 30.29 37.99 16.82
CA SER D 22 31.49 37.26 16.46
C SER D 22 32.08 37.73 15.13
N GLY D 23 31.22 38.09 14.18
CA GLY D 23 31.66 38.37 12.83
C GLY D 23 31.78 37.16 11.95
N TYR D 24 31.29 36.00 12.39
CA TYR D 24 31.33 34.77 11.61
C TYR D 24 30.07 34.67 10.75
N ASP D 25 30.25 34.48 9.46
CA ASP D 25 29.15 34.31 8.51
C ASP D 25 29.21 32.91 7.93
N ALA D 26 28.08 32.22 7.93
CA ALA D 26 28.02 30.84 7.49
C ALA D 26 27.82 30.69 5.98
N ARG D 27 28.12 31.73 5.20
CA ARG D 27 27.97 31.67 3.76
C ARG D 27 29.30 31.57 3.03
N ILE D 28 30.41 31.52 3.74
CA ILE D 28 31.74 31.47 3.13
C ILE D 28 32.49 30.27 3.69
N ARG D 29 33.03 29.45 2.79
CA ARG D 29 33.78 28.28 3.18
C ARG D 29 35.11 28.69 3.81
N PRO D 30 35.71 27.81 4.61
CA PRO D 30 37.02 28.13 5.21
C PRO D 30 38.08 28.37 4.15
N ASN D 31 39.02 29.25 4.49
CA ASN D 31 40.10 29.70 3.60
C ASN D 31 39.58 29.95 2.19
N PHE D 32 38.69 30.93 2.09
CA PHE D 32 38.05 31.26 0.83
C PHE D 32 39.09 31.70 -0.19
N LYS D 33 38.86 31.32 -1.46
CA LYS D 33 39.77 31.63 -2.55
C LYS D 33 41.17 31.08 -2.28
N GLY D 34 41.23 29.87 -1.74
CA GLY D 34 42.49 29.21 -1.47
C GLY D 34 42.44 27.74 -1.84
N PRO D 35 43.23 26.93 -1.14
CA PRO D 35 43.20 25.49 -1.40
C PRO D 35 41.86 24.90 -1.02
N PRO D 36 41.41 23.85 -1.71
CA PRO D 36 40.10 23.25 -1.37
C PRO D 36 40.13 22.64 0.03
N VAL D 37 39.02 22.78 0.75
CA VAL D 37 38.92 22.22 2.09
C VAL D 37 38.64 20.73 1.99
N ASN D 38 39.44 19.93 2.68
CA ASN D 38 39.31 18.49 2.67
C ASN D 38 38.39 18.05 3.80
N VAL D 39 37.52 17.08 3.51
CA VAL D 39 36.57 16.54 4.48
C VAL D 39 36.73 15.04 4.52
N THR D 40 36.99 14.50 5.71
CA THR D 40 37.13 13.07 5.91
C THR D 40 35.87 12.55 6.62
N CYS D 41 35.24 11.54 6.04
CA CYS D 41 33.96 11.06 6.54
C CYS D 41 34.01 9.54 6.76
N ASN D 42 33.24 9.08 7.74
CA ASN D 42 33.05 7.67 7.98
C ASN D 42 31.62 7.46 8.47
N ILE D 43 31.09 6.26 8.23
CA ILE D 43 29.69 5.97 8.54
C ILE D 43 29.63 4.88 9.60
N PHE D 44 28.41 4.60 10.04
CA PHE D 44 28.16 3.56 11.05
C PHE D 44 26.77 3.00 10.79
N ILE D 45 26.71 1.78 10.29
CA ILE D 45 25.43 1.17 9.93
C ILE D 45 24.74 0.69 11.20
N ASN D 46 23.53 1.19 11.44
CA ASN D 46 22.74 0.80 12.60
C ASN D 46 21.66 -0.23 12.27
N SER D 47 21.18 -0.26 11.03
CA SER D 47 20.18 -1.22 10.63
C SER D 47 20.36 -1.54 9.15
N PHE D 48 19.78 -2.66 8.74
CA PHE D 48 19.90 -3.12 7.36
C PHE D 48 18.75 -4.07 7.08
N GLY D 49 18.45 -4.25 5.80
CA GLY D 49 17.44 -5.20 5.41
C GLY D 49 16.46 -4.58 4.45
N SER D 50 15.29 -5.20 4.36
CA SER D 50 14.22 -4.77 3.45
C SER D 50 14.70 -4.74 2.00
N ILE D 51 15.54 -5.71 1.63
CA ILE D 51 16.01 -5.84 0.25
C ILE D 51 14.86 -6.43 -0.56
N ALA D 52 14.20 -5.60 -1.35
CA ALA D 52 13.06 -6.01 -2.17
C ALA D 52 13.51 -6.03 -3.63
N GLU D 53 13.41 -7.20 -4.26
CA GLU D 53 13.82 -7.33 -5.66
C GLU D 53 12.80 -6.72 -6.60
N THR D 54 11.53 -6.66 -6.21
CA THR D 54 10.50 -6.13 -7.10
C THR D 54 10.69 -4.63 -7.33
N THR D 55 11.34 -3.93 -6.41
CA THR D 55 11.57 -2.50 -6.54
C THR D 55 13.06 -2.15 -6.63
N MET D 56 13.95 -3.11 -6.39
CA MET D 56 15.39 -2.91 -6.53
C MET D 56 15.90 -1.81 -5.61
N ASP D 57 15.69 -2.02 -4.31
CA ASP D 57 16.12 -1.04 -3.31
C ASP D 57 16.37 -1.74 -1.98
N TYR D 58 17.06 -1.04 -1.10
CA TYR D 58 17.31 -1.53 0.25
C TYR D 58 17.43 -0.35 1.19
N ARG D 59 17.02 -0.55 2.44
CA ARG D 59 16.99 0.51 3.43
C ARG D 59 18.16 0.37 4.40
N VAL D 60 18.81 1.49 4.70
CA VAL D 60 19.89 1.51 5.68
C VAL D 60 19.56 2.52 6.76
N ASN D 61 20.45 2.62 7.76
CA ASN D 61 20.26 3.57 8.86
C ASN D 61 21.66 3.87 9.39
N ILE D 62 22.21 5.03 9.01
CA ILE D 62 23.62 5.30 9.21
C ILE D 62 23.79 6.51 10.13
N PHE D 63 24.87 6.50 10.89
CA PHE D 63 25.31 7.66 11.67
C PHE D 63 26.44 8.34 10.90
N LEU D 64 26.07 9.04 9.84
CA LEU D 64 27.06 9.70 9.00
C LEU D 64 27.84 10.73 9.81
N ARG D 65 29.17 10.68 9.70
CA ARG D 65 30.05 11.58 10.42
C ARG D 65 30.99 12.28 9.44
N GLN D 66 31.20 13.57 9.64
CA GLN D 66 32.05 14.37 8.77
C GLN D 66 33.01 15.19 9.61
N LYS D 67 34.29 15.21 9.22
CA LYS D 67 35.32 15.91 9.96
C LYS D 67 36.07 16.86 9.03
N TRP D 68 36.24 18.10 9.47
CA TRP D 68 37.00 19.09 8.73
C TRP D 68 37.47 20.17 9.69
N ASN D 69 38.37 21.02 9.21
CA ASN D 69 38.93 22.09 10.02
C ASN D 69 38.74 23.43 9.33
N ASP D 70 38.34 24.43 10.11
CA ASP D 70 38.27 25.81 9.66
C ASP D 70 38.95 26.69 10.69
N PRO D 71 39.81 27.61 10.27
CA PRO D 71 40.53 28.45 11.24
C PRO D 71 39.68 29.49 11.94
N ARG D 72 38.42 29.66 11.54
CA ARG D 72 37.54 30.65 12.15
C ARG D 72 36.90 30.18 13.44
N LEU D 73 37.11 28.92 13.83
CA LEU D 73 36.54 28.35 15.04
C LEU D 73 37.64 27.87 15.99
N ALA D 74 38.65 28.69 16.19
CA ALA D 74 39.71 28.40 17.15
C ALA D 74 39.48 29.23 18.40
N TYR D 75 39.57 28.58 19.57
CA TYR D 75 39.32 29.24 20.84
C TYR D 75 40.53 29.06 21.76
N SER D 76 40.65 29.97 22.72
CA SER D 76 41.74 29.94 23.69
C SER D 76 41.28 30.16 25.13
N GLU D 77 40.03 30.54 25.36
CA GLU D 77 39.57 30.78 26.74
C GLU D 77 39.52 29.49 27.54
N TYR D 78 39.05 28.40 26.94
CA TYR D 78 38.87 27.15 27.65
C TYR D 78 40.12 26.28 27.52
N PRO D 79 40.76 25.88 28.62
CA PRO D 79 41.97 25.05 28.51
C PRO D 79 41.74 23.72 27.83
N ASP D 80 40.56 23.11 27.99
CA ASP D 80 40.31 21.80 27.42
C ASP D 80 40.25 21.87 25.90
N ASP D 81 40.46 20.71 25.27
CA ASP D 81 40.50 20.62 23.81
C ASP D 81 39.15 20.24 23.22
N SER D 82 38.50 19.20 23.75
CA SER D 82 37.23 18.73 23.21
C SER D 82 36.09 19.49 23.88
N LEU D 83 35.16 19.99 23.05
CA LEU D 83 34.03 20.77 23.54
C LEU D 83 32.76 20.27 22.86
N ASP D 84 31.71 20.04 23.65
CA ASP D 84 30.43 19.56 23.15
C ASP D 84 29.42 20.70 23.19
N LEU D 85 28.71 20.89 22.09
CA LEU D 85 27.74 21.97 21.95
C LEU D 85 26.37 21.40 21.63
N ASP D 86 25.36 22.26 21.73
CA ASP D 86 24.00 21.84 21.45
C ASP D 86 23.82 21.57 19.96
N PRO D 87 22.99 20.58 19.62
CA PRO D 87 22.70 20.33 18.20
C PRO D 87 22.08 21.53 17.49
N SER D 88 21.34 22.38 18.22
CA SER D 88 20.72 23.54 17.60
C SER D 88 21.72 24.58 17.11
N MET D 89 22.96 24.52 17.58
CA MET D 89 23.98 25.48 17.16
C MET D 89 24.43 25.25 15.73
N LEU D 90 24.08 24.12 15.11
CA LEU D 90 24.58 23.76 13.80
C LEU D 90 24.04 24.63 12.68
N ASP D 91 23.04 25.47 12.94
CA ASP D 91 22.50 26.35 11.92
C ASP D 91 23.27 27.66 11.81
N SER D 92 24.34 27.83 12.60
CA SER D 92 25.09 29.08 12.62
C SER D 92 26.52 28.93 12.11
N ILE D 93 26.93 27.73 11.71
CA ILE D 93 28.29 27.50 11.23
C ILE D 93 28.24 26.92 9.82
N TRP D 94 29.36 27.04 9.11
CA TRP D 94 29.44 26.50 7.77
C TRP D 94 29.46 24.98 7.80
N LYS D 95 28.77 24.37 6.85
CA LYS D 95 28.71 22.92 6.72
C LYS D 95 28.89 22.52 5.26
N PRO D 96 29.50 21.37 5.01
CA PRO D 96 29.72 20.94 3.62
C PRO D 96 28.49 20.23 3.06
N ASP D 97 28.16 20.56 1.82
CA ASP D 97 27.07 19.89 1.14
C ASP D 97 27.43 18.44 0.87
N LEU D 98 26.45 17.56 1.02
CA LEU D 98 26.68 16.13 0.85
C LEU D 98 25.34 15.45 0.56
N PHE D 99 25.22 14.84 -0.60
CA PHE D 99 24.02 14.11 -0.98
C PHE D 99 24.41 12.75 -1.55
N PHE D 100 23.50 11.79 -1.41
CA PHE D 100 23.73 10.43 -1.90
C PHE D 100 23.16 10.32 -3.30
N ALA D 101 24.03 10.05 -4.28
CA ALA D 101 23.62 10.09 -5.67
C ALA D 101 22.60 9.01 -6.00
N ASN D 102 22.84 7.78 -5.53
CA ASN D 102 21.92 6.67 -5.81
C ASN D 102 20.92 6.50 -4.68
N GLU D 103 20.03 7.49 -4.56
CA GLU D 103 19.04 7.52 -3.49
C GLU D 103 17.66 7.72 -4.09
N LYS D 104 16.71 6.88 -3.68
CA LYS D 104 15.31 7.06 -4.05
C LYS D 104 14.54 7.89 -3.05
N GLY D 105 15.10 8.15 -1.88
CA GLY D 105 14.46 8.98 -0.87
C GLY D 105 15.09 8.79 0.50
N ALA D 106 15.31 9.89 1.21
CA ALA D 106 15.89 9.82 2.54
C ALA D 106 15.36 10.98 3.38
N ASN D 107 15.31 10.77 4.69
CA ASN D 107 14.75 11.76 5.58
C ASN D 107 15.51 11.77 6.90
N PHE D 108 15.54 12.94 7.53
CA PHE D 108 16.15 13.04 8.84
C PHE D 108 15.27 12.37 9.89
N HIS D 109 15.84 12.17 11.07
CA HIS D 109 15.11 11.66 12.22
C HIS D 109 15.02 12.75 13.28
N GLU D 110 13.81 13.13 13.65
CA GLU D 110 13.59 14.09 14.72
C GLU D 110 12.55 13.53 15.67
N VAL D 111 12.96 13.29 16.92
CA VAL D 111 12.03 12.84 17.95
C VAL D 111 12.51 13.38 19.29
N THR D 112 11.72 14.28 19.88
CA THR D 112 11.98 14.98 21.13
C THR D 112 13.08 16.02 20.94
N THR D 113 13.75 15.99 19.79
CA THR D 113 14.74 16.96 19.35
C THR D 113 15.27 16.48 18.01
N ASP D 114 16.13 17.29 17.40
CA ASP D 114 16.88 16.84 16.24
C ASP D 114 17.96 15.87 16.67
N ASN D 115 18.27 14.92 15.78
CA ASN D 115 19.32 13.93 16.05
C ASN D 115 20.59 14.40 15.37
N LYS D 116 21.34 15.26 16.07
CA LYS D 116 22.58 15.81 15.54
C LYS D 116 23.60 15.91 16.67
N LEU D 117 24.87 15.92 16.30
CA LEU D 117 25.96 16.08 17.26
C LEU D 117 26.98 17.06 16.69
N LEU D 118 27.50 17.90 17.58
CA LEU D 118 28.52 18.88 17.21
C LEU D 118 29.64 18.84 18.24
N ARG D 119 30.87 18.96 17.76
CA ARG D 119 32.04 18.93 18.63
C ARG D 119 33.15 19.74 17.98
N ILE D 120 33.61 20.78 18.68
CA ILE D 120 34.62 21.69 18.16
C ILE D 120 35.88 21.52 19.00
N PHE D 121 36.98 21.21 18.35
CA PHE D 121 38.26 21.06 19.04
C PHE D 121 39.00 22.40 19.09
N LYS D 122 40.11 22.40 19.84
CA LYS D 122 40.86 23.64 20.05
C LYS D 122 41.48 24.15 18.75
N ASN D 123 42.05 23.25 17.95
CA ASN D 123 42.79 23.65 16.75
C ASN D 123 41.89 23.91 15.56
N GLY D 124 40.56 23.77 15.72
CA GLY D 124 39.63 24.07 14.65
C GLY D 124 38.95 22.86 14.04
N ASN D 125 39.43 21.65 14.31
CA ASN D 125 38.76 20.46 13.81
C ASN D 125 37.35 20.38 14.35
N VAL D 126 36.41 20.03 13.47
CA VAL D 126 35.00 19.98 13.81
C VAL D 126 34.47 18.59 13.46
N LEU D 127 33.71 18.00 14.37
CA LEU D 127 33.03 16.74 14.14
C LEU D 127 31.54 17.00 14.07
N TYR D 128 30.88 16.42 13.07
CA TYR D 128 29.48 16.68 12.79
C TYR D 128 28.84 15.37 12.36
N SER D 129 28.15 14.72 13.28
CA SER D 129 27.51 13.43 13.03
C SER D 129 26.00 13.61 13.06
N ILE D 130 25.32 13.09 12.03
CA ILE D 130 23.89 13.27 11.87
C ILE D 130 23.26 11.94 11.52
N ARG D 131 22.14 11.63 12.16
CA ARG D 131 21.43 10.38 11.90
C ARG D 131 20.55 10.52 10.67
N LEU D 132 20.51 9.47 9.85
CA LEU D 132 19.78 9.50 8.59
C LEU D 132 19.16 8.13 8.35
N THR D 133 18.14 8.12 7.48
CA THR D 133 17.52 6.88 7.01
C THR D 133 17.40 6.96 5.50
N LEU D 134 18.05 6.03 4.81
CA LEU D 134 18.17 6.08 3.36
C LEU D 134 17.49 4.88 2.73
N THR D 135 17.02 5.06 1.50
CA THR D 135 16.49 3.98 0.66
C THR D 135 17.29 4.01 -0.63
N LEU D 136 18.43 3.33 -0.62
CA LEU D 136 19.33 3.36 -1.76
C LEU D 136 18.83 2.44 -2.86
N SER D 137 19.43 2.59 -4.05
CA SER D 137 19.05 1.83 -5.23
C SER D 137 20.27 1.11 -5.78
N CYS D 138 20.12 -0.18 -6.08
CA CYS D 138 21.20 -0.95 -6.68
C CYS D 138 20.64 -1.93 -7.70
N PRO D 139 21.03 -1.83 -8.97
CA PRO D 139 20.63 -2.83 -9.96
C PRO D 139 21.22 -4.19 -9.63
N MET D 140 20.50 -5.24 -10.03
CA MET D 140 20.86 -6.61 -9.70
C MET D 140 20.86 -7.45 -10.96
N ASP D 141 21.70 -8.49 -10.96
CA ASP D 141 21.72 -9.50 -12.01
C ASP D 141 21.16 -10.80 -11.45
N LEU D 142 20.18 -11.36 -12.13
CA LEU D 142 19.50 -12.57 -11.69
C LEU D 142 19.76 -13.73 -12.65
N LYS D 143 21.00 -13.82 -13.14
CA LYS D 143 21.35 -14.93 -14.03
C LYS D 143 21.21 -16.27 -13.33
N ASN D 144 21.65 -16.35 -12.08
CA ASN D 144 21.48 -17.52 -11.23
C ASN D 144 20.77 -17.06 -9.97
N PHE D 145 19.44 -16.99 -10.03
CA PHE D 145 18.68 -16.33 -8.97
C PHE D 145 18.83 -17.00 -7.60
N PRO D 146 18.64 -18.31 -7.45
CA PRO D 146 18.75 -18.90 -6.10
C PRO D 146 20.17 -18.94 -5.56
N MET D 147 21.18 -18.73 -6.40
CA MET D 147 22.58 -18.77 -5.97
C MET D 147 23.32 -17.54 -6.50
N ASP D 148 22.73 -16.37 -6.31
CA ASP D 148 23.31 -15.13 -6.81
C ASP D 148 24.13 -14.44 -5.74
N VAL D 149 25.05 -13.59 -6.19
CA VAL D 149 25.83 -12.72 -5.32
C VAL D 149 25.62 -11.28 -5.79
N GLN D 150 25.10 -10.44 -4.91
CA GLN D 150 24.73 -9.08 -5.26
C GLN D 150 25.65 -8.08 -4.56
N THR D 151 25.98 -7.01 -5.27
CA THR D 151 26.80 -5.92 -4.73
C THR D 151 25.97 -4.64 -4.82
N CYS D 152 25.54 -4.13 -3.68
CA CYS D 152 24.77 -2.89 -3.64
C CYS D 152 25.65 -1.73 -3.19
N ILE D 153 25.48 -0.59 -3.84
CA ILE D 153 26.43 0.51 -3.79
C ILE D 153 25.84 1.68 -3.02
N MET D 154 26.67 2.32 -2.20
CA MET D 154 26.34 3.58 -1.54
C MET D 154 27.35 4.63 -2.00
N GLN D 155 26.86 5.76 -2.49
CA GLN D 155 27.70 6.81 -3.03
C GLN D 155 27.51 8.11 -2.26
N LEU D 156 28.61 8.79 -1.96
CA LEU D 156 28.60 10.12 -1.37
C LEU D 156 29.19 11.09 -2.37
N GLU D 157 28.55 12.24 -2.55
CA GLU D 157 28.95 13.17 -3.59
C GLU D 157 28.62 14.59 -3.16
N SER D 158 29.53 15.52 -3.46
CA SER D 158 29.27 16.93 -3.25
C SER D 158 28.45 17.50 -4.39
N PHE D 159 27.64 18.50 -4.08
CA PHE D 159 26.75 19.10 -5.06
C PHE D 159 27.02 20.58 -5.28
N GLY D 160 27.14 21.35 -4.20
CA GLY D 160 27.32 22.79 -4.34
C GLY D 160 28.67 23.17 -4.93
N TYR D 161 29.73 22.49 -4.52
CA TYR D 161 31.09 22.88 -4.86
C TYR D 161 31.75 21.81 -5.72
N THR D 162 32.69 22.25 -6.55
CA THR D 162 33.45 21.36 -7.41
C THR D 162 34.64 20.79 -6.65
N MET D 163 35.50 20.05 -7.34
CA MET D 163 36.72 19.56 -6.71
C MET D 163 37.72 20.66 -6.44
N ASN D 164 37.51 21.85 -6.98
CA ASN D 164 38.38 22.98 -6.70
C ASN D 164 38.09 23.62 -5.35
N ASP D 165 37.03 23.22 -4.66
CA ASP D 165 36.67 23.81 -3.38
C ASP D 165 36.49 22.75 -2.29
N LEU D 166 35.98 21.58 -2.66
CA LEU D 166 35.66 20.55 -1.68
C LEU D 166 36.19 19.20 -2.17
N ILE D 167 36.82 18.46 -1.28
CA ILE D 167 37.36 17.13 -1.58
C ILE D 167 36.96 16.18 -0.47
N PHE D 168 36.41 15.03 -0.84
CA PHE D 168 36.00 14.01 0.11
C PHE D 168 37.01 12.88 0.15
N GLU D 169 37.29 12.37 1.35
CA GLU D 169 38.18 11.25 1.54
C GLU D 169 37.63 10.34 2.63
N TRP D 170 37.91 9.04 2.50
CA TRP D 170 37.56 8.10 3.55
C TRP D 170 38.53 8.23 4.73
N GLN D 171 38.12 7.69 5.86
CA GLN D 171 38.97 7.69 7.04
C GLN D 171 40.05 6.61 6.91
N ASP D 172 41.19 6.86 7.54
CA ASP D 172 42.32 5.94 7.41
C ASP D 172 42.02 4.58 8.03
N GLU D 173 41.44 4.56 9.22
CA GLU D 173 41.12 3.31 9.91
C GLU D 173 39.65 3.29 10.27
N ALA D 174 39.08 2.09 10.28
CA ALA D 174 37.67 1.86 10.57
C ALA D 174 36.77 2.77 9.73
N PRO D 175 36.81 2.67 8.40
CA PRO D 175 36.00 3.58 7.58
C PRO D 175 34.52 3.25 7.64
N VAL D 176 34.15 1.98 7.59
CA VAL D 176 32.75 1.55 7.67
C VAL D 176 32.63 0.57 8.82
N GLN D 177 31.71 0.84 9.75
CA GLN D 177 31.54 0.05 10.95
C GLN D 177 30.13 -0.50 10.98
N VAL D 178 29.99 -1.74 11.45
CA VAL D 178 28.71 -2.43 11.52
C VAL D 178 28.38 -2.68 12.97
N ALA D 179 27.15 -2.40 13.37
CA ALA D 179 26.72 -2.65 14.73
C ALA D 179 26.81 -4.14 15.05
N GLU D 180 27.19 -4.44 16.29
CA GLU D 180 27.38 -5.83 16.69
C GLU D 180 26.05 -6.58 16.66
N GLY D 181 26.07 -7.78 16.08
CA GLY D 181 24.90 -8.61 16.02
C GLY D 181 23.91 -8.27 14.92
N LEU D 182 24.30 -7.44 13.96
CA LEU D 182 23.41 -7.12 12.85
C LEU D 182 23.11 -8.37 12.03
N THR D 183 21.83 -8.59 11.73
CA THR D 183 21.40 -9.76 10.98
C THR D 183 20.52 -9.32 9.82
N LEU D 184 20.62 -10.07 8.72
CA LEU D 184 19.74 -9.86 7.58
C LEU D 184 18.69 -10.97 7.54
N PRO D 185 17.47 -10.64 7.13
CA PRO D 185 16.41 -11.67 7.13
C PRO D 185 16.71 -12.85 6.20
N GLN D 186 17.37 -12.61 5.08
CA GLN D 186 17.55 -13.65 4.08
C GLN D 186 19.00 -13.74 3.59
N PHE D 187 19.73 -12.63 3.64
CA PHE D 187 21.06 -12.54 3.07
C PHE D 187 22.13 -12.68 4.15
N LEU D 188 23.39 -12.54 3.72
CA LEU D 188 24.53 -12.50 4.62
C LEU D 188 25.44 -11.37 4.21
N LEU D 189 26.02 -10.69 5.19
CA LEU D 189 26.88 -9.55 4.96
C LEU D 189 28.33 -9.98 5.10
N LYS D 190 29.13 -9.75 4.05
CA LYS D 190 30.52 -10.16 4.06
C LYS D 190 31.36 -9.24 4.95
N GLU D 191 32.48 -9.78 5.42
CA GLU D 191 33.39 -9.00 6.25
C GLU D 191 34.02 -7.86 5.48
N GLU D 192 34.40 -8.10 4.22
CA GLU D 192 35.10 -7.11 3.42
C GLU D 192 34.12 -6.15 2.75
N LYS D 193 34.50 -4.88 2.70
CA LYS D 193 33.71 -3.84 2.05
C LYS D 193 34.64 -2.96 1.24
N ASP D 194 34.45 -2.93 -0.08
CA ASP D 194 35.35 -2.20 -0.95
C ASP D 194 35.11 -0.69 -0.85
N LEU D 195 36.20 0.06 -0.97
CA LEU D 195 36.16 1.52 -1.01
C LEU D 195 36.90 1.99 -2.24
N ARG D 196 36.34 2.99 -2.93
CA ARG D 196 36.98 3.52 -4.12
C ARG D 196 36.47 4.94 -4.37
N TYR D 197 37.03 5.57 -5.39
CA TYR D 197 36.64 6.90 -5.82
C TYR D 197 35.82 6.80 -7.09
N CYS D 198 34.90 7.76 -7.28
CA CYS D 198 34.11 7.86 -8.48
C CYS D 198 34.42 9.12 -9.28
N THR D 199 34.44 10.29 -8.63
CA THR D 199 34.84 11.55 -9.24
C THR D 199 34.03 11.83 -10.50
N LYS D 200 32.74 12.03 -10.30
CA LYS D 200 31.83 12.23 -11.42
C LYS D 200 32.14 13.53 -12.16
N HIS D 201 32.05 13.48 -13.49
CA HIS D 201 32.30 14.63 -14.34
C HIS D 201 31.00 15.05 -15.02
N TYR D 202 30.60 16.29 -14.82
CA TYR D 202 29.45 16.88 -15.49
C TYR D 202 29.91 18.05 -16.34
N ASN D 203 28.98 18.61 -17.11
CA ASN D 203 29.31 19.77 -17.92
C ASN D 203 29.46 21.04 -17.10
N THR D 204 28.88 21.09 -15.90
CA THR D 204 29.01 22.26 -15.04
C THR D 204 30.32 22.29 -14.26
N GLY D 205 31.03 21.17 -14.19
CA GLY D 205 32.30 21.13 -13.50
C GLY D 205 32.71 19.72 -13.16
N LYS D 206 33.73 19.62 -12.32
CA LYS D 206 34.26 18.35 -11.85
C LYS D 206 33.96 18.22 -10.37
N PHE D 207 33.12 17.24 -10.02
CA PHE D 207 32.64 17.06 -8.65
C PHE D 207 33.35 15.89 -7.99
N THR D 208 33.65 16.04 -6.70
CA THR D 208 34.21 14.95 -5.93
C THR D 208 33.15 13.92 -5.61
N CYS D 209 33.58 12.68 -5.39
CA CYS D 209 32.66 11.59 -5.13
C CYS D 209 33.36 10.52 -4.32
N ILE D 210 32.58 9.69 -3.65
CA ILE D 210 33.09 8.66 -2.74
C ILE D 210 32.11 7.49 -2.77
N GLU D 211 32.65 6.28 -2.85
CA GLU D 211 31.84 5.09 -3.06
C GLU D 211 32.26 3.97 -2.12
N VAL D 212 31.28 3.23 -1.61
CA VAL D 212 31.52 2.07 -0.75
C VAL D 212 30.64 0.92 -1.24
N ARG D 213 31.22 -0.27 -1.32
CA ARG D 213 30.55 -1.44 -1.85
C ARG D 213 30.29 -2.46 -0.75
N PHE D 214 29.09 -3.02 -0.74
CA PHE D 214 28.73 -4.13 0.14
C PHE D 214 28.56 -5.39 -0.70
N HIS D 215 29.13 -6.50 -0.24
CA HIS D 215 29.00 -7.78 -0.91
C HIS D 215 27.94 -8.61 -0.20
N LEU D 216 26.89 -8.99 -0.94
CA LEU D 216 25.78 -9.76 -0.41
C LEU D 216 25.63 -11.06 -1.19
N GLU D 217 25.45 -12.16 -0.46
CA GLU D 217 25.18 -13.45 -1.07
C GLU D 217 23.93 -14.05 -0.44
N ARG D 218 23.06 -14.59 -1.29
CA ARG D 218 21.75 -15.06 -0.84
C ARG D 218 21.87 -16.44 -0.20
N GLN D 219 20.98 -16.71 0.74
CA GLN D 219 20.87 -18.02 1.35
C GLN D 219 19.79 -18.83 0.64
N MET D 220 20.13 -20.06 0.30
CA MET D 220 19.23 -20.93 -0.46
C MET D 220 18.41 -21.86 0.43
N GLY D 221 18.45 -21.66 1.75
CA GLY D 221 17.74 -22.56 2.65
C GLY D 221 16.24 -22.56 2.43
N TYR D 222 15.66 -21.37 2.26
CA TYR D 222 14.22 -21.28 2.03
C TYR D 222 13.85 -21.75 0.64
N TYR D 223 14.60 -21.32 -0.37
CA TYR D 223 14.26 -21.63 -1.75
C TYR D 223 14.39 -23.12 -2.03
N LEU D 224 15.40 -23.76 -1.45
CA LEU D 224 15.54 -25.21 -1.57
C LEU D 224 14.25 -25.91 -1.16
N ILE D 225 13.82 -25.68 0.08
CA ILE D 225 12.61 -26.32 0.60
C ILE D 225 11.41 -25.96 -0.25
N GLN D 226 11.29 -24.69 -0.66
CA GLN D 226 10.07 -24.25 -1.33
C GLN D 226 9.95 -24.81 -2.74
N MET D 227 11.07 -24.96 -3.44
CA MET D 227 11.01 -25.27 -4.87
C MET D 227 11.62 -26.62 -5.22
N TYR D 228 12.84 -26.92 -4.76
CA TYR D 228 13.55 -28.07 -5.31
C TYR D 228 12.96 -29.38 -4.82
N ILE D 229 12.54 -29.44 -3.56
CA ILE D 229 11.95 -30.68 -3.02
C ILE D 229 10.67 -31.06 -3.76
N PRO D 230 9.68 -30.17 -3.93
CA PRO D 230 8.48 -30.58 -4.68
C PRO D 230 8.79 -31.00 -6.11
N SER D 231 9.75 -30.33 -6.76
CA SER D 231 10.13 -30.73 -8.11
C SER D 231 10.73 -32.14 -8.12
N LEU D 232 11.56 -32.46 -7.12
CA LEU D 232 12.11 -33.81 -7.02
C LEU D 232 10.99 -34.83 -6.82
N LEU D 233 10.04 -34.53 -5.94
CA LEU D 233 8.92 -35.44 -5.75
C LEU D 233 8.14 -35.65 -7.04
N ILE D 234 7.88 -34.57 -7.77
CA ILE D 234 7.11 -34.66 -9.01
C ILE D 234 7.85 -35.49 -10.04
N VAL D 235 9.15 -35.23 -10.22
CA VAL D 235 9.90 -35.96 -11.23
C VAL D 235 10.06 -37.42 -10.84
N ILE D 236 10.14 -37.72 -9.54
CA ILE D 236 10.22 -39.11 -9.11
C ILE D 236 8.90 -39.83 -9.36
N LEU D 237 7.77 -39.16 -9.06
CA LEU D 237 6.48 -39.76 -9.31
C LEU D 237 6.17 -39.90 -10.81
N SER D 238 6.81 -39.09 -11.64
CA SER D 238 6.59 -39.22 -13.09
C SER D 238 7.05 -40.57 -13.60
N TRP D 239 8.11 -41.13 -13.01
CA TRP D 239 8.64 -42.41 -13.47
C TRP D 239 7.72 -43.59 -13.15
N VAL D 240 6.73 -43.39 -12.29
CA VAL D 240 5.82 -44.48 -11.94
C VAL D 240 5.01 -44.94 -13.14
N SER D 241 4.79 -44.04 -14.12
CA SER D 241 3.95 -44.37 -15.25
C SER D 241 4.54 -45.51 -16.08
N PHE D 242 5.87 -45.54 -16.24
CA PHE D 242 6.49 -46.52 -17.12
C PHE D 242 6.25 -47.94 -16.62
N TRP D 243 6.34 -48.15 -15.31
CA TRP D 243 6.17 -49.49 -14.76
C TRP D 243 4.72 -49.93 -14.74
N ILE D 244 3.78 -49.00 -14.92
CA ILE D 244 2.36 -49.35 -14.97
C ILE D 244 2.05 -50.04 -16.29
N ASN D 245 1.23 -51.09 -16.23
CA ASN D 245 0.90 -51.86 -17.41
C ASN D 245 0.13 -51.00 -18.41
N MET D 246 0.25 -51.37 -19.69
CA MET D 246 -0.41 -50.61 -20.76
C MET D 246 -1.93 -50.67 -20.63
N ASP D 247 -2.46 -51.79 -20.13
CA ASP D 247 -3.91 -51.95 -20.02
C ASP D 247 -4.55 -50.89 -19.14
N ALA D 248 -3.80 -50.28 -18.23
CA ALA D 248 -4.31 -49.20 -17.40
C ALA D 248 -4.03 -47.85 -18.04
N ALA D 249 -4.51 -47.70 -19.27
CA ALA D 249 -4.30 -46.48 -20.03
C ALA D 249 -4.91 -45.24 -19.36
N PRO D 250 -6.17 -45.24 -18.92
CA PRO D 250 -6.71 -44.03 -18.28
C PRO D 250 -5.96 -43.62 -17.04
N ALA D 251 -5.47 -44.56 -16.25
CA ALA D 251 -4.71 -44.21 -15.05
C ALA D 251 -3.42 -43.48 -15.42
N ARG D 252 -2.70 -43.98 -16.43
CA ARG D 252 -1.49 -43.31 -16.88
C ARG D 252 -1.80 -41.93 -17.46
N VAL D 253 -2.89 -41.82 -18.21
CA VAL D 253 -3.30 -40.53 -18.76
C VAL D 253 -3.56 -39.53 -17.62
N ALA D 254 -4.30 -39.96 -16.61
CA ALA D 254 -4.62 -39.07 -15.50
C ALA D 254 -3.38 -38.68 -14.72
N LEU D 255 -2.47 -39.63 -14.48
CA LEU D 255 -1.25 -39.32 -13.76
C LEU D 255 -0.39 -38.33 -14.54
N GLY D 256 -0.25 -38.53 -15.85
CA GLY D 256 0.49 -37.58 -16.67
C GLY D 256 -0.14 -36.21 -16.65
N ILE D 257 -1.47 -36.14 -16.76
CA ILE D 257 -2.15 -34.85 -16.79
C ILE D 257 -1.96 -34.11 -15.47
N THR D 258 -2.13 -34.82 -14.34
CA THR D 258 -1.99 -34.14 -13.06
C THR D 258 -0.54 -33.75 -12.78
N THR D 259 0.43 -34.55 -13.24
CA THR D 259 1.83 -34.16 -13.09
C THR D 259 2.14 -32.92 -13.91
N VAL D 260 1.63 -32.85 -15.14
CA VAL D 260 1.82 -31.66 -15.97
C VAL D 260 1.16 -30.45 -15.32
N LEU D 261 -0.04 -30.64 -14.75
CA LEU D 261 -0.74 -29.54 -14.09
C LEU D 261 0.07 -29.02 -12.91
N THR D 262 0.60 -29.93 -12.08
CA THR D 262 1.40 -29.51 -10.94
C THR D 262 2.65 -28.77 -11.38
N MET D 263 3.34 -29.29 -12.39
CA MET D 263 4.55 -28.62 -12.88
C MET D 263 4.22 -27.23 -13.43
N THR D 264 3.14 -27.12 -14.21
CA THR D 264 2.76 -25.82 -14.76
C THR D 264 2.42 -24.83 -13.66
N THR D 265 1.65 -25.28 -12.66
CA THR D 265 1.27 -24.38 -11.56
C THR D 265 2.51 -23.92 -10.80
N GLN D 266 3.42 -24.84 -10.50
CA GLN D 266 4.63 -24.45 -9.76
C GLN D 266 5.50 -23.50 -10.58
N SER D 267 5.64 -23.76 -11.88
CA SER D 267 6.44 -22.87 -12.73
C SER D 267 5.82 -21.49 -12.80
N SER D 268 4.50 -21.41 -12.97
CA SER D 268 3.84 -20.11 -13.02
C SER D 268 3.96 -19.37 -11.68
N GLY D 269 3.82 -20.09 -10.57
CA GLY D 269 3.98 -19.45 -9.28
C GLY D 269 5.39 -18.95 -9.01
N SER D 270 6.39 -19.68 -9.52
CA SER D 270 7.77 -19.32 -9.25
C SER D 270 8.12 -17.94 -9.82
N ARG D 271 7.68 -17.67 -11.05
CA ARG D 271 8.03 -16.41 -11.70
C ARG D 271 7.19 -15.23 -11.20
N ALA D 272 6.11 -15.48 -10.47
CA ALA D 272 5.24 -14.40 -10.02
C ALA D 272 5.83 -13.61 -8.86
N SER D 273 6.90 -14.10 -8.24
CA SER D 273 7.50 -13.46 -7.09
C SER D 273 8.75 -12.65 -7.43
N LEU D 274 9.06 -12.48 -8.70
CA LEU D 274 10.27 -11.79 -9.13
C LEU D 274 9.94 -10.73 -10.17
N PRO D 275 10.75 -9.68 -10.27
CA PRO D 275 10.52 -8.66 -11.30
C PRO D 275 10.74 -9.20 -12.69
N LYS D 276 10.05 -8.60 -13.66
CA LYS D 276 10.18 -9.02 -15.05
C LYS D 276 11.60 -8.81 -15.55
N VAL D 277 12.16 -9.82 -16.21
CA VAL D 277 13.51 -9.75 -16.75
C VAL D 277 13.51 -10.43 -18.12
N SER D 278 14.26 -9.84 -19.06
CA SER D 278 14.33 -10.39 -20.40
C SER D 278 15.03 -11.74 -20.41
N TYR D 279 16.19 -11.84 -19.76
CA TYR D 279 16.96 -13.07 -19.79
C TYR D 279 16.32 -14.14 -18.92
N VAL D 280 16.83 -15.36 -19.07
CA VAL D 280 16.31 -16.51 -18.33
C VAL D 280 17.11 -16.71 -17.05
N LYS D 281 16.45 -17.23 -16.03
CA LYS D 281 17.05 -17.44 -14.71
C LYS D 281 17.27 -18.93 -14.47
N ALA D 282 18.07 -19.24 -13.46
CA ALA D 282 18.38 -20.63 -13.15
C ALA D 282 17.13 -21.40 -12.73
N ILE D 283 16.27 -20.80 -11.91
CA ILE D 283 15.05 -21.47 -11.50
C ILE D 283 14.15 -21.70 -12.71
N ASP D 284 14.13 -20.75 -13.65
CA ASP D 284 13.35 -20.96 -14.87
C ASP D 284 13.87 -22.15 -15.66
N ILE D 285 15.19 -22.29 -15.77
CA ILE D 285 15.77 -23.43 -16.48
C ILE D 285 15.39 -24.74 -15.78
N TRP D 286 15.49 -24.77 -14.46
CA TRP D 286 15.15 -25.97 -13.71
C TRP D 286 13.70 -26.36 -13.92
N MET D 287 12.79 -25.39 -13.77
CA MET D 287 11.37 -25.68 -13.92
C MET D 287 11.05 -26.11 -15.36
N ALA D 288 11.64 -25.44 -16.35
CA ALA D 288 11.39 -25.80 -17.74
C ALA D 288 11.87 -27.20 -18.05
N VAL D 289 13.05 -27.57 -17.54
CA VAL D 289 13.57 -28.92 -17.84
C VAL D 289 12.72 -29.98 -17.14
N CYS D 290 12.29 -29.72 -15.90
CA CYS D 290 11.44 -30.69 -15.23
C CYS D 290 10.10 -30.86 -15.96
N LEU D 291 9.51 -29.75 -16.39
CA LEU D 291 8.26 -29.81 -17.16
C LEU D 291 8.48 -30.55 -18.48
N LEU D 292 9.62 -30.32 -19.12
CA LEU D 292 9.93 -31.02 -20.36
C LEU D 292 10.06 -32.52 -20.13
N PHE D 293 10.68 -32.91 -19.02
CA PHE D 293 10.79 -34.34 -18.71
C PHE D 293 9.43 -34.96 -18.49
N VAL D 294 8.55 -34.28 -17.75
CA VAL D 294 7.20 -34.82 -17.53
C VAL D 294 6.45 -34.93 -18.85
N PHE D 295 6.51 -33.89 -19.68
CA PHE D 295 5.83 -33.90 -20.97
C PHE D 295 6.36 -35.01 -21.87
N SER D 296 7.68 -35.21 -21.86
CA SER D 296 8.27 -36.28 -22.66
C SER D 296 7.85 -37.65 -22.16
N ALA D 297 7.73 -37.82 -20.84
CA ALA D 297 7.23 -39.09 -20.31
C ALA D 297 5.81 -39.36 -20.80
N LEU D 298 4.95 -38.34 -20.74
CA LEU D 298 3.57 -38.52 -21.20
C LEU D 298 3.53 -38.82 -22.70
N LEU D 299 4.36 -38.13 -23.48
CA LEU D 299 4.41 -38.37 -24.92
C LEU D 299 4.91 -39.78 -25.22
N GLU D 300 5.89 -40.26 -24.45
CA GLU D 300 6.38 -41.62 -24.63
C GLU D 300 5.29 -42.63 -24.33
N TYR D 301 4.51 -42.39 -23.27
CA TYR D 301 3.39 -43.28 -22.98
C TYR D 301 2.38 -43.28 -24.13
N ALA D 302 2.08 -42.11 -24.67
CA ALA D 302 1.14 -42.02 -25.78
C ALA D 302 1.65 -42.78 -27.01
N ALA D 303 2.95 -42.64 -27.30
CA ALA D 303 3.53 -43.35 -28.44
C ALA D 303 3.48 -44.86 -28.23
N VAL D 304 3.77 -45.32 -27.01
CA VAL D 304 3.72 -46.76 -26.73
C VAL D 304 2.29 -47.27 -26.87
N ASN D 305 1.32 -46.50 -26.38
CA ASN D 305 -0.08 -46.92 -26.53
C ASN D 305 -0.49 -46.97 -27.99
N PHE D 306 -0.03 -46.01 -28.80
CA PHE D 306 -0.31 -46.05 -30.23
C PHE D 306 0.32 -47.29 -30.87
N VAL D 307 1.54 -47.63 -30.46
CA VAL D 307 2.20 -48.81 -31.01
C VAL D 307 1.44 -50.09 -30.64
N SER D 308 0.96 -50.18 -29.41
CA SER D 308 0.36 -51.43 -28.93
C SER D 308 -0.95 -51.73 -29.67
N ARG D 309 -1.71 -50.69 -30.04
CA ARG D 309 -3.04 -50.86 -30.60
C ARG D 309 -3.04 -50.76 -32.13
N GLN D 310 -1.97 -51.23 -32.78
CA GLN D 310 -1.93 -51.23 -34.24
C GLN D 310 -2.56 -52.51 -34.80
N LYS D 377 0.78 -59.64 -29.88
CA LYS D 377 1.52 -60.57 -30.74
C LYS D 377 2.46 -59.83 -31.68
N VAL D 378 3.76 -60.07 -31.51
CA VAL D 378 4.85 -59.51 -32.33
C VAL D 378 4.97 -58.00 -32.14
N PHE D 379 3.96 -57.38 -31.53
CA PHE D 379 4.00 -55.96 -31.19
C PHE D 379 4.02 -55.71 -29.69
N ILE D 380 3.40 -56.59 -28.90
CA ILE D 380 3.40 -56.42 -27.46
C ILE D 380 4.82 -56.52 -26.90
N ASP D 381 5.65 -57.39 -27.48
CA ASP D 381 7.03 -57.46 -27.06
C ASP D 381 7.77 -56.17 -27.36
N ARG D 382 7.49 -55.55 -28.51
CA ARG D 382 8.10 -54.26 -28.83
C ARG D 382 7.66 -53.18 -27.84
N ALA D 383 6.38 -53.17 -27.50
CA ALA D 383 5.89 -52.19 -26.52
C ALA D 383 6.56 -52.41 -25.17
N LYS D 384 6.67 -53.66 -24.73
CA LYS D 384 7.33 -53.94 -23.46
C LYS D 384 8.80 -53.53 -23.49
N LYS D 385 9.49 -53.81 -24.59
CA LYS D 385 10.92 -53.48 -24.65
C LYS D 385 11.14 -51.98 -24.68
N ILE D 386 10.31 -51.23 -25.40
CA ILE D 386 10.47 -49.78 -25.42
C ILE D 386 10.11 -49.19 -24.06
N ASP D 387 9.09 -49.74 -23.39
CA ASP D 387 8.74 -49.26 -22.06
C ASP D 387 9.86 -49.51 -21.07
N THR D 388 10.47 -50.70 -21.12
CA THR D 388 11.58 -51.00 -20.22
C THR D 388 12.80 -50.15 -20.53
N ILE D 389 13.07 -49.90 -21.82
CA ILE D 389 14.21 -49.06 -22.19
C ILE D 389 14.00 -47.65 -21.65
N SER D 390 12.79 -47.10 -21.80
CA SER D 390 12.51 -45.78 -21.25
C SER D 390 12.63 -45.77 -19.74
N ARG D 391 12.08 -46.80 -19.07
CA ARG D 391 12.11 -46.83 -17.61
C ARG D 391 13.53 -46.98 -17.08
N ALA D 392 14.43 -47.56 -17.87
CA ALA D 392 15.82 -47.69 -17.46
C ALA D 392 16.68 -46.49 -17.86
N CYS D 393 16.29 -45.76 -18.90
CA CYS D 393 17.10 -44.65 -19.38
C CYS D 393 16.73 -43.31 -18.75
N PHE D 394 15.43 -43.06 -18.52
CA PHE D 394 15.02 -41.76 -17.99
C PHE D 394 15.62 -41.44 -16.63
N PRO D 395 15.61 -42.34 -15.63
CA PRO D 395 16.28 -42.00 -14.37
C PRO D 395 17.76 -41.69 -14.53
N LEU D 396 18.46 -42.43 -15.39
CA LEU D 396 19.88 -42.18 -15.60
C LEU D 396 20.09 -40.81 -16.24
N ALA D 397 19.29 -40.47 -17.26
CA ALA D 397 19.41 -39.17 -17.90
C ALA D 397 19.10 -38.05 -16.93
N PHE D 398 18.07 -38.22 -16.09
CA PHE D 398 17.72 -37.19 -15.12
C PHE D 398 18.83 -37.00 -14.10
N LEU D 399 19.42 -38.08 -13.60
CA LEU D 399 20.51 -37.95 -12.65
C LEU D 399 21.72 -37.29 -13.28
N ILE D 400 22.03 -37.63 -14.53
CA ILE D 400 23.15 -37.00 -15.22
C ILE D 400 22.89 -35.51 -15.38
N PHE D 401 21.68 -35.13 -15.78
CA PHE D 401 21.35 -33.72 -15.90
C PHE D 401 21.44 -33.02 -14.55
N ASN D 402 20.96 -33.67 -13.49
CA ASN D 402 20.99 -33.08 -12.17
C ASN D 402 22.42 -32.78 -11.74
N ILE D 403 23.31 -33.77 -11.84
CA ILE D 403 24.69 -33.56 -11.41
C ILE D 403 25.37 -32.51 -12.29
N PHE D 404 25.14 -32.57 -13.60
CA PHE D 404 25.76 -31.60 -14.50
C PHE D 404 25.32 -30.18 -14.17
N TYR D 405 24.01 -29.96 -14.05
CA TYR D 405 23.48 -28.64 -13.77
C TYR D 405 23.95 -28.12 -12.42
N TRP D 406 23.90 -28.97 -11.39
CA TRP D 406 24.29 -28.51 -10.07
C TRP D 406 25.77 -28.18 -10.00
N VAL D 407 26.63 -29.02 -10.59
CA VAL D 407 28.06 -28.72 -10.54
C VAL D 407 28.36 -27.46 -11.35
N ILE D 408 27.70 -27.29 -12.50
CA ILE D 408 28.02 -26.14 -13.34
C ILE D 408 27.53 -24.84 -12.70
N TYR D 409 26.42 -24.88 -11.97
CA TYR D 409 25.92 -23.67 -11.31
C TYR D 409 26.45 -23.51 -9.89
N LYS D 410 27.22 -24.46 -9.38
CA LYS D 410 27.81 -24.33 -8.06
C LYS D 410 29.31 -24.07 -8.07
N ILE D 411 30.04 -24.54 -9.07
CA ILE D 411 31.50 -24.46 -9.02
C ILE D 411 32.05 -23.39 -9.94
N LEU D 412 31.84 -23.54 -11.25
CA LEU D 412 32.62 -22.78 -12.23
C LEU D 412 31.81 -21.76 -13.01
N ARG D 413 30.72 -22.17 -13.67
CA ARG D 413 30.04 -21.25 -14.58
C ARG D 413 29.36 -20.10 -13.85
N HIS D 414 29.15 -20.22 -12.53
CA HIS D 414 28.61 -19.12 -11.76
C HIS D 414 29.11 -19.23 -10.33
N GLU D 415 28.95 -18.13 -9.57
CA GLU D 415 29.41 -18.01 -8.20
C GLU D 415 30.92 -18.26 -8.11
N ASP D 416 31.41 -18.49 -6.89
CA ASP D 416 32.84 -18.63 -6.63
C ASP D 416 33.59 -17.38 -7.11
N ILE D 417 33.26 -16.25 -6.47
CA ILE D 417 33.80 -14.95 -6.82
C ILE D 417 33.49 -14.60 -8.27
N VAL E 27 38.91 44.75 0.67
CA VAL E 27 37.50 44.40 0.61
C VAL E 27 37.26 43.04 1.27
N PRO E 28 36.32 42.99 2.21
CA PRO E 28 35.98 41.72 2.84
C PRO E 28 35.44 40.72 1.82
N ALA E 29 35.67 39.44 2.09
CA ALA E 29 35.22 38.40 1.18
C ALA E 29 33.70 38.38 1.08
N ASN E 30 33.00 38.56 2.20
CA ASN E 30 31.55 38.60 2.18
C ASN E 30 30.99 39.92 1.66
N SER E 31 31.83 40.95 1.54
CA SER E 31 31.35 42.24 1.07
C SER E 31 30.82 42.16 -0.36
N THR E 32 31.42 41.30 -1.19
CA THR E 32 30.94 41.16 -2.57
C THR E 32 29.49 40.69 -2.60
N SER E 33 29.18 39.62 -1.87
CA SER E 33 27.82 39.12 -1.82
C SER E 33 26.90 40.07 -1.07
N ASN E 34 27.43 40.83 -0.10
CA ASN E 34 26.59 41.74 0.66
C ASN E 34 26.15 42.93 -0.18
N ILE E 35 27.06 43.48 -0.98
CA ILE E 35 26.72 44.64 -1.80
C ILE E 35 26.11 44.26 -3.13
N LEU E 36 26.36 43.04 -3.63
CA LEU E 36 25.80 42.64 -4.91
C LEU E 36 24.29 42.46 -4.82
N ASN E 37 23.81 41.75 -3.79
CA ASN E 37 22.39 41.51 -3.61
C ASN E 37 22.09 41.29 -2.15
N ARG E 38 21.24 42.14 -1.58
CA ARG E 38 20.79 42.05 -0.20
C ARG E 38 19.75 43.14 0.01
N LEU E 39 19.02 43.06 1.13
CA LEU E 39 18.07 44.10 1.47
C LEU E 39 18.75 45.45 1.63
N LEU E 40 20.04 45.45 2.02
CA LEU E 40 20.78 46.71 2.13
C LEU E 40 20.91 47.40 0.78
N VAL E 41 21.23 46.63 -0.27
CA VAL E 41 21.33 47.19 -1.60
C VAL E 41 19.95 47.27 -2.25
N SER E 42 19.85 48.08 -3.30
CA SER E 42 18.58 48.30 -3.99
C SER E 42 18.35 47.19 -5.02
N TYR E 43 18.16 45.98 -4.50
CA TYR E 43 17.84 44.81 -5.31
C TYR E 43 16.53 44.23 -4.80
N ASP E 44 15.49 44.29 -5.62
CA ASP E 44 14.18 43.80 -5.22
C ASP E 44 13.91 42.48 -5.92
N PRO E 45 13.92 41.35 -5.20
CA PRO E 45 13.67 40.05 -5.86
C PRO E 45 12.24 39.86 -6.35
N ARG E 46 11.36 40.85 -6.15
CA ARG E 46 9.98 40.74 -6.59
C ARG E 46 9.74 41.29 -7.99
N ILE E 47 10.79 41.75 -8.66
CA ILE E 47 10.69 42.36 -9.99
C ILE E 47 11.60 41.60 -10.93
N ARG E 48 11.06 41.16 -12.06
CA ARG E 48 11.84 40.42 -13.03
C ARG E 48 12.86 41.34 -13.70
N PRO E 49 13.98 40.79 -14.18
CA PRO E 49 14.93 41.61 -14.93
C PRO E 49 14.33 42.10 -16.23
N ASN E 50 14.80 43.27 -16.67
CA ASN E 50 14.26 43.95 -17.84
C ASN E 50 12.76 44.17 -17.69
N PHE E 51 12.37 44.78 -16.57
CA PHE E 51 10.96 45.00 -16.29
C PHE E 51 10.35 45.93 -17.32
N LYS E 52 9.17 45.55 -17.82
CA LYS E 52 8.47 46.28 -18.87
C LYS E 52 9.38 46.52 -20.07
N GLY E 53 10.01 45.45 -20.54
CA GLY E 53 10.91 45.52 -21.68
C GLY E 53 11.00 44.19 -22.40
N ILE E 54 12.22 43.81 -22.78
CA ILE E 54 12.44 42.57 -23.52
C ILE E 54 12.10 41.39 -22.62
N PRO E 55 11.37 40.38 -23.12
CA PRO E 55 11.10 39.20 -22.29
C PRO E 55 12.38 38.46 -21.92
N VAL E 56 12.35 37.84 -20.75
CA VAL E 56 13.50 37.11 -20.25
C VAL E 56 13.59 35.76 -20.96
N ASP E 57 14.77 35.45 -21.50
CA ASP E 57 15.02 34.18 -22.16
C ASP E 57 15.70 33.23 -21.19
N VAL E 58 15.19 32.01 -21.10
CA VAL E 58 15.70 30.99 -20.20
C VAL E 58 16.14 29.78 -21.03
N VAL E 59 17.35 29.31 -20.80
CA VAL E 59 17.91 28.15 -21.49
C VAL E 59 17.91 26.98 -20.52
N VAL E 60 17.22 25.90 -20.90
CA VAL E 60 16.98 24.77 -20.01
C VAL E 60 17.58 23.51 -20.62
N ASN E 61 18.33 22.76 -19.82
CA ASN E 61 18.79 21.43 -20.18
C ASN E 61 18.67 20.52 -18.96
N ILE E 62 18.46 19.24 -19.22
CA ILE E 62 18.11 18.26 -18.20
C ILE E 62 19.12 17.13 -18.23
N PHE E 63 19.61 16.74 -17.05
CA PHE E 63 20.47 15.57 -16.90
C PHE E 63 19.66 14.48 -16.22
N ILE E 64 19.41 13.39 -16.94
CA ILE E 64 18.68 12.26 -16.39
C ILE E 64 19.63 11.46 -15.53
N ASN E 65 19.28 11.29 -14.24
CA ASN E 65 20.07 10.49 -13.32
C ASN E 65 19.57 9.07 -13.20
N SER E 66 18.26 8.89 -13.00
CA SER E 66 17.66 7.58 -12.89
C SER E 66 16.39 7.55 -13.73
N PHE E 67 15.97 6.34 -14.09
CA PHE E 67 14.78 6.14 -14.91
C PHE E 67 14.25 4.75 -14.63
N GLY E 68 12.93 4.61 -14.59
CA GLY E 68 12.32 3.32 -14.39
C GLY E 68 11.06 3.44 -13.57
N SER E 69 10.69 2.32 -12.95
CA SER E 69 9.46 2.20 -12.16
C SER E 69 8.24 2.54 -13.02
N ILE E 70 8.19 2.01 -14.23
CA ILE E 70 7.10 2.29 -15.16
C ILE E 70 5.90 1.43 -14.81
N GLN E 71 5.06 1.92 -13.91
CA GLN E 71 3.86 1.19 -13.50
C GLN E 71 2.83 1.28 -14.61
N GLU E 72 2.66 0.19 -15.36
CA GLU E 72 1.65 0.17 -16.41
C GLU E 72 0.23 0.21 -15.86
N THR E 73 0.05 -0.17 -14.59
CA THR E 73 -1.29 -0.16 -14.00
C THR E 73 -1.76 1.26 -13.73
N THR E 74 -0.87 2.13 -13.26
CA THR E 74 -1.21 3.51 -12.96
C THR E 74 -0.88 4.47 -14.10
N MET E 75 -0.28 3.98 -15.18
CA MET E 75 0.06 4.81 -16.34
C MET E 75 0.93 6.00 -15.95
N ASP E 76 1.99 5.72 -15.20
CA ASP E 76 2.93 6.75 -14.79
C ASP E 76 4.32 6.16 -14.65
N TYR E 77 5.33 7.01 -14.74
CA TYR E 77 6.72 6.60 -14.57
C TYR E 77 7.44 7.66 -13.76
N ARG E 78 8.47 7.23 -13.04
CA ARG E 78 9.19 8.08 -12.11
C ARG E 78 10.63 8.28 -12.59
N VAL E 79 11.03 9.54 -12.74
CA VAL E 79 12.39 9.87 -13.13
C VAL E 79 13.06 10.64 -11.99
N ASN E 80 14.33 10.96 -12.20
CA ASN E 80 15.13 11.67 -11.21
C ASN E 80 16.14 12.51 -11.99
N ILE E 81 15.92 13.82 -12.04
CA ILE E 81 16.63 14.68 -12.97
C ILE E 81 17.42 15.74 -12.21
N PHE E 82 18.40 16.32 -12.90
CA PHE E 82 19.14 17.49 -12.42
C PHE E 82 18.74 18.65 -13.33
N LEU E 83 17.62 19.30 -13.00
CA LEU E 83 17.13 20.39 -13.83
C LEU E 83 18.11 21.56 -13.75
N ARG E 84 18.38 22.17 -14.89
CA ARG E 84 19.27 23.33 -14.98
C ARG E 84 18.61 24.40 -15.83
N GLN E 85 18.85 25.66 -15.47
CA GLN E 85 18.25 26.78 -16.20
C GLN E 85 19.09 28.03 -15.96
N LYS E 86 19.40 28.75 -17.04
CA LYS E 86 20.18 29.97 -16.96
C LYS E 86 19.49 31.08 -17.74
N TRP E 87 19.69 32.31 -17.28
CA TRP E 87 19.10 33.48 -17.91
C TRP E 87 20.06 34.64 -17.75
N ASN E 88 19.59 35.85 -18.05
CA ASN E 88 20.39 37.06 -17.93
C ASN E 88 19.71 38.01 -16.95
N ASP E 89 20.46 38.46 -15.96
CA ASP E 89 19.96 39.39 -14.94
C ASP E 89 20.92 40.57 -14.87
N PRO E 90 20.62 41.68 -15.55
CA PRO E 90 21.58 42.80 -15.60
C PRO E 90 21.90 43.40 -14.25
N ARG E 91 21.00 43.27 -13.26
CA ARG E 91 21.25 43.87 -11.96
C ARG E 91 22.35 43.14 -11.18
N LEU E 92 22.72 41.94 -11.61
CA LEU E 92 23.75 41.16 -10.93
C LEU E 92 24.99 41.13 -11.84
N LYS E 93 25.81 42.16 -11.71
CA LYS E 93 27.06 42.26 -12.44
C LYS E 93 28.22 42.29 -11.44
N LEU E 94 29.21 41.44 -11.68
CA LEU E 94 30.35 41.39 -10.78
C LEU E 94 31.19 42.66 -10.93
N PRO E 95 31.87 43.08 -9.86
CA PRO E 95 32.70 44.29 -9.94
C PRO E 95 33.79 44.15 -10.99
N SER E 96 34.07 45.25 -11.68
CA SER E 96 35.06 45.23 -12.76
C SER E 96 36.45 44.92 -12.23
N ASP E 97 36.81 45.49 -11.07
CA ASP E 97 38.12 45.23 -10.50
C ASP E 97 38.27 43.81 -10.00
N PHE E 98 37.17 43.14 -9.66
CA PHE E 98 37.22 41.76 -9.16
C PHE E 98 37.50 40.82 -10.32
N ARG E 99 38.76 40.48 -10.50
CA ARG E 99 39.18 39.52 -11.53
C ARG E 99 39.31 38.12 -10.93
N GLY E 100 38.20 37.64 -10.36
CA GLY E 100 38.19 36.36 -9.70
C GLY E 100 37.55 35.25 -10.52
N SER E 101 37.85 35.24 -11.82
CA SER E 101 37.36 34.22 -12.75
C SER E 101 35.86 34.29 -12.94
N ASP E 102 35.35 33.61 -13.97
CA ASP E 102 33.92 33.65 -14.26
C ASP E 102 33.12 32.88 -13.20
N ALA E 103 33.60 31.71 -12.81
CA ALA E 103 32.88 30.90 -11.82
C ALA E 103 32.93 31.57 -10.46
N LEU E 104 31.77 31.80 -9.87
CA LEU E 104 31.64 32.47 -8.58
C LEU E 104 30.65 31.71 -7.69
N THR E 105 30.89 30.41 -7.53
CA THR E 105 30.02 29.51 -6.77
C THR E 105 29.53 30.15 -5.48
N VAL E 106 28.22 30.26 -5.33
CA VAL E 106 27.59 30.87 -4.17
C VAL E 106 26.99 29.76 -3.32
N ASP E 107 26.99 29.97 -2.01
CA ASP E 107 26.41 29.00 -1.09
C ASP E 107 24.92 28.83 -1.39
N PRO E 108 24.40 27.61 -1.34
CA PRO E 108 22.98 27.40 -1.70
C PRO E 108 21.99 28.11 -0.80
N THR E 109 22.40 28.51 0.41
CA THR E 109 21.48 29.19 1.32
C THR E 109 21.01 30.52 0.74
N MET E 110 21.91 31.26 0.10
CA MET E 110 21.59 32.57 -0.44
C MET E 110 20.77 32.51 -1.73
N TYR E 111 20.26 31.33 -2.07
CA TYR E 111 19.48 31.18 -3.29
C TYR E 111 18.11 31.86 -3.23
N LYS E 112 17.62 32.14 -2.03
CA LYS E 112 16.30 32.71 -1.85
C LYS E 112 16.29 34.23 -1.91
N CYS E 113 17.44 34.86 -2.13
CA CYS E 113 17.55 36.31 -2.12
C CYS E 113 17.63 36.92 -3.51
N LEU E 114 17.37 36.16 -4.56
CA LEU E 114 17.41 36.69 -5.92
C LEU E 114 16.22 36.15 -6.71
N TRP E 115 15.93 36.85 -7.81
CA TRP E 115 14.77 36.51 -8.63
C TRP E 115 14.94 35.15 -9.29
N LYS E 116 13.84 34.40 -9.36
CA LYS E 116 13.82 33.08 -9.97
C LYS E 116 12.69 33.00 -10.98
N PRO E 117 12.84 32.20 -12.02
CA PRO E 117 11.75 31.99 -12.97
C PRO E 117 10.85 30.84 -12.56
N ASP E 118 9.55 31.05 -12.72
CA ASP E 118 8.59 30.00 -12.45
C ASP E 118 8.75 28.87 -13.47
N LEU E 119 8.62 27.64 -13.00
CA LEU E 119 8.74 26.48 -13.88
C LEU E 119 8.08 25.28 -13.22
N PHE E 120 7.02 24.77 -13.82
CA PHE E 120 6.32 23.61 -13.31
C PHE E 120 6.09 22.62 -14.44
N PHE E 121 6.08 21.33 -14.08
CA PHE E 121 5.87 20.27 -15.06
C PHE E 121 4.37 20.08 -15.27
N ALA E 122 3.93 20.21 -16.52
CA ALA E 122 2.50 20.18 -16.80
C ALA E 122 1.91 18.80 -16.52
N ASN E 123 2.54 17.75 -17.02
CA ASN E 123 2.04 16.39 -16.84
C ASN E 123 2.75 15.72 -15.66
N GLU E 124 2.54 16.30 -14.48
CA GLU E 124 3.15 15.83 -13.25
C GLU E 124 2.07 15.47 -12.24
N LYS E 125 2.28 14.37 -11.53
CA LYS E 125 1.36 13.94 -10.48
C LYS E 125 1.89 14.18 -9.07
N SER E 126 3.19 14.01 -8.84
CA SER E 126 3.77 14.25 -7.52
C SER E 126 5.27 14.45 -7.69
N ALA E 127 5.74 15.65 -7.36
CA ALA E 127 7.17 15.96 -7.43
C ALA E 127 7.60 16.67 -6.15
N ASN E 128 8.82 16.39 -5.71
CA ASN E 128 9.34 16.97 -4.50
C ASN E 128 10.85 17.13 -4.61
N PHE E 129 11.39 18.06 -3.84
CA PHE E 129 12.83 18.29 -3.79
C PHE E 129 13.51 17.15 -3.03
N HIS E 130 14.83 17.22 -2.96
CA HIS E 130 15.63 16.32 -2.14
C HIS E 130 16.49 17.16 -1.22
N ASP E 131 16.56 16.78 0.05
CA ASP E 131 17.34 17.53 1.04
C ASP E 131 17.87 16.54 2.09
N VAL E 132 19.16 16.24 2.01
CA VAL E 132 19.83 15.42 3.00
C VAL E 132 21.14 16.10 3.37
N THR E 133 21.29 16.46 4.64
CA THR E 133 22.46 17.11 5.22
C THR E 133 22.64 18.53 4.67
N GLN E 134 21.82 18.90 3.70
CA GLN E 134 21.79 20.23 3.08
C GLN E 134 20.69 20.21 2.04
N GLU E 135 20.50 21.36 1.39
CA GLU E 135 19.57 21.46 0.27
C GLU E 135 20.33 21.24 -1.04
N ASN E 136 19.73 20.48 -1.94
CA ASN E 136 20.38 20.12 -3.21
C ASN E 136 20.09 21.21 -4.24
N ILE E 137 20.84 22.31 -4.17
CA ILE E 137 20.70 23.42 -5.16
C ILE E 137 22.08 23.99 -5.41
N LEU E 138 22.46 24.23 -6.66
CA LEU E 138 23.77 24.85 -6.99
C LEU E 138 23.55 26.18 -7.69
N LEU E 139 24.23 27.24 -7.25
CA LEU E 139 23.99 28.58 -7.85
C LEU E 139 25.30 29.12 -8.42
N PHE E 140 25.27 29.64 -9.64
CA PHE E 140 26.42 30.24 -10.30
C PHE E 140 26.07 31.65 -10.75
N ILE E 141 27.04 32.56 -10.65
CA ILE E 141 26.91 33.91 -11.18
C ILE E 141 28.15 34.20 -12.02
N PHE E 142 27.94 34.50 -13.30
CA PHE E 142 29.05 34.67 -14.22
C PHE E 142 29.49 36.13 -14.26
N ARG E 143 30.41 36.45 -15.18
CA ARG E 143 30.99 37.78 -15.23
C ARG E 143 29.99 38.82 -15.70
N ASP E 144 29.30 38.55 -16.81
CA ASP E 144 28.41 39.54 -17.41
C ASP E 144 27.05 39.61 -16.74
N GLY E 145 26.67 38.59 -15.98
CA GLY E 145 25.40 38.63 -15.29
C GLY E 145 24.58 37.36 -15.43
N ASP E 146 25.03 36.43 -16.26
CA ASP E 146 24.32 35.17 -16.43
C ASP E 146 24.32 34.39 -15.12
N VAL E 147 23.14 33.87 -14.75
CA VAL E 147 22.96 33.14 -13.51
C VAL E 147 22.55 31.72 -13.85
N LEU E 148 23.20 30.74 -13.23
CA LEU E 148 22.90 29.33 -13.47
C LEU E 148 22.36 28.71 -12.19
N VAL E 149 21.24 28.00 -12.31
CA VAL E 149 20.59 27.33 -11.19
C VAL E 149 20.37 25.88 -11.57
N SER E 150 20.86 24.96 -10.77
CA SER E 150 20.67 23.54 -10.99
C SER E 150 20.08 22.92 -9.73
N MET E 151 18.93 22.27 -9.87
CA MET E 151 18.24 21.66 -8.74
C MET E 151 18.03 20.18 -9.03
N ARG E 152 17.95 19.39 -7.97
CA ARG E 152 17.77 17.94 -8.08
C ARG E 152 16.33 17.61 -7.71
N LEU E 153 15.57 17.14 -8.68
CA LEU E 153 14.14 16.89 -8.53
C LEU E 153 13.85 15.41 -8.75
N SER E 154 12.73 14.96 -8.21
CA SER E 154 12.24 13.59 -8.38
C SER E 154 10.76 13.67 -8.72
N ILE E 155 10.46 13.79 -10.02
CA ILE E 155 9.09 13.98 -10.48
C ILE E 155 8.51 12.65 -10.92
N THR E 156 7.18 12.56 -10.90
CA THR E 156 6.45 11.36 -11.28
C THR E 156 5.49 11.76 -12.39
N LEU E 157 5.97 11.70 -13.63
CA LEU E 157 5.17 12.11 -14.77
C LEU E 157 4.13 11.05 -15.12
N SER E 158 3.21 11.42 -16.01
CA SER E 158 2.17 10.50 -16.47
C SER E 158 2.09 10.55 -17.99
N CYS E 159 1.91 9.37 -18.60
CA CYS E 159 1.73 9.26 -20.03
C CYS E 159 0.65 8.23 -20.32
N PRO E 160 -0.34 8.57 -21.14
CA PRO E 160 -1.39 7.59 -21.46
C PRO E 160 -0.89 6.48 -22.37
N LEU E 161 -0.79 5.27 -21.84
CA LEU E 161 -0.29 4.15 -22.61
C LEU E 161 -1.30 3.71 -23.66
N ASP E 162 -0.78 3.25 -24.79
CA ASP E 162 -1.59 2.63 -25.84
C ASP E 162 -1.26 1.15 -25.87
N LEU E 163 -2.26 0.31 -25.65
CA LEU E 163 -2.09 -1.13 -25.51
C LEU E 163 -2.78 -1.89 -26.63
N THR E 164 -2.73 -1.36 -27.85
CA THR E 164 -3.33 -2.05 -28.99
C THR E 164 -2.63 -3.38 -29.23
N LEU E 165 -1.30 -3.40 -29.18
CA LEU E 165 -0.49 -4.61 -29.33
C LEU E 165 0.42 -4.67 -28.12
N PHE E 166 -0.11 -5.22 -27.01
CA PHE E 166 0.57 -5.12 -25.73
C PHE E 166 1.95 -5.76 -25.69
N PRO E 167 2.14 -7.03 -26.08
CA PRO E 167 3.46 -7.65 -25.91
C PRO E 167 4.55 -7.02 -26.75
N MET E 168 4.21 -6.33 -27.83
CA MET E 168 5.19 -5.81 -28.78
C MET E 168 4.85 -4.37 -29.17
N ASP E 169 4.55 -3.55 -28.17
CA ASP E 169 4.17 -2.17 -28.41
C ASP E 169 5.38 -1.25 -28.46
N THR E 170 5.13 0.04 -28.65
CA THR E 170 6.19 1.07 -28.66
C THR E 170 5.60 2.30 -27.97
N GLN E 171 5.80 2.41 -26.67
CA GLN E 171 5.23 3.50 -25.90
C GLN E 171 5.94 4.82 -26.21
N ARG E 172 5.20 5.92 -26.07
CA ARG E 172 5.69 7.25 -26.37
C ARG E 172 5.34 8.15 -25.18
N CYS E 173 6.23 8.18 -24.19
CA CYS E 173 6.01 8.93 -22.96
C CYS E 173 6.85 10.21 -22.99
N LYS E 174 6.22 11.34 -22.67
CA LYS E 174 6.80 12.66 -22.84
C LYS E 174 6.95 13.36 -21.50
N MET E 175 7.50 14.57 -21.55
CA MET E 175 7.73 15.41 -20.36
C MET E 175 7.75 16.85 -20.84
N GLN E 176 6.79 17.66 -20.39
CA GLN E 176 6.64 19.02 -20.87
C GLN E 176 6.79 20.00 -19.72
N LEU E 177 7.85 20.80 -19.76
CA LEU E 177 8.02 21.91 -18.85
C LEU E 177 7.11 23.06 -19.25
N GLU E 178 6.91 24.00 -18.34
CA GLU E 178 5.96 25.08 -18.59
C GLU E 178 6.21 26.20 -17.60
N SER E 179 5.60 27.35 -17.88
CA SER E 179 5.62 28.51 -17.01
C SER E 179 4.22 28.84 -16.53
N PHE E 180 4.11 29.37 -15.31
CA PHE E 180 2.82 29.62 -14.69
C PHE E 180 2.59 31.08 -14.37
N GLY E 181 3.56 31.75 -13.73
CA GLY E 181 3.34 33.12 -13.29
C GLY E 181 3.20 34.11 -14.42
N TYR E 182 4.05 34.02 -15.43
CA TYR E 182 4.16 35.03 -16.46
C TYR E 182 3.75 34.49 -17.81
N THR E 183 3.16 35.36 -18.64
CA THR E 183 2.75 34.99 -19.98
C THR E 183 3.98 35.00 -20.90
N THR E 184 3.74 34.86 -22.20
CA THR E 184 4.84 34.85 -23.17
C THR E 184 5.45 36.23 -23.34
N ASP E 185 4.78 37.29 -22.87
CA ASP E 185 5.34 38.63 -22.97
C ASP E 185 6.47 38.87 -21.99
N ASP E 186 6.70 37.98 -21.04
CA ASP E 186 7.74 38.23 -20.03
C ASP E 186 8.73 37.09 -19.91
N LEU E 187 8.29 35.83 -20.05
CA LEU E 187 9.15 34.68 -19.85
C LEU E 187 9.04 33.75 -21.05
N ARG E 188 10.17 33.22 -21.49
CA ARG E 188 10.20 32.36 -22.66
C ARG E 188 11.28 31.30 -22.48
N PHE E 189 10.93 30.05 -22.80
CA PHE E 189 11.81 28.90 -22.59
C PHE E 189 12.38 28.44 -23.91
N ILE E 190 13.68 28.15 -23.93
CA ILE E 190 14.38 27.66 -25.11
C ILE E 190 15.30 26.52 -24.67
N TRP E 191 15.34 25.45 -25.45
CA TRP E 191 16.22 24.33 -25.14
C TRP E 191 17.68 24.71 -25.37
N GLN E 192 18.57 23.92 -24.76
CA GLN E 192 19.99 24.11 -24.96
C GLN E 192 20.36 23.87 -26.42
N SER E 193 21.31 24.66 -26.92
CA SER E 193 21.71 24.55 -28.32
C SER E 193 22.30 23.18 -28.63
N GLY E 194 23.16 22.67 -27.76
CA GLY E 194 23.83 21.41 -28.02
C GLY E 194 23.65 20.37 -26.92
N ASP E 195 23.03 19.24 -27.28
CA ASP E 195 22.83 18.10 -26.40
C ASP E 195 22.13 18.52 -25.11
N PRO E 196 20.82 18.82 -25.16
CA PRO E 196 20.14 19.26 -23.93
C PRO E 196 19.88 18.14 -22.95
N VAL E 197 19.43 16.97 -23.42
CA VAL E 197 19.10 15.85 -22.55
C VAL E 197 20.26 14.89 -22.53
N GLN E 198 20.74 14.56 -21.33
CA GLN E 198 21.91 13.72 -21.15
C GLN E 198 21.58 12.55 -20.23
N LEU E 199 22.18 11.40 -20.49
CA LEU E 199 21.96 10.22 -19.66
C LEU E 199 23.13 9.27 -19.87
N GLU E 200 23.54 8.60 -18.78
CA GLU E 200 24.73 7.75 -18.79
C GLU E 200 24.33 6.31 -18.49
N LYS E 201 24.24 5.49 -19.54
CA LYS E 201 24.07 4.05 -19.41
C LYS E 201 22.85 3.69 -18.56
N ILE E 202 21.69 4.24 -18.95
CA ILE E 202 20.46 3.98 -18.23
C ILE E 202 19.95 2.59 -18.61
N ALA E 203 19.63 1.78 -17.60
CA ALA E 203 19.13 0.43 -17.78
C ALA E 203 17.74 0.30 -17.19
N LEU E 204 16.87 -0.40 -17.90
CA LEU E 204 15.49 -0.61 -17.47
C LEU E 204 15.19 -2.11 -17.45
N PRO E 205 14.26 -2.54 -16.60
CA PRO E 205 13.99 -3.98 -16.51
C PRO E 205 13.27 -4.54 -17.72
N GLN E 206 12.27 -3.82 -18.25
CA GLN E 206 11.45 -4.34 -19.33
C GLN E 206 11.52 -3.53 -20.61
N PHE E 207 12.13 -2.35 -20.60
CA PHE E 207 12.11 -1.45 -21.74
C PHE E 207 13.53 -1.09 -22.16
N ASP E 208 13.65 -0.60 -23.40
CA ASP E 208 14.90 -0.10 -23.95
C ASP E 208 14.65 1.31 -24.46
N ILE E 209 15.37 2.29 -23.92
CA ILE E 209 15.23 3.68 -24.30
C ILE E 209 16.33 4.04 -25.28
N LYS E 210 15.95 4.53 -26.46
CA LYS E 210 16.92 4.93 -27.46
C LYS E 210 17.54 6.26 -27.09
N LYS E 211 18.87 6.32 -27.08
CA LYS E 211 19.57 7.56 -26.80
C LYS E 211 19.51 8.55 -27.97
N GLU E 212 19.04 8.11 -29.14
CA GLU E 212 19.00 8.96 -30.31
C GLU E 212 17.60 9.51 -30.60
N ASP E 213 16.56 8.73 -30.29
CA ASP E 213 15.18 9.17 -30.54
C ASP E 213 14.65 9.91 -29.30
N ILE E 214 15.18 11.12 -29.13
CA ILE E 214 14.75 12.00 -28.04
C ILE E 214 14.22 13.28 -28.67
N GLU E 215 13.54 13.16 -29.80
CA GLU E 215 13.06 14.33 -30.52
C GLU E 215 12.17 15.18 -29.62
N TYR E 216 12.35 16.50 -29.71
CA TYR E 216 11.63 17.44 -28.86
C TYR E 216 11.19 18.64 -29.69
N GLY E 217 10.10 19.26 -29.24
CA GLY E 217 9.60 20.48 -29.84
C GLY E 217 9.15 21.46 -28.77
N ASN E 218 8.31 22.42 -29.13
CA ASN E 218 7.74 23.33 -28.14
C ASN E 218 6.25 23.49 -28.40
N CYS E 219 5.48 23.64 -27.32
CA CYS E 219 4.03 23.56 -27.42
C CYS E 219 3.30 24.87 -27.16
N THR E 220 3.87 25.77 -26.35
CA THR E 220 3.32 27.09 -26.03
C THR E 220 1.79 27.05 -25.87
N LYS E 221 1.35 26.28 -24.88
CA LYS E 221 -0.07 26.08 -24.65
C LYS E 221 -0.78 27.41 -24.39
N TYR E 222 -2.02 27.51 -24.88
CA TYR E 222 -2.84 28.70 -24.74
C TYR E 222 -4.03 28.38 -23.85
N TYR E 223 -4.19 29.15 -22.78
CA TYR E 223 -5.29 28.98 -21.84
C TYR E 223 -6.31 30.08 -22.05
N LYS E 224 -7.57 29.70 -22.27
CA LYS E 224 -8.62 30.68 -22.48
C LYS E 224 -8.90 31.44 -21.19
N GLY E 225 -8.97 32.76 -21.30
CA GLY E 225 -9.26 33.62 -20.18
C GLY E 225 -8.04 34.25 -19.52
N THR E 226 -6.85 33.71 -19.76
CA THR E 226 -5.63 34.28 -19.20
C THR E 226 -4.65 34.75 -20.27
N GLY E 227 -4.27 33.87 -21.20
CA GLY E 227 -3.37 34.23 -22.26
C GLY E 227 -2.42 33.10 -22.57
N TYR E 228 -1.42 33.39 -23.39
CA TYR E 228 -0.44 32.40 -23.81
C TYR E 228 0.57 32.11 -22.69
N TYR E 229 1.12 30.90 -22.71
CA TYR E 229 2.13 30.49 -21.74
C TYR E 229 3.09 29.52 -22.42
N THR E 230 4.38 29.79 -22.28
CA THR E 230 5.39 28.99 -22.97
C THR E 230 5.48 27.59 -22.38
N CYS E 231 5.76 26.62 -23.24
CA CYS E 231 6.01 25.27 -22.78
C CYS E 231 6.88 24.53 -23.80
N VAL E 232 7.87 23.82 -23.29
CA VAL E 232 8.77 23.00 -24.10
C VAL E 232 8.70 21.58 -23.57
N GLU E 233 8.71 20.61 -24.48
CA GLU E 233 8.50 19.22 -24.11
C GLU E 233 9.61 18.35 -24.68
N VAL E 234 9.89 17.25 -23.99
CA VAL E 234 10.81 16.21 -24.46
C VAL E 234 10.01 14.92 -24.60
N ILE E 235 10.15 14.27 -25.75
CA ILE E 235 9.41 13.05 -26.05
C ILE E 235 10.41 11.91 -26.17
N PHE E 236 10.34 10.96 -25.23
CA PHE E 236 11.18 9.78 -25.29
C PHE E 236 10.56 8.76 -26.24
N THR E 237 11.09 7.54 -26.25
CA THR E 237 10.53 6.46 -27.05
C THR E 237 10.91 5.15 -26.36
N LEU E 238 9.96 4.57 -25.64
CA LEU E 238 10.17 3.30 -24.95
C LEU E 238 9.48 2.19 -25.73
N ARG E 239 10.23 1.15 -26.07
CA ARG E 239 9.69 -0.01 -26.76
C ARG E 239 9.91 -1.24 -25.89
N ARG E 240 8.82 -1.91 -25.54
CA ARG E 240 8.90 -3.10 -24.72
C ARG E 240 9.60 -4.22 -25.47
N GLN E 241 10.47 -4.94 -24.77
CA GLN E 241 11.17 -6.09 -25.33
C GLN E 241 10.46 -7.37 -24.91
N VAL E 242 10.08 -8.19 -25.88
CA VAL E 242 9.33 -9.42 -25.61
C VAL E 242 10.37 -10.51 -25.38
N GLY E 243 10.84 -10.60 -24.15
CA GLY E 243 11.75 -11.65 -23.76
C GLY E 243 11.23 -12.45 -22.58
N PHE E 244 10.44 -11.80 -21.73
CA PHE E 244 9.80 -12.43 -20.59
C PHE E 244 8.40 -12.92 -20.95
N TYR E 245 7.62 -12.06 -21.61
CA TYR E 245 6.29 -12.45 -22.05
C TYR E 245 6.36 -13.60 -23.03
N MET E 246 7.33 -13.57 -23.95
CA MET E 246 7.50 -14.65 -24.91
C MET E 246 7.51 -16.00 -24.20
N MET E 247 8.49 -16.22 -23.34
CA MET E 247 8.56 -17.46 -22.58
C MET E 247 7.26 -17.69 -21.81
N GLY E 248 6.96 -16.79 -20.86
CA GLY E 248 5.95 -17.08 -19.86
C GLY E 248 4.55 -17.28 -20.40
N VAL E 249 4.25 -16.70 -21.56
CA VAL E 249 2.91 -16.77 -22.12
C VAL E 249 2.88 -17.32 -23.54
N TYR E 250 3.97 -17.95 -23.99
CA TYR E 250 3.94 -18.67 -25.25
C TYR E 250 4.55 -20.06 -25.19
N ALA E 251 5.35 -20.38 -24.17
CA ALA E 251 5.77 -21.77 -24.05
C ALA E 251 4.67 -22.62 -23.43
N PRO E 252 4.07 -22.21 -22.29
CA PRO E 252 2.98 -23.04 -21.73
C PRO E 252 1.80 -23.20 -22.67
N THR E 253 1.41 -22.14 -23.38
CA THR E 253 0.26 -22.25 -24.28
C THR E 253 0.56 -23.21 -25.43
N LEU E 254 1.75 -23.11 -26.02
CA LEU E 254 2.11 -24.02 -27.10
C LEU E 254 2.17 -25.46 -26.61
N LEU E 255 2.73 -25.67 -25.42
CA LEU E 255 2.77 -27.03 -24.87
C LEU E 255 1.37 -27.57 -24.63
N ILE E 256 0.47 -26.72 -24.14
CA ILE E 256 -0.91 -27.16 -23.91
C ILE E 256 -1.59 -27.52 -25.22
N VAL E 257 -1.35 -26.71 -26.27
CA VAL E 257 -1.96 -26.99 -27.56
C VAL E 257 -1.44 -28.32 -28.13
N VAL E 258 -0.13 -28.56 -28.02
CA VAL E 258 0.43 -29.81 -28.52
C VAL E 258 -0.11 -30.99 -27.70
N LEU E 259 -0.24 -30.83 -26.39
CA LEU E 259 -0.80 -31.88 -25.56
C LEU E 259 -2.24 -32.19 -25.97
N SER E 260 -3.02 -31.15 -26.28
CA SER E 260 -4.37 -31.37 -26.77
C SER E 260 -4.37 -32.11 -28.10
N TRP E 261 -3.43 -31.77 -28.99
CA TRP E 261 -3.28 -32.52 -30.24
C TRP E 261 -2.95 -33.98 -30.01
N LEU E 262 -2.22 -34.29 -28.93
CA LEU E 262 -1.80 -35.65 -28.66
C LEU E 262 -2.98 -36.61 -28.51
N SER E 263 -4.17 -36.11 -28.19
CA SER E 263 -5.33 -36.97 -28.00
C SER E 263 -5.76 -37.69 -29.28
N PHE E 264 -5.39 -37.16 -30.45
CA PHE E 264 -5.87 -37.74 -31.71
C PHE E 264 -5.35 -39.16 -31.92
N TRP E 265 -4.08 -39.41 -31.57
CA TRP E 265 -3.48 -40.71 -31.83
C TRP E 265 -3.93 -41.78 -30.84
N ILE E 266 -4.59 -41.40 -29.75
CA ILE E 266 -5.14 -42.38 -28.83
C ILE E 266 -6.31 -43.10 -29.49
N ASN E 267 -6.38 -44.41 -29.29
CA ASN E 267 -7.41 -45.22 -29.92
C ASN E 267 -8.79 -44.76 -29.45
N PRO E 268 -9.75 -44.58 -30.34
CA PRO E 268 -11.07 -44.07 -29.92
C PRO E 268 -11.82 -44.97 -28.96
N ASP E 269 -11.47 -46.27 -28.90
CA ASP E 269 -12.20 -47.19 -28.03
C ASP E 269 -12.03 -46.89 -26.55
N ALA E 270 -11.07 -46.03 -26.19
CA ALA E 270 -10.88 -45.69 -24.78
C ALA E 270 -12.11 -45.00 -24.21
N SER E 271 -12.58 -43.95 -24.88
CA SER E 271 -13.83 -43.26 -24.57
C SER E 271 -13.83 -42.65 -23.18
N ALA E 272 -12.72 -42.76 -22.45
CA ALA E 272 -12.63 -42.20 -21.11
C ALA E 272 -11.32 -41.48 -20.84
N ALA E 273 -10.30 -41.60 -21.70
CA ALA E 273 -9.02 -40.94 -21.49
C ALA E 273 -8.79 -39.76 -22.41
N ARG E 274 -9.46 -39.71 -23.56
CA ARG E 274 -9.27 -38.59 -24.48
C ARG E 274 -9.98 -37.34 -23.99
N VAL E 275 -11.16 -37.49 -23.37
CA VAL E 275 -11.88 -36.33 -22.84
C VAL E 275 -11.08 -35.60 -21.79
N PRO E 276 -10.42 -36.25 -20.82
CA PRO E 276 -9.60 -35.49 -19.86
C PRO E 276 -8.55 -34.62 -20.51
N LEU E 277 -7.93 -35.08 -21.61
CA LEU E 277 -6.93 -34.26 -22.28
C LEU E 277 -7.54 -32.94 -22.77
N GLY E 278 -8.67 -33.02 -23.48
CA GLY E 278 -9.30 -31.81 -23.98
C GLY E 278 -9.78 -30.90 -22.88
N ILE E 279 -10.39 -31.47 -21.83
CA ILE E 279 -10.91 -30.63 -20.76
C ILE E 279 -9.76 -29.98 -19.99
N PHE E 280 -8.66 -30.69 -19.79
CA PHE E 280 -7.50 -30.10 -19.15
C PHE E 280 -6.92 -28.98 -20.00
N SER E 281 -6.84 -29.19 -21.32
CA SER E 281 -6.32 -28.15 -22.20
C SER E 281 -7.17 -26.88 -22.09
N VAL E 282 -8.49 -27.03 -22.22
CA VAL E 282 -9.35 -25.84 -22.22
C VAL E 282 -9.34 -25.15 -20.86
N LEU E 283 -9.35 -25.93 -19.78
CA LEU E 283 -9.34 -25.31 -18.45
C LEU E 283 -8.01 -24.63 -18.15
N SER E 284 -6.90 -25.24 -18.58
CA SER E 284 -5.60 -24.60 -18.39
C SER E 284 -5.50 -23.31 -19.18
N LEU E 285 -5.99 -23.30 -20.41
CA LEU E 285 -5.98 -22.07 -21.20
C LEU E 285 -6.86 -21.00 -20.56
N ALA E 286 -8.03 -21.39 -20.05
CA ALA E 286 -8.90 -20.44 -19.37
C ALA E 286 -8.22 -19.86 -18.13
N SER E 287 -7.56 -20.71 -17.34
CA SER E 287 -6.85 -20.24 -16.16
C SER E 287 -5.73 -19.28 -16.53
N GLU E 288 -4.96 -19.62 -17.58
CA GLU E 288 -3.91 -18.72 -18.03
C GLU E 288 -4.47 -17.38 -18.48
N CYS E 289 -5.56 -17.39 -19.24
CA CYS E 289 -6.17 -16.15 -19.71
C CYS E 289 -6.66 -15.30 -18.54
N THR E 290 -7.30 -15.93 -17.55
CA THR E 290 -7.77 -15.18 -16.39
C THR E 290 -6.61 -14.61 -15.59
N THR E 291 -5.54 -15.39 -15.39
CA THR E 291 -4.43 -14.93 -14.56
C THR E 291 -3.65 -13.81 -15.24
N LEU E 292 -3.43 -13.91 -16.55
CA LEU E 292 -2.57 -12.97 -17.24
C LEU E 292 -3.16 -11.57 -17.37
N ALA E 293 -4.44 -11.40 -17.05
CA ALA E 293 -5.10 -10.11 -17.19
C ALA E 293 -5.00 -9.24 -15.94
N ALA E 294 -4.44 -9.76 -14.85
CA ALA E 294 -4.37 -8.99 -13.61
C ALA E 294 -3.27 -7.93 -13.66
N GLU E 295 -2.22 -8.15 -14.43
CA GLU E 295 -1.09 -7.22 -14.45
C GLU E 295 -1.46 -5.91 -15.15
N LEU E 296 -2.11 -6.00 -16.30
CA LEU E 296 -2.40 -4.84 -17.13
C LEU E 296 -3.55 -4.02 -16.55
N PRO E 297 -3.66 -2.76 -16.93
CA PRO E 297 -4.83 -1.97 -16.55
C PRO E 297 -6.04 -2.36 -17.36
N LYS E 298 -7.20 -1.86 -16.93
CA LYS E 298 -8.46 -2.16 -17.60
C LYS E 298 -8.64 -1.22 -18.78
N VAL E 299 -8.78 -1.78 -19.98
CA VAL E 299 -8.94 -1.00 -21.20
C VAL E 299 -10.07 -1.60 -22.03
N SER E 300 -10.66 -0.76 -22.87
CA SER E 300 -11.82 -1.18 -23.67
C SER E 300 -11.41 -2.09 -24.82
N TYR E 301 -10.35 -1.76 -25.53
CA TYR E 301 -10.01 -2.49 -26.75
C TYR E 301 -9.45 -3.87 -26.42
N VAL E 302 -9.11 -4.62 -27.47
CA VAL E 302 -8.64 -5.98 -27.36
C VAL E 302 -7.16 -6.02 -27.70
N LYS E 303 -6.36 -6.60 -26.80
CA LYS E 303 -4.92 -6.68 -26.96
C LYS E 303 -4.54 -7.94 -27.73
N ALA E 304 -3.31 -7.94 -28.26
CA ALA E 304 -2.83 -9.07 -29.04
C ALA E 304 -2.72 -10.32 -28.18
N LEU E 305 -2.31 -10.16 -26.92
CA LEU E 305 -2.21 -11.32 -26.03
C LEU E 305 -3.58 -11.96 -25.82
N ASP E 306 -4.62 -11.14 -25.68
CA ASP E 306 -5.98 -11.68 -25.58
C ASP E 306 -6.37 -12.42 -26.86
N VAL E 307 -5.97 -11.89 -28.01
CA VAL E 307 -6.27 -12.57 -29.28
C VAL E 307 -5.61 -13.94 -29.31
N TRP E 308 -4.35 -14.02 -28.91
CA TRP E 308 -3.66 -15.30 -28.90
C TRP E 308 -4.31 -16.29 -27.93
N LEU E 309 -4.65 -15.81 -26.73
CA LEU E 309 -5.26 -16.71 -25.75
C LEU E 309 -6.63 -17.19 -26.22
N ILE E 310 -7.42 -16.30 -26.81
CA ILE E 310 -8.74 -16.69 -27.32
C ILE E 310 -8.60 -17.71 -28.44
N ALA E 311 -7.64 -17.50 -29.34
CA ALA E 311 -7.44 -18.45 -30.43
C ALA E 311 -7.02 -19.81 -29.91
N CYS E 312 -6.11 -19.84 -28.93
CA CYS E 312 -5.69 -21.12 -28.37
C CYS E 312 -6.85 -21.84 -27.66
N LEU E 313 -7.64 -21.08 -26.89
CA LEU E 313 -8.80 -21.68 -26.23
C LEU E 313 -9.79 -22.22 -27.25
N LEU E 314 -10.01 -21.48 -28.34
CA LEU E 314 -10.90 -21.96 -29.39
C LEU E 314 -10.37 -23.22 -30.03
N PHE E 315 -9.06 -23.31 -30.24
CA PHE E 315 -8.48 -24.54 -30.80
C PHE E 315 -8.69 -25.73 -29.87
N GLY E 316 -8.46 -25.54 -28.57
CA GLY E 316 -8.70 -26.62 -27.63
C GLY E 316 -10.16 -27.05 -27.60
N PHE E 317 -11.08 -26.08 -27.61
CA PHE E 317 -12.49 -26.41 -27.62
C PHE E 317 -12.90 -27.11 -28.91
N ALA E 318 -12.28 -26.73 -30.04
CA ALA E 318 -12.53 -27.41 -31.29
C ALA E 318 -12.04 -28.85 -31.25
N SER E 319 -10.89 -29.08 -30.62
CA SER E 319 -10.43 -30.45 -30.43
C SER E 319 -11.43 -31.27 -29.63
N LEU E 320 -11.94 -30.71 -28.53
CA LEU E 320 -12.89 -31.44 -27.72
C LEU E 320 -14.19 -31.71 -28.47
N VAL E 321 -14.68 -30.72 -29.23
CA VAL E 321 -15.92 -30.91 -29.95
C VAL E 321 -15.73 -31.89 -31.11
N GLU E 322 -14.53 -31.95 -31.69
CA GLU E 322 -14.27 -32.96 -32.70
C GLU E 322 -14.25 -34.36 -32.10
N TYR E 323 -13.73 -34.48 -30.87
CA TYR E 323 -13.83 -35.76 -30.18
C TYR E 323 -15.29 -36.12 -29.95
N ALA E 324 -16.12 -35.15 -29.57
CA ALA E 324 -17.53 -35.42 -29.36
C ALA E 324 -18.20 -35.87 -30.65
N VAL E 325 -17.86 -35.23 -31.77
CA VAL E 325 -18.43 -35.62 -33.06
C VAL E 325 -18.00 -37.03 -33.43
N VAL E 326 -16.73 -37.37 -33.18
CA VAL E 326 -16.26 -38.73 -33.46
C VAL E 326 -17.02 -39.74 -32.61
N GLN E 327 -17.22 -39.42 -31.32
CA GLN E 327 -17.96 -40.33 -30.44
C GLN E 327 -19.40 -40.50 -30.91
N VAL E 328 -20.04 -39.42 -31.34
CA VAL E 328 -21.40 -39.51 -31.84
C VAL E 328 -21.46 -40.38 -33.09
N MET E 329 -20.52 -40.17 -34.01
CA MET E 329 -20.51 -40.95 -35.25
C MET E 329 -20.17 -42.41 -34.99
N LEU E 330 -19.48 -42.71 -33.89
CA LEU E 330 -19.12 -44.08 -33.57
C LEU E 330 -20.30 -44.93 -33.16
N ASN E 331 -21.45 -44.32 -32.85
CA ASN E 331 -22.63 -45.06 -32.46
C ASN E 331 -23.82 -44.72 -33.35
N PRO E 650 -16.83 -48.51 -37.22
CA PRO E 650 -15.87 -47.51 -36.76
C PRO E 650 -14.98 -46.98 -37.88
N THR E 651 -15.25 -47.41 -39.12
CA THR E 651 -14.47 -46.92 -40.25
C THR E 651 -14.66 -45.43 -40.44
N ALA E 652 -15.90 -44.95 -40.34
CA ALA E 652 -16.16 -43.52 -40.46
C ALA E 652 -15.48 -42.74 -39.34
N ALA E 653 -15.51 -43.27 -38.11
CA ALA E 653 -14.84 -42.61 -37.01
C ALA E 653 -13.34 -42.53 -37.24
N LYS E 654 -12.73 -43.63 -37.73
CA LYS E 654 -11.31 -43.63 -38.00
C LYS E 654 -10.96 -42.63 -39.10
N ARG E 655 -11.79 -42.57 -40.15
CA ARG E 655 -11.54 -41.61 -41.23
C ARG E 655 -11.63 -40.18 -40.72
N ILE E 656 -12.63 -39.89 -39.89
CA ILE E 656 -12.78 -38.54 -39.35
C ILE E 656 -11.60 -38.20 -38.45
N ASP E 657 -11.16 -39.14 -37.63
CA ASP E 657 -10.02 -38.89 -36.75
C ASP E 657 -8.76 -38.62 -37.55
N LEU E 658 -8.51 -39.41 -38.59
CA LEU E 658 -7.33 -39.20 -39.42
C LEU E 658 -7.40 -37.85 -40.13
N TYR E 659 -8.58 -37.49 -40.66
CA TYR E 659 -8.72 -36.22 -41.35
C TYR E 659 -8.47 -35.06 -40.40
N ALA E 660 -9.01 -35.13 -39.17
CA ALA E 660 -8.78 -34.06 -38.20
C ALA E 660 -7.31 -33.98 -37.80
N ARG E 661 -6.67 -35.13 -37.57
CA ARG E 661 -5.28 -35.13 -37.17
C ARG E 661 -4.37 -34.60 -38.27
N ALA E 662 -4.75 -34.79 -39.54
CA ALA E 662 -3.99 -34.19 -40.63
C ALA E 662 -4.30 -32.70 -40.78
N LEU E 663 -5.54 -32.29 -40.56
CA LEU E 663 -5.95 -30.91 -40.82
C LEU E 663 -5.43 -29.94 -39.75
N PHE E 664 -5.50 -30.34 -38.48
CA PHE E 664 -5.25 -29.37 -37.41
C PHE E 664 -3.86 -28.75 -37.45
N PRO E 665 -2.75 -29.50 -37.60
CA PRO E 665 -1.44 -28.84 -37.61
C PRO E 665 -1.28 -27.82 -38.72
N PHE E 666 -1.79 -28.09 -39.92
CA PHE E 666 -1.66 -27.12 -41.01
C PHE E 666 -2.44 -25.84 -40.71
N CYS E 667 -3.66 -25.97 -40.20
CA CYS E 667 -4.44 -24.79 -39.87
C CYS E 667 -3.79 -23.98 -38.76
N PHE E 668 -3.25 -24.67 -37.75
CA PHE E 668 -2.57 -23.97 -36.66
C PHE E 668 -1.32 -23.25 -37.16
N LEU E 669 -0.56 -23.89 -38.05
CA LEU E 669 0.62 -23.24 -38.62
C LEU E 669 0.22 -22.01 -39.44
N PHE E 670 -0.86 -22.12 -40.21
CA PHE E 670 -1.35 -20.98 -40.97
C PHE E 670 -1.75 -19.83 -40.06
N PHE E 671 -2.47 -20.14 -38.98
CA PHE E 671 -2.85 -19.11 -38.03
C PHE E 671 -1.64 -18.46 -37.39
N ASN E 672 -0.66 -19.27 -36.98
CA ASN E 672 0.53 -18.72 -36.36
C ASN E 672 1.28 -17.81 -37.33
N VAL E 673 1.39 -18.22 -38.59
CA VAL E 673 2.08 -17.41 -39.58
C VAL E 673 1.38 -16.07 -39.76
N ILE E 674 0.05 -16.10 -39.93
CA ILE E 674 -0.66 -14.84 -40.17
C ILE E 674 -0.63 -13.95 -38.93
N TYR E 675 -0.73 -14.55 -37.75
CA TYR E 675 -0.70 -13.77 -36.51
C TYR E 675 0.64 -13.10 -36.30
N TRP E 676 1.74 -13.83 -36.49
CA TRP E 676 3.06 -13.21 -36.34
C TRP E 676 3.41 -12.30 -37.49
N SER E 677 2.74 -12.43 -38.64
CA SER E 677 2.91 -11.46 -39.71
C SER E 677 2.22 -10.14 -39.41
N ILE E 678 1.00 -10.20 -38.85
CA ILE E 678 0.28 -8.98 -38.51
C ILE E 678 1.02 -8.20 -37.43
N TYR E 679 1.48 -8.89 -36.39
CA TYR E 679 2.10 -8.26 -35.22
C TYR E 679 3.61 -8.42 -35.22
N LEU E 680 4.25 -8.31 -36.39
CA LEU E 680 5.69 -8.50 -36.50
C LEU E 680 6.48 -7.61 -35.55
C1 NAG F . -21.56 41.34 -5.27
C2 NAG F . -21.92 42.84 -5.28
C3 NAG F . -23.03 43.13 -4.26
C4 NAG F . -24.23 42.23 -4.55
C5 NAG F . -23.77 40.76 -4.58
C6 NAG F . -24.88 39.80 -4.91
C7 NAG F . -20.14 44.14 -4.02
C8 NAG F . -18.92 44.99 -4.31
N2 NAG F . -20.76 43.67 -5.13
O3 NAG F . -23.36 44.49 -4.35
O4 NAG F . -25.19 42.46 -3.55
O5 NAG F . -22.73 40.61 -5.53
O6 NAG F . -26.02 40.12 -4.16
O7 NAG F . -20.48 43.91 -2.87
N GLY G . -2.51 30.13 -16.44
CA GLY G . -3.02 29.66 -15.17
C GLY G . -4.52 29.47 -15.16
O GLY G . -5.24 29.96 -16.02
OXT GLY G . -5.07 28.80 -14.28
C1 NAG H . -16.65 27.16 34.32
C2 NAG H . -16.93 28.32 35.30
C3 NAG H . -16.49 27.94 36.71
C4 NAG H . -17.14 26.63 37.12
C5 NAG H . -16.80 25.56 36.09
C6 NAG H . -17.41 24.22 36.39
C7 NAG H . -15.26 30.24 35.09
C8 NAG H . -15.12 31.53 34.33
N2 NAG H . -16.41 29.57 34.81
O3 NAG H . -16.83 28.99 37.57
O4 NAG H . -16.65 26.29 38.40
O5 NAG H . -17.26 25.99 34.81
O6 NAG H . -17.18 23.91 37.74
O7 NAG H . -14.39 29.89 35.87
C1 NAG I . 22.67 13.53 39.04
C2 NAG I . 23.39 14.43 40.05
C3 NAG I . 24.89 14.18 40.00
C4 NAG I . 25.19 12.70 40.19
C5 NAG I . 24.37 11.89 39.18
C6 NAG I . 24.55 10.40 39.31
C7 NAG I . 23.59 16.89 39.35
C8 NAG I . 22.77 18.16 39.44
N2 NAG I . 22.98 15.82 39.91
O3 NAG I . 25.51 14.96 40.99
O4 NAG I . 26.57 12.50 40.01
O5 NAG I . 22.99 12.19 39.33
O6 NAG I . 25.93 10.10 39.28
O7 NAG I . 24.68 16.90 38.81
N GLY J . 25.94 8.70 17.99
CA GLY J . 26.54 9.16 16.75
C GLY J . 28.02 9.44 16.86
O GLY J . 28.52 9.79 17.94
OXT GLY J . 28.76 9.32 15.90
C1 NAG K . 43.05 19.40 2.56
C2 NAG K . 44.23 20.35 2.78
C3 NAG K . 44.78 20.83 1.43
C4 NAG K . 45.15 19.62 0.58
C5 NAG K . 43.95 18.68 0.48
C6 NAG K . 44.25 17.41 -0.28
C7 NAG K . 43.30 22.61 3.46
C8 NAG K . 43.14 23.47 4.69
N2 NAG K . 43.90 21.42 3.70
O3 NAG K . 45.87 21.67 1.67
O4 NAG K . 45.55 20.10 -0.68
O5 NAG K . 43.51 18.32 1.78
O6 NAG K . 44.94 17.72 -1.47
O7 NAG K . 42.90 23.01 2.38
C1 NAG L . 7.38 28.11 -29.43
C2 NAG L . 8.53 28.85 -30.12
C3 NAG L . 8.01 30.24 -30.46
C4 NAG L . 6.79 30.13 -31.36
C5 NAG L . 5.77 29.12 -30.79
C6 NAG L . 4.63 28.84 -31.74
C7 NAG L . 10.73 28.04 -29.44
C8 NAG L . 11.87 28.24 -28.47
N2 NAG L . 9.70 28.88 -29.29
O3 NAG L . 9.06 30.97 -31.06
O4 NAG L . 6.24 31.42 -31.46
O5 NAG L . 6.38 27.90 -30.41
O6 NAG L . 3.79 29.96 -31.83
O7 NAG L . 10.76 27.17 -30.30
N GLY M . 25.36 20.19 -10.20
CA GLY M . 24.28 19.45 -10.81
C GLY M . 24.17 19.70 -12.31
O GLY M . 25.04 20.31 -12.91
OXT GLY M . 23.19 19.31 -12.94
#